data_6TYY
# 
_entry.id   6TYY 
# 
_audit_conform.dict_name       mmcif_pdbx.dic 
_audit_conform.dict_version    5.399 
_audit_conform.dict_location   http://mmcif.pdb.org/dictionaries/ascii/mmcif_pdbx.dic 
# 
loop_
_database_2.database_id 
_database_2.database_code 
_database_2.pdbx_database_accession 
_database_2.pdbx_DOI 
PDB   6TYY         pdb_00006tyy 10.2210/pdb6tyy/pdb 
WWPDB D_1000243544 ?            ?                   
# 
loop_
_pdbx_audit_revision_history.ordinal 
_pdbx_audit_revision_history.data_content_type 
_pdbx_audit_revision_history.major_revision 
_pdbx_audit_revision_history.minor_revision 
_pdbx_audit_revision_history.revision_date 
1 'Structure model' 1 0 2019-11-20 
2 'Structure model' 1 1 2019-12-04 
3 'Structure model' 1 2 2023-10-11 
4 'Structure model' 1 3 2024-11-20 
# 
_pdbx_audit_revision_details.ordinal             1 
_pdbx_audit_revision_details.revision_ordinal    1 
_pdbx_audit_revision_details.data_content_type   'Structure model' 
_pdbx_audit_revision_details.provider            repository 
_pdbx_audit_revision_details.type                'Initial release' 
_pdbx_audit_revision_details.description         ? 
_pdbx_audit_revision_details.details             ? 
# 
loop_
_pdbx_audit_revision_group.ordinal 
_pdbx_audit_revision_group.revision_ordinal 
_pdbx_audit_revision_group.data_content_type 
_pdbx_audit_revision_group.group 
1 2 'Structure model' 'Author supporting evidence' 
2 2 'Structure model' 'Database references'        
3 3 'Structure model' 'Data collection'            
4 3 'Structure model' 'Database references'        
5 3 'Structure model' 'Refinement description'     
6 4 'Structure model' 'Structure summary'          
# 
loop_
_pdbx_audit_revision_category.ordinal 
_pdbx_audit_revision_category.revision_ordinal 
_pdbx_audit_revision_category.data_content_type 
_pdbx_audit_revision_category.category 
1 2 'Structure model' citation                      
2 2 'Structure model' citation_author               
3 2 'Structure model' pdbx_audit_support            
4 3 'Structure model' chem_comp_atom                
5 3 'Structure model' chem_comp_bond                
6 3 'Structure model' database_2                    
7 3 'Structure model' pdbx_initial_refinement_model 
8 4 'Structure model' pdbx_entry_details            
9 4 'Structure model' pdbx_modification_feature     
# 
loop_
_pdbx_audit_revision_item.ordinal 
_pdbx_audit_revision_item.revision_ordinal 
_pdbx_audit_revision_item.data_content_type 
_pdbx_audit_revision_item.item 
1 2 'Structure model' '_citation.journal_volume'                     
2 2 'Structure model' '_citation.page_first'                         
3 2 'Structure model' '_citation.page_last'                          
4 2 'Structure model' '_citation_author.identifier_ORCID'            
5 2 'Structure model' '_pdbx_audit_support.funding_organization'     
6 3 'Structure model' '_database_2.pdbx_DOI'                         
7 3 'Structure model' '_database_2.pdbx_database_accession'          
8 4 'Structure model' '_pdbx_entry_details.has_protein_modification' 
# 
_pdbx_database_status.status_code                     REL 
_pdbx_database_status.status_code_sf                  REL 
_pdbx_database_status.status_code_mr                  ? 
_pdbx_database_status.entry_id                        6TYY 
_pdbx_database_status.recvd_initial_deposition_date   2019-08-09 
_pdbx_database_status.SG_entry                        N 
_pdbx_database_status.deposit_site                    RCSB 
_pdbx_database_status.process_site                    RCSB 
_pdbx_database_status.status_code_cs                  ? 
_pdbx_database_status.methods_development_category    ? 
_pdbx_database_status.pdb_format_compatible           Y 
_pdbx_database_status.status_code_nmr_data            ? 
# 
loop_
_audit_author.name 
_audit_author.pdbx_ordinal 
_audit_author.identifier_ORCID 
'Li, H.'         1 0000-0002-8684-5308 
'Li, Z.'         2 0000-0003-1168-4367 
'Wang, C.'       3 ?                   
'Callahan, B.P.' 4 ?                   
# 
_citation.abstract                  ? 
_citation.abstract_id_CAS           ? 
_citation.book_id_ISBN              ? 
_citation.book_publisher            ? 
_citation.book_publisher_city       ? 
_citation.book_title                ? 
_citation.coordinate_linkage        ? 
_citation.country                   US 
_citation.database_id_Medline       ? 
_citation.details                   ? 
_citation.id                        primary 
_citation.journal_abbrev            J.Am.Chem.Soc. 
_citation.journal_id_ASTM           JACSAT 
_citation.journal_id_CSD            ? 
_citation.journal_id_ISSN           1520-5126 
_citation.journal_full              ? 
_citation.journal_issue             ? 
_citation.journal_volume            141 
_citation.language                  ? 
_citation.page_first                18380 
_citation.page_last                 18384 
_citation.title                     
'General Base Swap Preserves Activity and Expands Substrate Tolerance in Hedgehog Autoprocessing.' 
_citation.year                      2019 
_citation.database_id_CSD           ? 
_citation.pdbx_database_id_DOI      10.1021/jacs.9b08914 
_citation.pdbx_database_id_PubMed   31682419 
_citation.unpublished_flag          ? 
# 
loop_
_citation_author.citation_id 
_citation_author.name 
_citation_author.ordinal 
_citation_author.identifier_ORCID 
primary 'Zhao, J.'       1  ? 
primary 'Ciulla, D.A.'   2  ? 
primary 'Xie, J.'        3  ? 
primary 'Wagner, A.G.'   4  ? 
primary 'Castillo, D.A.' 5  ? 
primary 'Zwarycz, A.S.'  6  ? 
primary 'Lin, Z.'        7  ? 
primary 'Beadle, S.'     8  ? 
primary 'Giner, J.L.'    9  ? 
primary 'Li, Z.'         10 ? 
primary 'Li, H.'         11 ? 
primary 'Banavali, N.'   12 ? 
primary 'Callahan, B.P.' 13 ? 
primary 'Wang, C.'       14 ? 
# 
loop_
_entity.id 
_entity.type 
_entity.src_method 
_entity.pdbx_description 
_entity.formula_weight 
_entity.pdbx_number_of_molecules 
_entity.pdbx_ec 
_entity.pdbx_mutation 
_entity.pdbx_fragment 
_entity.details 
1 polymer man 'Protein hedgehog' 15999.280 1   ? D46H ? ? 
2 water   nat water              18.015    161 ? ?    ? ? 
# 
_entity_poly.entity_id                      1 
_entity_poly.type                           'polypeptide(L)' 
_entity_poly.nstd_linkage                   no 
_entity_poly.nstd_monomer                   yes 
_entity_poly.pdbx_seq_one_letter_code       
;(CSD)FTPESTALLESGVRKPLGELSIGDRVLSMTANGQAVYSEVILFMHRNLEQMQNFVQLHTDGGAVLTVTPAHLVSV
WQPESQKLTFVFADRIEEKNQVLVRDVETGELRPQRVVKVGSVRSKGVVAPLTREGTIVVNSVAASCYAV
;
_entity_poly.pdbx_seq_one_letter_code_can   
;CFTPESTALLESGVRKPLGELSIGDRVLSMTANGQAVYSEVILFMHRNLEQMQNFVQLHTDGGAVLTVTPAHLVSVWQPE
SQKLTFVFADRIEEKNQVLVRDVETGELRPQRVVKVGSVRSKGVVAPLTREGTIVVNSVAASCYAV
;
_entity_poly.pdbx_strand_id                 A 
_entity_poly.pdbx_target_identifier         ? 
# 
_pdbx_entity_nonpoly.entity_id   2 
_pdbx_entity_nonpoly.name        water 
_pdbx_entity_nonpoly.comp_id     HOH 
# 
loop_
_entity_poly_seq.entity_id 
_entity_poly_seq.num 
_entity_poly_seq.mon_id 
_entity_poly_seq.hetero 
1 1   CSD n 
1 2   PHE n 
1 3   THR n 
1 4   PRO n 
1 5   GLU n 
1 6   SER n 
1 7   THR n 
1 8   ALA n 
1 9   LEU n 
1 10  LEU n 
1 11  GLU n 
1 12  SER n 
1 13  GLY n 
1 14  VAL n 
1 15  ARG n 
1 16  LYS n 
1 17  PRO n 
1 18  LEU n 
1 19  GLY n 
1 20  GLU n 
1 21  LEU n 
1 22  SER n 
1 23  ILE n 
1 24  GLY n 
1 25  ASP n 
1 26  ARG n 
1 27  VAL n 
1 28  LEU n 
1 29  SER n 
1 30  MET n 
1 31  THR n 
1 32  ALA n 
1 33  ASN n 
1 34  GLY n 
1 35  GLN n 
1 36  ALA n 
1 37  VAL n 
1 38  TYR n 
1 39  SER n 
1 40  GLU n 
1 41  VAL n 
1 42  ILE n 
1 43  LEU n 
1 44  PHE n 
1 45  MET n 
1 46  HIS n 
1 47  ARG n 
1 48  ASN n 
1 49  LEU n 
1 50  GLU n 
1 51  GLN n 
1 52  MET n 
1 53  GLN n 
1 54  ASN n 
1 55  PHE n 
1 56  VAL n 
1 57  GLN n 
1 58  LEU n 
1 59  HIS n 
1 60  THR n 
1 61  ASP n 
1 62  GLY n 
1 63  GLY n 
1 64  ALA n 
1 65  VAL n 
1 66  LEU n 
1 67  THR n 
1 68  VAL n 
1 69  THR n 
1 70  PRO n 
1 71  ALA n 
1 72  HIS n 
1 73  LEU n 
1 74  VAL n 
1 75  SER n 
1 76  VAL n 
1 77  TRP n 
1 78  GLN n 
1 79  PRO n 
1 80  GLU n 
1 81  SER n 
1 82  GLN n 
1 83  LYS n 
1 84  LEU n 
1 85  THR n 
1 86  PHE n 
1 87  VAL n 
1 88  PHE n 
1 89  ALA n 
1 90  ASP n 
1 91  ARG n 
1 92  ILE n 
1 93  GLU n 
1 94  GLU n 
1 95  LYS n 
1 96  ASN n 
1 97  GLN n 
1 98  VAL n 
1 99  LEU n 
1 100 VAL n 
1 101 ARG n 
1 102 ASP n 
1 103 VAL n 
1 104 GLU n 
1 105 THR n 
1 106 GLY n 
1 107 GLU n 
1 108 LEU n 
1 109 ARG n 
1 110 PRO n 
1 111 GLN n 
1 112 ARG n 
1 113 VAL n 
1 114 VAL n 
1 115 LYS n 
1 116 VAL n 
1 117 GLY n 
1 118 SER n 
1 119 VAL n 
1 120 ARG n 
1 121 SER n 
1 122 LYS n 
1 123 GLY n 
1 124 VAL n 
1 125 VAL n 
1 126 ALA n 
1 127 PRO n 
1 128 LEU n 
1 129 THR n 
1 130 ARG n 
1 131 GLU n 
1 132 GLY n 
1 133 THR n 
1 134 ILE n 
1 135 VAL n 
1 136 VAL n 
1 137 ASN n 
1 138 SER n 
1 139 VAL n 
1 140 ALA n 
1 141 ALA n 
1 142 SER n 
1 143 CYS n 
1 144 TYR n 
1 145 ALA n 
1 146 VAL n 
# 
_entity_src_gen.entity_id                          1 
_entity_src_gen.pdbx_src_id                        1 
_entity_src_gen.pdbx_alt_source_flag               sample 
_entity_src_gen.pdbx_seq_type                      'Biological sequence' 
_entity_src_gen.pdbx_beg_seq_num                   1 
_entity_src_gen.pdbx_end_seq_num                   146 
_entity_src_gen.gene_src_common_name               'Fruit fly' 
_entity_src_gen.gene_src_genus                     ? 
_entity_src_gen.pdbx_gene_src_gene                 'hh, CG4637' 
_entity_src_gen.gene_src_species                   ? 
_entity_src_gen.gene_src_strain                    ? 
_entity_src_gen.gene_src_tissue                    ? 
_entity_src_gen.gene_src_tissue_fraction           ? 
_entity_src_gen.gene_src_details                   ? 
_entity_src_gen.pdbx_gene_src_fragment             ? 
_entity_src_gen.pdbx_gene_src_scientific_name      'Drosophila melanogaster' 
_entity_src_gen.pdbx_gene_src_ncbi_taxonomy_id     7227 
_entity_src_gen.pdbx_gene_src_variant              ? 
_entity_src_gen.pdbx_gene_src_cell_line            ? 
_entity_src_gen.pdbx_gene_src_atcc                 ? 
_entity_src_gen.pdbx_gene_src_organ                ? 
_entity_src_gen.pdbx_gene_src_organelle            ? 
_entity_src_gen.pdbx_gene_src_cell                 ? 
_entity_src_gen.pdbx_gene_src_cellular_location    ? 
_entity_src_gen.host_org_common_name               ? 
_entity_src_gen.pdbx_host_org_scientific_name      'Escherichia coli' 
_entity_src_gen.pdbx_host_org_ncbi_taxonomy_id     562 
_entity_src_gen.host_org_genus                     ? 
_entity_src_gen.pdbx_host_org_gene                 ? 
_entity_src_gen.pdbx_host_org_organ                ? 
_entity_src_gen.host_org_species                   ? 
_entity_src_gen.pdbx_host_org_tissue               ? 
_entity_src_gen.pdbx_host_org_tissue_fraction      ? 
_entity_src_gen.pdbx_host_org_strain               ? 
_entity_src_gen.pdbx_host_org_variant              ? 
_entity_src_gen.pdbx_host_org_cell_line            ? 
_entity_src_gen.pdbx_host_org_atcc                 ? 
_entity_src_gen.pdbx_host_org_culture_collection   ? 
_entity_src_gen.pdbx_host_org_cell                 ? 
_entity_src_gen.pdbx_host_org_organelle            ? 
_entity_src_gen.pdbx_host_org_cellular_location    ? 
_entity_src_gen.pdbx_host_org_vector_type          ? 
_entity_src_gen.pdbx_host_org_vector               ? 
_entity_src_gen.host_org_details                   ? 
_entity_src_gen.expression_system_id               ? 
_entity_src_gen.plasmid_name                       ? 
_entity_src_gen.plasmid_details                    ? 
_entity_src_gen.pdbx_description                   ? 
# 
loop_
_chem_comp.id 
_chem_comp.type 
_chem_comp.mon_nstd_flag 
_chem_comp.name 
_chem_comp.pdbx_synonyms 
_chem_comp.formula 
_chem_comp.formula_weight 
ALA 'L-peptide linking' y ALANINE          ?                                            'C3 H7 N O2'     89.093  
ARG 'L-peptide linking' y ARGININE         ?                                            'C6 H15 N4 O2 1' 175.209 
ASN 'L-peptide linking' y ASPARAGINE       ?                                            'C4 H8 N2 O3'    132.118 
ASP 'L-peptide linking' y 'ASPARTIC ACID'  ?                                            'C4 H7 N O4'     133.103 
CSD 'L-peptide linking' n 3-SULFINOALANINE 'S-CYSTEINESULFINIC ACID; S-SULFINOCYSTEINE' 'C3 H7 N O4 S'   153.157 
CYS 'L-peptide linking' y CYSTEINE         ?                                            'C3 H7 N O2 S'   121.158 
GLN 'L-peptide linking' y GLUTAMINE        ?                                            'C5 H10 N2 O3'   146.144 
GLU 'L-peptide linking' y 'GLUTAMIC ACID'  ?                                            'C5 H9 N O4'     147.129 
GLY 'peptide linking'   y GLYCINE          ?                                            'C2 H5 N O2'     75.067  
HIS 'L-peptide linking' y HISTIDINE        ?                                            'C6 H10 N3 O2 1' 156.162 
HOH non-polymer         . WATER            ?                                            'H2 O'           18.015  
ILE 'L-peptide linking' y ISOLEUCINE       ?                                            'C6 H13 N O2'    131.173 
LEU 'L-peptide linking' y LEUCINE          ?                                            'C6 H13 N O2'    131.173 
LYS 'L-peptide linking' y LYSINE           ?                                            'C6 H15 N2 O2 1' 147.195 
MET 'L-peptide linking' y METHIONINE       ?                                            'C5 H11 N O2 S'  149.211 
PHE 'L-peptide linking' y PHENYLALANINE    ?                                            'C9 H11 N O2'    165.189 
PRO 'L-peptide linking' y PROLINE          ?                                            'C5 H9 N O2'     115.130 
SER 'L-peptide linking' y SERINE           ?                                            'C3 H7 N O3'     105.093 
THR 'L-peptide linking' y THREONINE        ?                                            'C4 H9 N O3'     119.119 
TRP 'L-peptide linking' y TRYPTOPHAN       ?                                            'C11 H12 N2 O2'  204.225 
TYR 'L-peptide linking' y TYROSINE         ?                                            'C9 H11 N O3'    181.189 
VAL 'L-peptide linking' y VALINE           ?                                            'C5 H11 N O2'    117.146 
# 
loop_
_pdbx_poly_seq_scheme.asym_id 
_pdbx_poly_seq_scheme.entity_id 
_pdbx_poly_seq_scheme.seq_id 
_pdbx_poly_seq_scheme.mon_id 
_pdbx_poly_seq_scheme.ndb_seq_num 
_pdbx_poly_seq_scheme.pdb_seq_num 
_pdbx_poly_seq_scheme.auth_seq_num 
_pdbx_poly_seq_scheme.pdb_mon_id 
_pdbx_poly_seq_scheme.auth_mon_id 
_pdbx_poly_seq_scheme.pdb_strand_id 
_pdbx_poly_seq_scheme.pdb_ins_code 
_pdbx_poly_seq_scheme.hetero 
A 1 1   CSD 1   258 258 CSD CSD A . n 
A 1 2   PHE 2   259 259 PHE PHE A . n 
A 1 3   THR 3   260 260 THR THR A . n 
A 1 4   PRO 4   261 261 PRO PRO A . n 
A 1 5   GLU 5   262 262 GLU GLU A . n 
A 1 6   SER 6   263 263 SER SER A . n 
A 1 7   THR 7   264 264 THR THR A . n 
A 1 8   ALA 8   265 265 ALA ALA A . n 
A 1 9   LEU 9   266 266 LEU LEU A . n 
A 1 10  LEU 10  267 267 LEU LEU A . n 
A 1 11  GLU 11  268 268 GLU GLU A . n 
A 1 12  SER 12  269 269 SER SER A . n 
A 1 13  GLY 13  270 270 GLY GLY A . n 
A 1 14  VAL 14  271 271 VAL VAL A . n 
A 1 15  ARG 15  272 272 ARG ARG A . n 
A 1 16  LYS 16  273 273 LYS LYS A . n 
A 1 17  PRO 17  274 274 PRO PRO A . n 
A 1 18  LEU 18  275 275 LEU LEU A . n 
A 1 19  GLY 19  276 276 GLY GLY A . n 
A 1 20  GLU 20  277 277 GLU GLU A . n 
A 1 21  LEU 21  278 278 LEU LEU A . n 
A 1 22  SER 22  279 279 SER SER A . n 
A 1 23  ILE 23  280 280 ILE ILE A . n 
A 1 24  GLY 24  281 281 GLY GLY A . n 
A 1 25  ASP 25  282 282 ASP ASP A . n 
A 1 26  ARG 26  283 283 ARG ARG A . n 
A 1 27  VAL 27  284 284 VAL VAL A . n 
A 1 28  LEU 28  285 285 LEU LEU A . n 
A 1 29  SER 29  286 286 SER SER A . n 
A 1 30  MET 30  287 287 MET MET A . n 
A 1 31  THR 31  288 288 THR THR A . n 
A 1 32  ALA 32  289 289 ALA ALA A . n 
A 1 33  ASN 33  290 290 ASN ASN A . n 
A 1 34  GLY 34  291 291 GLY GLY A . n 
A 1 35  GLN 35  292 292 GLN GLN A . n 
A 1 36  ALA 36  293 293 ALA ALA A . n 
A 1 37  VAL 37  294 294 VAL VAL A . n 
A 1 38  TYR 38  295 295 TYR TYR A . n 
A 1 39  SER 39  296 296 SER SER A . n 
A 1 40  GLU 40  297 297 GLU GLU A . n 
A 1 41  VAL 41  298 298 VAL VAL A . n 
A 1 42  ILE 42  299 299 ILE ILE A . n 
A 1 43  LEU 43  300 300 LEU LEU A . n 
A 1 44  PHE 44  301 301 PHE PHE A . n 
A 1 45  MET 45  302 302 MET MET A . n 
A 1 46  HIS 46  303 303 HIS HIS A . n 
A 1 47  ARG 47  304 304 ARG ARG A . n 
A 1 48  ASN 48  305 305 ASN ASN A . n 
A 1 49  LEU 49  306 306 LEU LEU A . n 
A 1 50  GLU 50  307 307 GLU GLU A . n 
A 1 51  GLN 51  308 308 GLN GLN A . n 
A 1 52  MET 52  309 309 MET MET A . n 
A 1 53  GLN 53  310 310 GLN GLN A . n 
A 1 54  ASN 54  311 311 ASN ASN A . n 
A 1 55  PHE 55  312 312 PHE PHE A . n 
A 1 56  VAL 56  313 313 VAL VAL A . n 
A 1 57  GLN 57  314 314 GLN GLN A . n 
A 1 58  LEU 58  315 315 LEU LEU A . n 
A 1 59  HIS 59  316 316 HIS HIS A . n 
A 1 60  THR 60  317 317 THR THR A . n 
A 1 61  ASP 61  318 318 ASP ASP A . n 
A 1 62  GLY 62  319 319 GLY GLY A . n 
A 1 63  GLY 63  320 320 GLY GLY A . n 
A 1 64  ALA 64  321 321 ALA ALA A . n 
A 1 65  VAL 65  322 322 VAL VAL A . n 
A 1 66  LEU 66  323 323 LEU LEU A . n 
A 1 67  THR 67  324 324 THR THR A . n 
A 1 68  VAL 68  325 325 VAL VAL A . n 
A 1 69  THR 69  326 326 THR THR A . n 
A 1 70  PRO 70  327 327 PRO PRO A . n 
A 1 71  ALA 71  328 328 ALA ALA A . n 
A 1 72  HIS 72  329 329 HIS HIS A . n 
A 1 73  LEU 73  330 330 LEU LEU A . n 
A 1 74  VAL 74  331 331 VAL VAL A . n 
A 1 75  SER 75  332 332 SER SER A . n 
A 1 76  VAL 76  333 333 VAL VAL A . n 
A 1 77  TRP 77  334 334 TRP TRP A . n 
A 1 78  GLN 78  335 335 GLN GLN A . n 
A 1 79  PRO 79  336 336 PRO PRO A . n 
A 1 80  GLU 80  337 337 GLU GLU A . n 
A 1 81  SER 81  338 338 SER SER A . n 
A 1 82  GLN 82  339 339 GLN GLN A . n 
A 1 83  LYS 83  340 340 LYS LYS A . n 
A 1 84  LEU 84  341 341 LEU LEU A . n 
A 1 85  THR 85  342 342 THR THR A . n 
A 1 86  PHE 86  343 343 PHE PHE A . n 
A 1 87  VAL 87  344 344 VAL VAL A . n 
A 1 88  PHE 88  345 345 PHE PHE A . n 
A 1 89  ALA 89  346 346 ALA ALA A . n 
A 1 90  ASP 90  347 347 ASP ASP A . n 
A 1 91  ARG 91  348 348 ARG ARG A . n 
A 1 92  ILE 92  349 349 ILE ILE A . n 
A 1 93  GLU 93  350 350 GLU GLU A . n 
A 1 94  GLU 94  351 351 GLU GLU A . n 
A 1 95  LYS 95  352 352 LYS LYS A . n 
A 1 96  ASN 96  353 353 ASN ASN A . n 
A 1 97  GLN 97  354 354 GLN GLN A . n 
A 1 98  VAL 98  355 355 VAL VAL A . n 
A 1 99  LEU 99  356 356 LEU LEU A . n 
A 1 100 VAL 100 357 357 VAL VAL A . n 
A 1 101 ARG 101 358 358 ARG ARG A . n 
A 1 102 ASP 102 359 359 ASP ASP A . n 
A 1 103 VAL 103 360 360 VAL VAL A . n 
A 1 104 GLU 104 361 361 GLU GLU A . n 
A 1 105 THR 105 362 362 THR THR A . n 
A 1 106 GLY 106 363 363 GLY GLY A . n 
A 1 107 GLU 107 364 364 GLU GLU A . n 
A 1 108 LEU 108 365 365 LEU LEU A . n 
A 1 109 ARG 109 366 366 ARG ARG A . n 
A 1 110 PRO 110 367 367 PRO PRO A . n 
A 1 111 GLN 111 368 368 GLN GLN A . n 
A 1 112 ARG 112 369 369 ARG ARG A . n 
A 1 113 VAL 113 370 370 VAL VAL A . n 
A 1 114 VAL 114 371 371 VAL VAL A . n 
A 1 115 LYS 115 372 372 LYS LYS A . n 
A 1 116 VAL 116 373 373 VAL VAL A . n 
A 1 117 GLY 117 374 374 GLY GLY A . n 
A 1 118 SER 118 375 375 SER SER A . n 
A 1 119 VAL 119 376 376 VAL VAL A . n 
A 1 120 ARG 120 377 377 ARG ARG A . n 
A 1 121 SER 121 378 378 SER SER A . n 
A 1 122 LYS 122 379 379 LYS LYS A . n 
A 1 123 GLY 123 380 380 GLY GLY A . n 
A 1 124 VAL 124 381 381 VAL VAL A . n 
A 1 125 VAL 125 382 382 VAL VAL A . n 
A 1 126 ALA 126 383 383 ALA ALA A . n 
A 1 127 PRO 127 384 384 PRO PRO A . n 
A 1 128 LEU 128 385 385 LEU LEU A . n 
A 1 129 THR 129 386 386 THR THR A . n 
A 1 130 ARG 130 387 387 ARG ARG A . n 
A 1 131 GLU 131 388 388 GLU GLU A . n 
A 1 132 GLY 132 389 389 GLY GLY A . n 
A 1 133 THR 133 390 390 THR THR A . n 
A 1 134 ILE 134 391 391 ILE ILE A . n 
A 1 135 VAL 135 392 392 VAL VAL A . n 
A 1 136 VAL 136 393 393 VAL VAL A . n 
A 1 137 ASN 137 394 394 ASN ASN A . n 
A 1 138 SER 138 395 395 SER SER A . n 
A 1 139 VAL 139 396 396 VAL VAL A . n 
A 1 140 ALA 140 397 397 ALA ALA A . n 
A 1 141 ALA 141 398 398 ALA ALA A . n 
A 1 142 SER 142 399 399 SER SER A . n 
A 1 143 CYS 143 400 400 CYS CYS A . n 
A 1 144 TYR 144 401 401 TYR TYR A . n 
A 1 145 ALA 145 402 402 ALA ALA A . n 
A 1 146 VAL 146 403 403 VAL VAL A . n 
# 
loop_
_pdbx_nonpoly_scheme.asym_id 
_pdbx_nonpoly_scheme.entity_id 
_pdbx_nonpoly_scheme.mon_id 
_pdbx_nonpoly_scheme.ndb_seq_num 
_pdbx_nonpoly_scheme.pdb_seq_num 
_pdbx_nonpoly_scheme.auth_seq_num 
_pdbx_nonpoly_scheme.pdb_mon_id 
_pdbx_nonpoly_scheme.auth_mon_id 
_pdbx_nonpoly_scheme.pdb_strand_id 
_pdbx_nonpoly_scheme.pdb_ins_code 
B 2 HOH 1   501 153 HOH HOH A . 
B 2 HOH 2   502 45  HOH HOH A . 
B 2 HOH 3   503 59  HOH HOH A . 
B 2 HOH 4   504 135 HOH HOH A . 
B 2 HOH 5   505 19  HOH HOH A . 
B 2 HOH 6   506 140 HOH HOH A . 
B 2 HOH 7   507 64  HOH HOH A . 
B 2 HOH 8   508 150 HOH HOH A . 
B 2 HOH 9   509 154 HOH HOH A . 
B 2 HOH 10  510 111 HOH HOH A . 
B 2 HOH 11  511 158 HOH HOH A . 
B 2 HOH 12  512 34  HOH HOH A . 
B 2 HOH 13  513 48  HOH HOH A . 
B 2 HOH 14  514 88  HOH HOH A . 
B 2 HOH 15  515 38  HOH HOH A . 
B 2 HOH 16  516 77  HOH HOH A . 
B 2 HOH 17  517 137 HOH HOH A . 
B 2 HOH 18  518 26  HOH HOH A . 
B 2 HOH 19  519 114 HOH HOH A . 
B 2 HOH 20  520 28  HOH HOH A . 
B 2 HOH 21  521 37  HOH HOH A . 
B 2 HOH 22  522 61  HOH HOH A . 
B 2 HOH 23  523 124 HOH HOH A . 
B 2 HOH 24  524 33  HOH HOH A . 
B 2 HOH 25  525 121 HOH HOH A . 
B 2 HOH 26  526 13  HOH HOH A . 
B 2 HOH 27  527 47  HOH HOH A . 
B 2 HOH 28  528 36  HOH HOH A . 
B 2 HOH 29  529 89  HOH HOH A . 
B 2 HOH 30  530 12  HOH HOH A . 
B 2 HOH 31  531 5   HOH HOH A . 
B 2 HOH 32  532 3   HOH HOH A . 
B 2 HOH 33  533 49  HOH HOH A . 
B 2 HOH 34  534 7   HOH HOH A . 
B 2 HOH 35  535 62  HOH HOH A . 
B 2 HOH 36  536 15  HOH HOH A . 
B 2 HOH 37  537 23  HOH HOH A . 
B 2 HOH 38  538 130 HOH HOH A . 
B 2 HOH 39  539 2   HOH HOH A . 
B 2 HOH 40  540 127 HOH HOH A . 
B 2 HOH 41  541 128 HOH HOH A . 
B 2 HOH 42  542 9   HOH HOH A . 
B 2 HOH 43  543 126 HOH HOH A . 
B 2 HOH 44  544 141 HOH HOH A . 
B 2 HOH 45  545 108 HOH HOH A . 
B 2 HOH 46  546 1   HOH HOH A . 
B 2 HOH 47  547 41  HOH HOH A . 
B 2 HOH 48  548 138 HOH HOH A . 
B 2 HOH 49  549 27  HOH HOH A . 
B 2 HOH 50  550 101 HOH HOH A . 
B 2 HOH 51  551 119 HOH HOH A . 
B 2 HOH 52  552 18  HOH HOH A . 
B 2 HOH 53  553 14  HOH HOH A . 
B 2 HOH 54  554 139 HOH HOH A . 
B 2 HOH 55  555 52  HOH HOH A . 
B 2 HOH 56  556 17  HOH HOH A . 
B 2 HOH 57  557 92  HOH HOH A . 
B 2 HOH 58  558 4   HOH HOH A . 
B 2 HOH 59  559 143 HOH HOH A . 
B 2 HOH 60  560 50  HOH HOH A . 
B 2 HOH 61  561 160 HOH HOH A . 
B 2 HOH 62  562 136 HOH HOH A . 
B 2 HOH 63  563 31  HOH HOH A . 
B 2 HOH 64  564 100 HOH HOH A . 
B 2 HOH 65  565 11  HOH HOH A . 
B 2 HOH 66  566 21  HOH HOH A . 
B 2 HOH 67  567 42  HOH HOH A . 
B 2 HOH 68  568 122 HOH HOH A . 
B 2 HOH 69  569 117 HOH HOH A . 
B 2 HOH 70  570 155 HOH HOH A . 
B 2 HOH 71  571 71  HOH HOH A . 
B 2 HOH 72  572 58  HOH HOH A . 
B 2 HOH 73  573 54  HOH HOH A . 
B 2 HOH 74  574 98  HOH HOH A . 
B 2 HOH 75  575 16  HOH HOH A . 
B 2 HOH 76  576 133 HOH HOH A . 
B 2 HOH 77  577 63  HOH HOH A . 
B 2 HOH 78  578 99  HOH HOH A . 
B 2 HOH 79  579 30  HOH HOH A . 
B 2 HOH 80  580 103 HOH HOH A . 
B 2 HOH 81  581 22  HOH HOH A . 
B 2 HOH 82  582 112 HOH HOH A . 
B 2 HOH 83  583 20  HOH HOH A . 
B 2 HOH 84  584 83  HOH HOH A . 
B 2 HOH 85  585 6   HOH HOH A . 
B 2 HOH 86  586 66  HOH HOH A . 
B 2 HOH 87  587 109 HOH HOH A . 
B 2 HOH 88  588 35  HOH HOH A . 
B 2 HOH 89  589 24  HOH HOH A . 
B 2 HOH 90  590 68  HOH HOH A . 
B 2 HOH 91  591 29  HOH HOH A . 
B 2 HOH 92  592 104 HOH HOH A . 
B 2 HOH 93  593 93  HOH HOH A . 
B 2 HOH 94  594 147 HOH HOH A . 
B 2 HOH 95  595 55  HOH HOH A . 
B 2 HOH 96  596 105 HOH HOH A . 
B 2 HOH 97  597 73  HOH HOH A . 
B 2 HOH 98  598 8   HOH HOH A . 
B 2 HOH 99  599 69  HOH HOH A . 
B 2 HOH 100 600 25  HOH HOH A . 
B 2 HOH 101 601 131 HOH HOH A . 
B 2 HOH 102 602 118 HOH HOH A . 
B 2 HOH 103 603 157 HOH HOH A . 
B 2 HOH 104 604 46  HOH HOH A . 
B 2 HOH 105 605 142 HOH HOH A . 
B 2 HOH 106 606 102 HOH HOH A . 
B 2 HOH 107 607 152 HOH HOH A . 
B 2 HOH 108 608 82  HOH HOH A . 
B 2 HOH 109 609 40  HOH HOH A . 
B 2 HOH 110 610 76  HOH HOH A . 
B 2 HOH 111 611 91  HOH HOH A . 
B 2 HOH 112 612 110 HOH HOH A . 
B 2 HOH 113 613 149 HOH HOH A . 
B 2 HOH 114 614 81  HOH HOH A . 
B 2 HOH 115 615 144 HOH HOH A . 
B 2 HOH 116 616 113 HOH HOH A . 
B 2 HOH 117 617 32  HOH HOH A . 
B 2 HOH 118 618 161 HOH HOH A . 
B 2 HOH 119 619 10  HOH HOH A . 
B 2 HOH 120 620 60  HOH HOH A . 
B 2 HOH 121 621 78  HOH HOH A . 
B 2 HOH 122 622 39  HOH HOH A . 
B 2 HOH 123 623 96  HOH HOH A . 
B 2 HOH 124 624 53  HOH HOH A . 
B 2 HOH 125 625 145 HOH HOH A . 
B 2 HOH 126 626 44  HOH HOH A . 
B 2 HOH 127 627 70  HOH HOH A . 
B 2 HOH 128 628 120 HOH HOH A . 
B 2 HOH 129 629 43  HOH HOH A . 
B 2 HOH 130 630 51  HOH HOH A . 
B 2 HOH 131 631 151 HOH HOH A . 
B 2 HOH 132 632 85  HOH HOH A . 
B 2 HOH 133 633 115 HOH HOH A . 
B 2 HOH 134 634 107 HOH HOH A . 
B 2 HOH 135 635 123 HOH HOH A . 
B 2 HOH 136 636 132 HOH HOH A . 
B 2 HOH 137 637 156 HOH HOH A . 
B 2 HOH 138 638 86  HOH HOH A . 
B 2 HOH 139 639 90  HOH HOH A . 
B 2 HOH 140 640 95  HOH HOH A . 
B 2 HOH 141 641 84  HOH HOH A . 
B 2 HOH 142 642 94  HOH HOH A . 
B 2 HOH 143 643 65  HOH HOH A . 
B 2 HOH 144 644 75  HOH HOH A . 
B 2 HOH 145 645 148 HOH HOH A . 
B 2 HOH 146 646 57  HOH HOH A . 
B 2 HOH 147 647 67  HOH HOH A . 
B 2 HOH 148 648 97  HOH HOH A . 
B 2 HOH 149 649 56  HOH HOH A . 
B 2 HOH 150 650 80  HOH HOH A . 
B 2 HOH 151 651 129 HOH HOH A . 
B 2 HOH 152 652 72  HOH HOH A . 
B 2 HOH 153 653 125 HOH HOH A . 
B 2 HOH 154 654 79  HOH HOH A . 
B 2 HOH 155 655 106 HOH HOH A . 
B 2 HOH 156 656 74  HOH HOH A . 
B 2 HOH 157 657 146 HOH HOH A . 
B 2 HOH 158 658 134 HOH HOH A . 
B 2 HOH 159 659 159 HOH HOH A . 
B 2 HOH 160 660 116 HOH HOH A . 
B 2 HOH 161 661 87  HOH HOH A . 
# 
loop_
_software.citation_id 
_software.classification 
_software.compiler_name 
_software.compiler_version 
_software.contact_author 
_software.contact_author_email 
_software.date 
_software.description 
_software.dependencies 
_software.hardware 
_software.language 
_software.location 
_software.mods 
_software.name 
_software.os 
_software.os_version 
_software.type 
_software.version 
_software.pdbx_ordinal 
? 'data reduction'  ? ? ? ? ? ? ? ? ? ? ? DENZO       ? ? ? .    1 
? 'data scaling'    ? ? ? ? ? ? ? ? ? ? ? SCALEPACK   ? ? ? .    2 
? refinement        ? ? ? ? ? ? ? ? ? ? ? PHENIX      ? ? ? .    3 
? 'data extraction' ? ? ? ? ? ? ? ? ? ? ? PDB_EXTRACT ? ? ? 3.25 4 
? phasing           ? ? ? ? ? ? ? ? ? ? ? PHENIX      ? ? ? .    5 
# 
_cell.angle_alpha                  90.000 
_cell.angle_alpha_esd              ? 
_cell.angle_beta                   90.000 
_cell.angle_beta_esd               ? 
_cell.angle_gamma                  120.000 
_cell.angle_gamma_esd              ? 
_cell.entry_id                     6TYY 
_cell.details                      ? 
_cell.formula_units_Z              ? 
_cell.length_a                     78.381 
_cell.length_a_esd                 ? 
_cell.length_b                     78.381 
_cell.length_b_esd                 ? 
_cell.length_c                     37.351 
_cell.length_c_esd                 ? 
_cell.volume                       ? 
_cell.volume_esd                   ? 
_cell.Z_PDB                        6 
_cell.reciprocal_angle_alpha       ? 
_cell.reciprocal_angle_beta        ? 
_cell.reciprocal_angle_gamma       ? 
_cell.reciprocal_angle_alpha_esd   ? 
_cell.reciprocal_angle_beta_esd    ? 
_cell.reciprocal_angle_gamma_esd   ? 
_cell.reciprocal_length_a          ? 
_cell.reciprocal_length_b          ? 
_cell.reciprocal_length_c          ? 
_cell.reciprocal_length_a_esd      ? 
_cell.reciprocal_length_b_esd      ? 
_cell.reciprocal_length_c_esd      ? 
_cell.pdbx_unique_axis             ? 
# 
_symmetry.entry_id                         6TYY 
_symmetry.cell_setting                     ? 
_symmetry.Int_Tables_number                169 
_symmetry.space_group_name_Hall            ? 
_symmetry.space_group_name_H-M             'P 61' 
_symmetry.pdbx_full_space_group_name_H-M   ? 
# 
_exptl.absorpt_coefficient_mu     ? 
_exptl.absorpt_correction_T_max   ? 
_exptl.absorpt_correction_T_min   ? 
_exptl.absorpt_correction_type    ? 
_exptl.absorpt_process_details    ? 
_exptl.entry_id                   6TYY 
_exptl.crystals_number            1 
_exptl.details                    ? 
_exptl.method                     'X-RAY DIFFRACTION' 
_exptl.method_details             ? 
# 
_exptl_crystal.colour                      ? 
_exptl_crystal.density_diffrn              ? 
_exptl_crystal.density_Matthews            2.07 
_exptl_crystal.density_method              ? 
_exptl_crystal.density_percent_sol         40.58 
_exptl_crystal.description                 ? 
_exptl_crystal.F_000                       ? 
_exptl_crystal.id                          1 
_exptl_crystal.preparation                 ? 
_exptl_crystal.size_max                    ? 
_exptl_crystal.size_mid                    ? 
_exptl_crystal.size_min                    ? 
_exptl_crystal.size_rad                    ? 
_exptl_crystal.colour_lustre               ? 
_exptl_crystal.colour_modifier             ? 
_exptl_crystal.colour_primary              ? 
_exptl_crystal.density_meas                ? 
_exptl_crystal.density_meas_esd            ? 
_exptl_crystal.density_meas_gt             ? 
_exptl_crystal.density_meas_lt             ? 
_exptl_crystal.density_meas_temp           ? 
_exptl_crystal.density_meas_temp_esd       ? 
_exptl_crystal.density_meas_temp_gt        ? 
_exptl_crystal.density_meas_temp_lt        ? 
_exptl_crystal.pdbx_crystal_image_url      ? 
_exptl_crystal.pdbx_crystal_image_format   ? 
_exptl_crystal.pdbx_mosaicity              ? 
_exptl_crystal.pdbx_mosaicity_esd          ? 
# 
_exptl_crystal_grow.apparatus       ? 
_exptl_crystal_grow.atmosphere      ? 
_exptl_crystal_grow.crystal_id      1 
_exptl_crystal_grow.details         ? 
_exptl_crystal_grow.method          'VAPOR DIFFUSION, HANGING DROP' 
_exptl_crystal_grow.method_ref      ? 
_exptl_crystal_grow.pH              7.5 
_exptl_crystal_grow.pressure        ? 
_exptl_crystal_grow.pressure_esd    ? 
_exptl_crystal_grow.seeding         ? 
_exptl_crystal_grow.seeding_ref     ? 
_exptl_crystal_grow.temp            298 
_exptl_crystal_grow.temp_details    ? 
_exptl_crystal_grow.temp_esd        ? 
_exptl_crystal_grow.time            ? 
_exptl_crystal_grow.pdbx_details    '0.1 M Hepes, pH 7.5, 3.4 M sodium formate' 
_exptl_crystal_grow.pdbx_pH_range   ? 
# 
_diffrn.ambient_environment              ? 
_diffrn.ambient_temp                     100 
_diffrn.ambient_temp_details             ? 
_diffrn.ambient_temp_esd                 ? 
_diffrn.crystal_id                       1 
_diffrn.crystal_support                  ? 
_diffrn.crystal_treatment                ? 
_diffrn.details                          ? 
_diffrn.id                               1 
_diffrn.ambient_pressure                 ? 
_diffrn.ambient_pressure_esd             ? 
_diffrn.ambient_pressure_gt              ? 
_diffrn.ambient_pressure_lt              ? 
_diffrn.ambient_temp_gt                  ? 
_diffrn.ambient_temp_lt                  ? 
_diffrn.pdbx_serial_crystal_experiment   N 
# 
_diffrn_detector.details                      ? 
_diffrn_detector.detector                     PIXEL 
_diffrn_detector.diffrn_id                    1 
_diffrn_detector.type                         'DECTRIS EIGER X 16M' 
_diffrn_detector.area_resol_mean              ? 
_diffrn_detector.dtime                        ? 
_diffrn_detector.pdbx_frames_total            ? 
_diffrn_detector.pdbx_collection_time_total   ? 
_diffrn_detector.pdbx_collection_date         2019-06-15 
_diffrn_detector.pdbx_frequency               ? 
# 
_diffrn_radiation.collimation                      ? 
_diffrn_radiation.diffrn_id                        1 
_diffrn_radiation.filter_edge                      ? 
_diffrn_radiation.inhomogeneity                    ? 
_diffrn_radiation.monochromator                    ? 
_diffrn_radiation.polarisn_norm                    ? 
_diffrn_radiation.polarisn_ratio                   ? 
_diffrn_radiation.probe                            ? 
_diffrn_radiation.type                             ? 
_diffrn_radiation.xray_symbol                      ? 
_diffrn_radiation.wavelength_id                    1 
_diffrn_radiation.pdbx_monochromatic_or_laue_m_l   M 
_diffrn_radiation.pdbx_wavelength_list             ? 
_diffrn_radiation.pdbx_wavelength                  ? 
_diffrn_radiation.pdbx_diffrn_protocol             'SINGLE WAVELENGTH' 
_diffrn_radiation.pdbx_analyzer                    ? 
_diffrn_radiation.pdbx_scattering_type             x-ray 
# 
_diffrn_radiation_wavelength.id           1 
_diffrn_radiation_wavelength.wavelength   1.1271 
_diffrn_radiation_wavelength.wt           1.0 
# 
_diffrn_source.current                     ? 
_diffrn_source.details                     ? 
_diffrn_source.diffrn_id                   1 
_diffrn_source.power                       ? 
_diffrn_source.size                        ? 
_diffrn_source.source                      SYNCHROTRON 
_diffrn_source.target                      ? 
_diffrn_source.type                        'SSRL BEAMLINE BL14-1' 
_diffrn_source.voltage                     ? 
_diffrn_source.take-off_angle              ? 
_diffrn_source.pdbx_wavelength_list        1.1271 
_diffrn_source.pdbx_wavelength             ? 
_diffrn_source.pdbx_synchrotron_beamline   BL14-1 
_diffrn_source.pdbx_synchrotron_site       SSRL 
# 
_reflns.B_iso_Wilson_estimate            ? 
_reflns.entry_id                         6TYY 
_reflns.data_reduction_details           ? 
_reflns.data_reduction_method            ? 
_reflns.d_resolution_high                1.360 
_reflns.d_resolution_low                 100.000 
_reflns.details                          ? 
_reflns.limit_h_max                      ? 
_reflns.limit_h_min                      ? 
_reflns.limit_k_max                      ? 
_reflns.limit_k_min                      ? 
_reflns.limit_l_max                      ? 
_reflns.limit_l_min                      ? 
_reflns.number_all                       ? 
_reflns.number_obs                       28219 
_reflns.observed_criterion               ? 
_reflns.observed_criterion_F_max         ? 
_reflns.observed_criterion_F_min         ? 
_reflns.observed_criterion_I_max         ? 
_reflns.observed_criterion_I_min         ? 
_reflns.observed_criterion_sigma_F       ? 
_reflns.observed_criterion_sigma_I       ? 
_reflns.percent_possible_obs             99.600 
_reflns.R_free_details                   ? 
_reflns.Rmerge_F_all                     ? 
_reflns.Rmerge_F_obs                     ? 
_reflns.Friedel_coverage                 ? 
_reflns.number_gt                        ? 
_reflns.threshold_expression             ? 
_reflns.pdbx_redundancy                  4.700 
_reflns.pdbx_Rmerge_I_obs                0.058 
_reflns.pdbx_Rmerge_I_all                ? 
_reflns.pdbx_Rsym_value                  ? 
_reflns.pdbx_netI_over_av_sigmaI         ? 
_reflns.pdbx_netI_over_sigmaI            11.000 
_reflns.pdbx_res_netI_over_av_sigmaI_2   ? 
_reflns.pdbx_res_netI_over_sigmaI_2      ? 
_reflns.pdbx_chi_squared                 1.136 
_reflns.pdbx_scaling_rejects             ? 
_reflns.pdbx_d_res_high_opt              ? 
_reflns.pdbx_d_res_low_opt               ? 
_reflns.pdbx_d_res_opt_method            ? 
_reflns.phase_calculation_details        ? 
_reflns.pdbx_Rrim_I_all                  0.066 
_reflns.pdbx_Rpim_I_all                  0.030 
_reflns.pdbx_d_opt                       ? 
_reflns.pdbx_number_measured_all         131992 
_reflns.pdbx_diffrn_id                   1 
_reflns.pdbx_ordinal                     1 
_reflns.pdbx_CC_half                     ? 
_reflns.pdbx_R_split                     ? 
# 
loop_
_reflns_shell.d_res_high 
_reflns_shell.d_res_low 
_reflns_shell.meanI_over_sigI_all 
_reflns_shell.meanI_over_sigI_obs 
_reflns_shell.number_measured_all 
_reflns_shell.number_measured_obs 
_reflns_shell.number_possible 
_reflns_shell.number_unique_all 
_reflns_shell.number_unique_obs 
_reflns_shell.percent_possible_all 
_reflns_shell.percent_possible_obs 
_reflns_shell.Rmerge_F_all 
_reflns_shell.Rmerge_F_obs 
_reflns_shell.Rmerge_I_all 
_reflns_shell.Rmerge_I_obs 
_reflns_shell.meanI_over_sigI_gt 
_reflns_shell.meanI_over_uI_all 
_reflns_shell.meanI_over_uI_gt 
_reflns_shell.number_measured_gt 
_reflns_shell.number_unique_gt 
_reflns_shell.percent_possible_gt 
_reflns_shell.Rmerge_F_gt 
_reflns_shell.Rmerge_I_gt 
_reflns_shell.pdbx_redundancy 
_reflns_shell.pdbx_Rsym_value 
_reflns_shell.pdbx_chi_squared 
_reflns_shell.pdbx_netI_over_sigmaI_all 
_reflns_shell.pdbx_netI_over_sigmaI_obs 
_reflns_shell.pdbx_Rrim_I_all 
_reflns_shell.pdbx_Rpim_I_all 
_reflns_shell.pdbx_rejects 
_reflns_shell.pdbx_ordinal 
_reflns_shell.pdbx_diffrn_id 
_reflns_shell.pdbx_CC_half 
_reflns_shell.pdbx_R_split 
1.360 1.380   ? ? ? ? ? ? 1367 96.300  ? ? ? ? 0.924 ? ? ? ? ? ? ? ? 2.900 ? 0.812 ? ? 1.134 0.642 ? 1  1 0.624 ? 
1.380 1.410   ? ? ? ? ? ? 1386 99.800  ? ? ? ? 0.889 ? ? ? ? ? ? ? ? 4.100 ? 0.524 ? ? 1.022 0.496 ? 2  1 0.689 ? 
1.410 1.440   ? ? ? ? ? ? 1405 100.000 ? ? ? ? 0.757 ? ? ? ? ? ? ? ? 4.700 ? 0.591 ? ? 0.853 0.388 ? 3  1 0.735 ? 
1.440 1.470   ? ? ? ? ? ? 1393 100.000 ? ? ? ? 0.656 ? ? ? ? ? ? ? ? 4.800 ? 0.743 ? ? 0.737 0.332 ? 4  1 0.813 ? 
1.470 1.500   ? ? ? ? ? ? 1421 99.900  ? ? ? ? 0.520 ? ? ? ? ? ? ? ? 4.900 ? 0.734 ? ? 0.583 0.260 ? 5  1 0.839 ? 
1.500 1.530   ? ? ? ? ? ? 1399 99.600  ? ? ? ? 0.478 ? ? ? ? ? ? ? ? 4.800 ? 0.940 ? ? 0.539 0.245 ? 6  1 0.858 ? 
1.530 1.570   ? ? ? ? ? ? 1415 99.800  ? ? ? ? 0.323 ? ? ? ? ? ? ? ? 4.800 ? 0.577 ? ? 0.362 0.162 ? 7  1 0.924 ? 
1.570 1.610   ? ? ? ? ? ? 1397 99.900  ? ? ? ? 0.262 ? ? ? ? ? ? ? ? 4.700 ? 0.571 ? ? 0.296 0.135 ? 8  1 0.945 ? 
1.610 1.660   ? ? ? ? ? ? 1411 99.800  ? ? ? ? 0.214 ? ? ? ? ? ? ? ? 4.200 ? 0.570 ? ? 0.244 0.117 ? 9  1 0.960 ? 
1.660 1.710   ? ? ? ? ? ? 1395 99.600  ? ? ? ? 0.181 ? ? ? ? ? ? ? ? 4.900 ? 0.615 ? ? 0.202 0.089 ? 10 1 0.977 ? 
1.710 1.770   ? ? ? ? ? ? 1431 99.900  ? ? ? ? 0.149 ? ? ? ? ? ? ? ? 5.100 ? 0.668 ? ? 0.166 0.072 ? 11 1 0.983 ? 
1.770 1.850   ? ? ? ? ? ? 1386 99.900  ? ? ? ? 0.110 ? ? ? ? ? ? ? ? 5.100 ? 0.706 ? ? 0.122 0.053 ? 12 1 0.992 ? 
1.850 1.930   ? ? ? ? ? ? 1418 99.800  ? ? ? ? 0.119 ? ? ? ? ? ? ? ? 4.900 ? 1.391 ? ? 0.133 0.059 ? 13 1 0.988 ? 
1.930 2.030   ? ? ? ? ? ? 1404 99.900  ? ? ? ? 0.074 ? ? ? ? ? ? ? ? 4.900 ? 1.149 ? ? 0.083 0.037 ? 14 1 0.995 ? 
2.030 2.160   ? ? ? ? ? ? 1421 99.600  ? ? ? ? 0.070 ? ? ? ? ? ? ? ? 4.600 ? 1.554 ? ? 0.079 0.037 ? 15 1 0.991 ? 
2.160 2.330   ? ? ? ? ? ? 1406 99.600  ? ? ? ? 0.056 ? ? ? ? ? ? ? ? 4.200 ? 1.658 ? ? 0.065 0.032 ? 16 1 0.993 ? 
2.330 2.560   ? ? ? ? ? ? 1434 100.000 ? ? ? ? 0.050 ? ? ? ? ? ? ? ? 5.300 ? 1.788 ? ? 0.055 0.024 ? 17 1 0.997 ? 
2.560 2.930   ? ? ? ? ? ? 1425 99.900  ? ? ? ? 0.043 ? ? ? ? ? ? ? ? 5.200 ? 2.073 ? ? 0.048 0.021 ? 18 1 0.998 ? 
2.930 3.690   ? ? ? ? ? ? 1433 99.700  ? ? ? ? 0.037 ? ? ? ? ? ? ? ? 4.900 ? 2.430 ? ? 0.042 0.019 ? 19 1 0.998 ? 
3.690 100.000 ? ? ? ? ? ? 1472 98.800  ? ? ? ? 0.029 ? ? ? ? ? ? ? ? 4.600 ? 2.145 ? ? 0.033 0.015 ? 20 1 0.999 ? 
# 
_refine.aniso_B[1][1]                            ? 
_refine.aniso_B[1][2]                            ? 
_refine.aniso_B[1][3]                            ? 
_refine.aniso_B[2][2]                            ? 
_refine.aniso_B[2][3]                            ? 
_refine.aniso_B[3][3]                            ? 
_refine.B_iso_max                                73.690 
_refine.B_iso_mean                               19.5345 
_refine.B_iso_min                                7.770 
_refine.correlation_coeff_Fo_to_Fc               ? 
_refine.correlation_coeff_Fo_to_Fc_free          ? 
_refine.details                                  ? 
_refine.diff_density_max                         ? 
_refine.diff_density_max_esd                     ? 
_refine.diff_density_min                         ? 
_refine.diff_density_min_esd                     ? 
_refine.diff_density_rms                         ? 
_refine.diff_density_rms_esd                     ? 
_refine.entry_id                                 6TYY 
_refine.pdbx_refine_id                           'X-RAY DIFFRACTION' 
_refine.ls_abs_structure_details                 ? 
_refine.ls_abs_structure_Flack                   ? 
_refine.ls_abs_structure_Flack_esd               ? 
_refine.ls_abs_structure_Rogers                  ? 
_refine.ls_abs_structure_Rogers_esd              ? 
_refine.ls_d_res_high                            1.3600 
_refine.ls_d_res_low                             25.6560 
_refine.ls_extinction_coef                       ? 
_refine.ls_extinction_coef_esd                   ? 
_refine.ls_extinction_expression                 ? 
_refine.ls_extinction_method                     ? 
_refine.ls_goodness_of_fit_all                   ? 
_refine.ls_goodness_of_fit_all_esd               ? 
_refine.ls_goodness_of_fit_obs                   ? 
_refine.ls_goodness_of_fit_obs_esd               ? 
_refine.ls_hydrogen_treatment                    ? 
_refine.ls_matrix_type                           ? 
_refine.ls_number_constraints                    ? 
_refine.ls_number_parameters                     ? 
_refine.ls_number_reflns_all                     ? 
_refine.ls_number_reflns_obs                     28172 
_refine.ls_number_reflns_R_free                  1994 
_refine.ls_number_reflns_R_work                  ? 
_refine.ls_number_restraints                     ? 
_refine.ls_percent_reflns_obs                    99.5200 
_refine.ls_percent_reflns_R_free                 7.0800 
_refine.ls_R_factor_all                          ? 
_refine.ls_R_factor_obs                          0.1722 
_refine.ls_R_factor_R_free                       0.1949 
_refine.ls_R_factor_R_free_error                 ? 
_refine.ls_R_factor_R_free_error_details         ? 
_refine.ls_R_factor_R_work                       0.1705 
_refine.ls_R_Fsqd_factor_obs                     ? 
_refine.ls_R_I_factor_obs                        ? 
_refine.ls_redundancy_reflns_all                 ? 
_refine.ls_redundancy_reflns_obs                 ? 
_refine.ls_restrained_S_all                      ? 
_refine.ls_restrained_S_obs                      ? 
_refine.ls_shift_over_esd_max                    ? 
_refine.ls_shift_over_esd_mean                   ? 
_refine.ls_structure_factor_coef                 ? 
_refine.ls_weighting_details                     ? 
_refine.ls_weighting_scheme                      ? 
_refine.ls_wR_factor_all                         ? 
_refine.ls_wR_factor_obs                         ? 
_refine.ls_wR_factor_R_free                      ? 
_refine.ls_wR_factor_R_work                      ? 
_refine.occupancy_max                            ? 
_refine.occupancy_min                            ? 
_refine.solvent_model_details                    ? 
_refine.solvent_model_param_bsol                 ? 
_refine.solvent_model_param_ksol                 ? 
_refine.ls_R_factor_gt                           ? 
_refine.ls_goodness_of_fit_gt                    ? 
_refine.ls_goodness_of_fit_ref                   ? 
_refine.ls_shift_over_su_max                     ? 
_refine.ls_shift_over_su_max_lt                  ? 
_refine.ls_shift_over_su_mean                    ? 
_refine.ls_shift_over_su_mean_lt                 ? 
_refine.pdbx_ls_sigma_I                          ? 
_refine.pdbx_ls_sigma_F                          1.340 
_refine.pdbx_ls_sigma_Fsqd                       ? 
_refine.pdbx_data_cutoff_high_absF               ? 
_refine.pdbx_data_cutoff_high_rms_absF           ? 
_refine.pdbx_data_cutoff_low_absF                ? 
_refine.pdbx_isotropic_thermal_model             ? 
_refine.pdbx_ls_cross_valid_method               THROUGHOUT 
_refine.pdbx_method_to_determine_struct          'MOLECULAR REPLACEMENT' 
_refine.pdbx_starting_model                      1AT0 
_refine.pdbx_stereochemistry_target_values       ? 
_refine.pdbx_R_Free_selection_details            ? 
_refine.pdbx_stereochem_target_val_spec_case     ? 
_refine.pdbx_overall_ESU_R                       ? 
_refine.pdbx_overall_ESU_R_Free                  ? 
_refine.pdbx_solvent_vdw_probe_radii             1.1100 
_refine.pdbx_solvent_ion_probe_radii             ? 
_refine.pdbx_solvent_shrinkage_radii             0.9000 
_refine.pdbx_real_space_R                        ? 
_refine.pdbx_density_correlation                 ? 
_refine.pdbx_pd_number_of_powder_patterns        ? 
_refine.pdbx_pd_number_of_points                 ? 
_refine.pdbx_pd_meas_number_of_points            ? 
_refine.pdbx_pd_proc_ls_prof_R_factor            ? 
_refine.pdbx_pd_proc_ls_prof_wR_factor           ? 
_refine.pdbx_pd_Marquardt_correlation_coeff      ? 
_refine.pdbx_pd_Fsqrd_R_factor                   ? 
_refine.pdbx_pd_ls_matrix_band_width             ? 
_refine.pdbx_overall_phase_error                 21.7200 
_refine.pdbx_overall_SU_R_free_Cruickshank_DPI   ? 
_refine.pdbx_overall_SU_R_free_Blow_DPI          ? 
_refine.pdbx_overall_SU_R_Blow_DPI               ? 
_refine.pdbx_TLS_residual_ADP_flag               ? 
_refine.pdbx_diffrn_id                           1 
_refine.overall_SU_B                             ? 
_refine.overall_SU_ML                            0.2100 
_refine.overall_SU_R_Cruickshank_DPI             ? 
_refine.overall_SU_R_free                        ? 
_refine.overall_FOM_free_R_set                   ? 
_refine.overall_FOM_work_R_set                   ? 
_refine.pdbx_average_fsc_overall                 ? 
_refine.pdbx_average_fsc_work                    ? 
_refine.pdbx_average_fsc_free                    ? 
# 
_refine_hist.pdbx_refine_id                   'X-RAY DIFFRACTION' 
_refine_hist.cycle_id                         final 
_refine_hist.details                          ? 
_refine_hist.d_res_high                       1.3600 
_refine_hist.d_res_low                        25.6560 
_refine_hist.number_atoms_solvent             161 
_refine_hist.number_atoms_total               1283 
_refine_hist.number_reflns_all                ? 
_refine_hist.number_reflns_obs                ? 
_refine_hist.number_reflns_R_free             ? 
_refine_hist.number_reflns_R_work             ? 
_refine_hist.R_factor_all                     ? 
_refine_hist.R_factor_obs                     ? 
_refine_hist.R_factor_R_free                  ? 
_refine_hist.R_factor_R_work                  ? 
_refine_hist.pdbx_number_residues_total       146 
_refine_hist.pdbx_B_iso_mean_ligand           ? 
_refine_hist.pdbx_B_iso_mean_solvent          31.26 
_refine_hist.pdbx_number_atoms_protein        1122 
_refine_hist.pdbx_number_atoms_nucleic_acid   0 
_refine_hist.pdbx_number_atoms_ligand         0 
_refine_hist.pdbx_number_atoms_lipid          ? 
_refine_hist.pdbx_number_atoms_carb           ? 
_refine_hist.pdbx_pseudo_atom_details         ? 
# 
loop_
_refine_ls_shell.pdbx_refine_id 
_refine_ls_shell.d_res_high 
_refine_ls_shell.d_res_low 
_refine_ls_shell.number_reflns_all 
_refine_ls_shell.number_reflns_obs 
_refine_ls_shell.number_reflns_R_free 
_refine_ls_shell.number_reflns_R_work 
_refine_ls_shell.percent_reflns_obs 
_refine_ls_shell.percent_reflns_R_free 
_refine_ls_shell.R_factor_all 
_refine_ls_shell.R_factor_obs 
_refine_ls_shell.R_factor_R_free 
_refine_ls_shell.R_factor_R_free_error 
_refine_ls_shell.R_factor_R_work 
_refine_ls_shell.redundancy_reflns_all 
_refine_ls_shell.redundancy_reflns_obs 
_refine_ls_shell.wR_factor_all 
_refine_ls_shell.wR_factor_obs 
_refine_ls_shell.wR_factor_R_free 
_refine_ls_shell.wR_factor_R_work 
_refine_ls_shell.pdbx_total_number_of_bins_used 
_refine_ls_shell.pdbx_phase_error 
_refine_ls_shell.pdbx_fsc_work 
_refine_ls_shell.pdbx_fsc_free 
'X-RAY DIFFRACTION' 1.3603 1.3944  . . 140 1807 96.0000  . . . 0.4362 0.0000 0.4232 . . . . . . . . . . 
'X-RAY DIFFRACTION' 1.3944 1.4321  . . 142 1842 100.0000 . . . 0.4015 0.0000 0.3544 . . . . . . . . . . 
'X-RAY DIFFRACTION' 1.4321 1.4742  . . 142 1858 100.0000 . . . 0.3695 0.0000 0.2836 . . . . . . . . . . 
'X-RAY DIFFRACTION' 1.4742 1.5218  . . 141 1869 100.0000 . . . 0.2984 0.0000 0.2282 . . . . . . . . . . 
'X-RAY DIFFRACTION' 1.5218 1.5762  . . 141 1864 100.0000 . . . 0.2519 0.0000 0.2071 . . . . . . . . . . 
'X-RAY DIFFRACTION' 1.5762 1.6393  . . 142 1869 100.0000 . . . 0.2097 0.0000 0.1931 . . . . . . . . . . 
'X-RAY DIFFRACTION' 1.6393 1.7138  . . 139 1850 100.0000 . . . 0.2007 0.0000 0.1880 . . . . . . . . . . 
'X-RAY DIFFRACTION' 1.7138 1.8042  . . 143 1881 100.0000 . . . 0.2320 0.0000 0.1744 . . . . . . . . . . 
'X-RAY DIFFRACTION' 1.8042 1.9172  . . 141 1868 100.0000 . . . 0.1944 0.0000 0.1776 . . . . . . . . . . 
'X-RAY DIFFRACTION' 1.9172 2.0652  . . 147 1881 100.0000 . . . 0.1937 0.0000 0.1574 . . . . . . . . . . 
'X-RAY DIFFRACTION' 2.0652 2.2729  . . 139 1858 100.0000 . . . 0.1764 0.0000 0.1512 . . . . . . . . . . 
'X-RAY DIFFRACTION' 2.2729 2.6015  . . 141 1889 100.0000 . . . 0.1595 0.0000 0.1660 . . . . . . . . . . 
'X-RAY DIFFRACTION' 2.6015 3.2765  . . 147 1901 100.0000 . . . 0.1779 0.0000 0.1539 . . . . . . . . . . 
'X-RAY DIFFRACTION' 3.2765 25.6560 . . 149 1941 100.0000 . . . 0.1549 0.0000 0.1382 . . . . . . . . . . 
# 
_struct.entry_id                     6TYY 
_struct.title                        'Hedgehog autoprocessing mutant D46H' 
_struct.pdbx_model_details           ? 
_struct.pdbx_formula_weight          ? 
_struct.pdbx_formula_weight_method   ? 
_struct.pdbx_model_type_details      ? 
_struct.pdbx_CASP_flag               N 
# 
_struct_keywords.entry_id        6TYY 
_struct_keywords.text            'Hedgehog autoprocessing doamin, SIGNALING PROTEIN' 
_struct_keywords.pdbx_keywords   'SIGNALING PROTEIN' 
# 
loop_
_struct_asym.id 
_struct_asym.pdbx_blank_PDB_chainid_flag 
_struct_asym.pdbx_modified 
_struct_asym.entity_id 
_struct_asym.details 
A N N 1 ? 
B N N 2 ? 
# 
_struct_ref.id                         1 
_struct_ref.db_name                    UNP 
_struct_ref.db_code                    HH_DROME 
_struct_ref.pdbx_db_accession          Q02936 
_struct_ref.pdbx_db_isoform            ? 
_struct_ref.entity_id                  1 
_struct_ref.pdbx_seq_one_letter_code   
;CFTPESTALLESGVRKPLGELSIGDRVLSMTANGQAVYSEVILFMDRNLEQMQNFVQLHTDGGAVLTVTPAHLVSVWQPE
SQKLTFVFADRIEEKNQVLVRDVETGELRPQRVVKVGSVRSKGVVAPLTREGTIVVNSVAASCYAV
;
_struct_ref.pdbx_align_begin           258 
# 
_struct_ref_seq.align_id                      1 
_struct_ref_seq.ref_id                        1 
_struct_ref_seq.pdbx_PDB_id_code              6TYY 
_struct_ref_seq.pdbx_strand_id                A 
_struct_ref_seq.seq_align_beg                 1 
_struct_ref_seq.pdbx_seq_align_beg_ins_code   ? 
_struct_ref_seq.seq_align_end                 146 
_struct_ref_seq.pdbx_seq_align_end_ins_code   ? 
_struct_ref_seq.pdbx_db_accession             Q02936 
_struct_ref_seq.db_align_beg                  258 
_struct_ref_seq.pdbx_db_align_beg_ins_code    ? 
_struct_ref_seq.db_align_end                  403 
_struct_ref_seq.pdbx_db_align_end_ins_code    ? 
_struct_ref_seq.pdbx_auth_seq_align_beg       258 
_struct_ref_seq.pdbx_auth_seq_align_end       403 
# 
_struct_ref_seq_dif.align_id                     1 
_struct_ref_seq_dif.pdbx_pdb_id_code             6TYY 
_struct_ref_seq_dif.mon_id                       HIS 
_struct_ref_seq_dif.pdbx_pdb_strand_id           A 
_struct_ref_seq_dif.seq_num                      46 
_struct_ref_seq_dif.pdbx_pdb_ins_code            ? 
_struct_ref_seq_dif.pdbx_seq_db_name             UNP 
_struct_ref_seq_dif.pdbx_seq_db_accession_code   Q02936 
_struct_ref_seq_dif.db_mon_id                    ASP 
_struct_ref_seq_dif.pdbx_seq_db_seq_num          303 
_struct_ref_seq_dif.details                      'engineered mutation' 
_struct_ref_seq_dif.pdbx_auth_seq_num            303 
_struct_ref_seq_dif.pdbx_ordinal                 1 
# 
_pdbx_struct_assembly.id                   1 
_pdbx_struct_assembly.details              author_and_software_defined_assembly 
_pdbx_struct_assembly.method_details       PISA 
_pdbx_struct_assembly.oligomeric_details   monomeric 
_pdbx_struct_assembly.oligomeric_count     1 
# 
_pdbx_struct_assembly_gen.assembly_id       1 
_pdbx_struct_assembly_gen.oper_expression   1 
_pdbx_struct_assembly_gen.asym_id_list      A,B 
# 
_pdbx_struct_assembly_auth_evidence.id                     1 
_pdbx_struct_assembly_auth_evidence.assembly_id            1 
_pdbx_struct_assembly_auth_evidence.experimental_support   'gel filtration' 
_pdbx_struct_assembly_auth_evidence.details                ? 
# 
_pdbx_struct_oper_list.id                   1 
_pdbx_struct_oper_list.type                 'identity operation' 
_pdbx_struct_oper_list.name                 1_555 
_pdbx_struct_oper_list.symmetry_operation   x,y,z 
_pdbx_struct_oper_list.matrix[1][1]         1.0000000000 
_pdbx_struct_oper_list.matrix[1][2]         0.0000000000 
_pdbx_struct_oper_list.matrix[1][3]         0.0000000000 
_pdbx_struct_oper_list.vector[1]            0.0000000000 
_pdbx_struct_oper_list.matrix[2][1]         0.0000000000 
_pdbx_struct_oper_list.matrix[2][2]         1.0000000000 
_pdbx_struct_oper_list.matrix[2][3]         0.0000000000 
_pdbx_struct_oper_list.vector[2]            0.0000000000 
_pdbx_struct_oper_list.matrix[3][1]         0.0000000000 
_pdbx_struct_oper_list.matrix[3][2]         0.0000000000 
_pdbx_struct_oper_list.matrix[3][3]         1.0000000000 
_pdbx_struct_oper_list.vector[3]            0.0000000000 
# 
_struct_conf.conf_type_id            HELX_P 
_struct_conf.id                      HELX_P1 
_struct_conf.pdbx_PDB_helix_id       AA1 
_struct_conf.beg_label_comp_id       ASP 
_struct_conf.beg_label_asym_id       A 
_struct_conf.beg_label_seq_id        90 
_struct_conf.pdbx_beg_PDB_ins_code   ? 
_struct_conf.end_label_comp_id       ILE 
_struct_conf.end_label_asym_id       A 
_struct_conf.end_label_seq_id        92 
_struct_conf.pdbx_end_PDB_ins_code   ? 
_struct_conf.beg_auth_comp_id        ASP 
_struct_conf.beg_auth_asym_id        A 
_struct_conf.beg_auth_seq_id         347 
_struct_conf.end_auth_comp_id        ILE 
_struct_conf.end_auth_asym_id        A 
_struct_conf.end_auth_seq_id         349 
_struct_conf.pdbx_PDB_helix_class    5 
_struct_conf.details                 ? 
_struct_conf.pdbx_PDB_helix_length   3 
# 
_struct_conf_type.id          HELX_P 
_struct_conf_type.criteria    ? 
_struct_conf_type.reference   ? 
# 
_struct_conn.id                            covale1 
_struct_conn.conn_type_id                  covale 
_struct_conn.pdbx_leaving_atom_flag        both 
_struct_conn.pdbx_PDB_id                   ? 
_struct_conn.ptnr1_label_asym_id           A 
_struct_conn.ptnr1_label_comp_id           CSD 
_struct_conn.ptnr1_label_seq_id            1 
_struct_conn.ptnr1_label_atom_id           C 
_struct_conn.pdbx_ptnr1_label_alt_id       ? 
_struct_conn.pdbx_ptnr1_PDB_ins_code       ? 
_struct_conn.pdbx_ptnr1_standard_comp_id   ? 
_struct_conn.ptnr1_symmetry                1_555 
_struct_conn.ptnr2_label_asym_id           A 
_struct_conn.ptnr2_label_comp_id           PHE 
_struct_conn.ptnr2_label_seq_id            2 
_struct_conn.ptnr2_label_atom_id           N 
_struct_conn.pdbx_ptnr2_label_alt_id       ? 
_struct_conn.pdbx_ptnr2_PDB_ins_code       ? 
_struct_conn.ptnr1_auth_asym_id            A 
_struct_conn.ptnr1_auth_comp_id            CSD 
_struct_conn.ptnr1_auth_seq_id             258 
_struct_conn.ptnr2_auth_asym_id            A 
_struct_conn.ptnr2_auth_comp_id            PHE 
_struct_conn.ptnr2_auth_seq_id             259 
_struct_conn.ptnr2_symmetry                1_555 
_struct_conn.pdbx_ptnr3_label_atom_id      ? 
_struct_conn.pdbx_ptnr3_label_seq_id       ? 
_struct_conn.pdbx_ptnr3_label_comp_id      ? 
_struct_conn.pdbx_ptnr3_label_asym_id      ? 
_struct_conn.pdbx_ptnr3_label_alt_id       ? 
_struct_conn.pdbx_ptnr3_PDB_ins_code       ? 
_struct_conn.details                       ? 
_struct_conn.pdbx_dist_value               1.336 
_struct_conn.pdbx_value_order              ? 
_struct_conn.pdbx_role                     ? 
# 
_struct_conn_type.id          covale 
_struct_conn_type.criteria    ? 
_struct_conn_type.reference   ? 
# 
loop_
_pdbx_modification_feature.ordinal 
_pdbx_modification_feature.label_comp_id 
_pdbx_modification_feature.label_asym_id 
_pdbx_modification_feature.label_seq_id 
_pdbx_modification_feature.label_alt_id 
_pdbx_modification_feature.modified_residue_label_comp_id 
_pdbx_modification_feature.modified_residue_label_asym_id 
_pdbx_modification_feature.modified_residue_label_seq_id 
_pdbx_modification_feature.modified_residue_label_alt_id 
_pdbx_modification_feature.auth_comp_id 
_pdbx_modification_feature.auth_asym_id 
_pdbx_modification_feature.auth_seq_id 
_pdbx_modification_feature.PDB_ins_code 
_pdbx_modification_feature.symmetry 
_pdbx_modification_feature.modified_residue_auth_comp_id 
_pdbx_modification_feature.modified_residue_auth_asym_id 
_pdbx_modification_feature.modified_residue_auth_seq_id 
_pdbx_modification_feature.modified_residue_PDB_ins_code 
_pdbx_modification_feature.modified_residue_symmetry 
_pdbx_modification_feature.comp_id_linking_atom 
_pdbx_modification_feature.modified_residue_id_linking_atom 
_pdbx_modification_feature.modified_residue_id 
_pdbx_modification_feature.ref_pcm_id 
_pdbx_modification_feature.ref_comp_id 
_pdbx_modification_feature.type 
_pdbx_modification_feature.category 
1 CSD A 1 ? . . . . CSD A 258 ? 1_555 . . . . . . . CYS 1 CSD Oxidation     'Named protein modification' 
2 CSD A 1 ? . . . . CSD A 258 ? 1_555 . . . . . . . CYS 2 CSD Hydroxylation 'Named protein modification' 
# 
loop_
_struct_sheet.id 
_struct_sheet.type 
_struct_sheet.number_strands 
_struct_sheet.details 
AA1 ? 2 ? 
AA2 ? 6 ? 
AA3 ? 4 ? 
AA4 ? 6 ? 
# 
loop_
_struct_sheet_order.sheet_id 
_struct_sheet_order.range_id_1 
_struct_sheet_order.range_id_2 
_struct_sheet_order.offset 
_struct_sheet_order.sense 
AA1 1 2 ? anti-parallel 
AA2 1 2 ? anti-parallel 
AA2 2 3 ? anti-parallel 
AA2 3 4 ? anti-parallel 
AA2 4 5 ? anti-parallel 
AA2 5 6 ? anti-parallel 
AA3 1 2 ? anti-parallel 
AA3 2 3 ? anti-parallel 
AA3 3 4 ? anti-parallel 
AA4 1 2 ? anti-parallel 
AA4 2 3 ? anti-parallel 
AA4 3 4 ? anti-parallel 
AA4 4 5 ? anti-parallel 
AA4 5 6 ? anti-parallel 
# 
loop_
_struct_sheet_range.sheet_id 
_struct_sheet_range.id 
_struct_sheet_range.beg_label_comp_id 
_struct_sheet_range.beg_label_asym_id 
_struct_sheet_range.beg_label_seq_id 
_struct_sheet_range.pdbx_beg_PDB_ins_code 
_struct_sheet_range.end_label_comp_id 
_struct_sheet_range.end_label_asym_id 
_struct_sheet_range.end_label_seq_id 
_struct_sheet_range.pdbx_end_PDB_ins_code 
_struct_sheet_range.beg_auth_comp_id 
_struct_sheet_range.beg_auth_asym_id 
_struct_sheet_range.beg_auth_seq_id 
_struct_sheet_range.end_auth_comp_id 
_struct_sheet_range.end_auth_asym_id 
_struct_sheet_range.end_auth_seq_id 
AA1 1 THR A 7   ? LEU A 9   ? THR A 264 LEU A 266 
AA1 2 ARG A 15  ? PRO A 17  ? ARG A 272 PRO A 274 
AA2 1 ARG A 26  ? MET A 30  ? ARG A 283 MET A 287 
AA2 2 ALA A 36  ? THR A 60  ? ALA A 293 THR A 317 
AA2 3 LEU A 108 ? THR A 129 ? LEU A 365 THR A 386 
AA2 4 GLN A 97  ? ARG A 101 ? GLN A 354 ARG A 358 
AA2 5 VAL A 139 ? ALA A 145 ? VAL A 396 ALA A 402 
AA2 6 THR A 133 ? VAL A 136 ? THR A 390 VAL A 393 
AA3 1 LYS A 83  ? PHE A 88  ? LYS A 340 PHE A 345 
AA3 2 HIS A 72  ? GLN A 78  ? HIS A 329 GLN A 335 
AA3 3 VAL A 139 ? ALA A 145 ? VAL A 396 ALA A 402 
AA3 4 THR A 133 ? VAL A 136 ? THR A 390 VAL A 393 
AA4 1 VAL A 65  ? VAL A 68  ? VAL A 322 VAL A 325 
AA4 2 ALA A 36  ? THR A 60  ? ALA A 293 THR A 317 
AA4 3 LEU A 108 ? THR A 129 ? LEU A 365 THR A 386 
AA4 4 GLN A 97  ? ARG A 101 ? GLN A 354 ARG A 358 
AA4 5 HIS A 72  ? GLN A 78  ? HIS A 329 GLN A 335 
AA4 6 LYS A 83  ? PHE A 88  ? LYS A 340 PHE A 345 
# 
loop_
_pdbx_struct_sheet_hbond.sheet_id 
_pdbx_struct_sheet_hbond.range_id_1 
_pdbx_struct_sheet_hbond.range_id_2 
_pdbx_struct_sheet_hbond.range_1_label_atom_id 
_pdbx_struct_sheet_hbond.range_1_label_comp_id 
_pdbx_struct_sheet_hbond.range_1_label_asym_id 
_pdbx_struct_sheet_hbond.range_1_label_seq_id 
_pdbx_struct_sheet_hbond.range_1_PDB_ins_code 
_pdbx_struct_sheet_hbond.range_1_auth_atom_id 
_pdbx_struct_sheet_hbond.range_1_auth_comp_id 
_pdbx_struct_sheet_hbond.range_1_auth_asym_id 
_pdbx_struct_sheet_hbond.range_1_auth_seq_id 
_pdbx_struct_sheet_hbond.range_2_label_atom_id 
_pdbx_struct_sheet_hbond.range_2_label_comp_id 
_pdbx_struct_sheet_hbond.range_2_label_asym_id 
_pdbx_struct_sheet_hbond.range_2_label_seq_id 
_pdbx_struct_sheet_hbond.range_2_PDB_ins_code 
_pdbx_struct_sheet_hbond.range_2_auth_atom_id 
_pdbx_struct_sheet_hbond.range_2_auth_comp_id 
_pdbx_struct_sheet_hbond.range_2_auth_asym_id 
_pdbx_struct_sheet_hbond.range_2_auth_seq_id 
AA1 1 2 N ALA A 8   ? N ALA A 265 O LYS A 16  ? O LYS A 273 
AA2 1 2 N VAL A 27  ? N VAL A 284 O SER A 39  ? O SER A 296 
AA2 2 3 N LEU A 43  ? N LEU A 300 O LEU A 128 ? O LEU A 385 
AA2 3 4 O ARG A 109 ? O ARG A 366 N VAL A 100 ? N VAL A 357 
AA2 4 5 N LEU A 99  ? N LEU A 356 O ALA A 140 ? O ALA A 397 
AA2 5 6 O ALA A 141 ? O ALA A 398 N ILE A 134 ? N ILE A 391 
AA3 1 2 O VAL A 87  ? O VAL A 344 N VAL A 74  ? N VAL A 331 
AA3 2 3 N LEU A 73  ? N LEU A 330 O SER A 142 ? O SER A 399 
AA3 3 4 O ALA A 141 ? O ALA A 398 N ILE A 134 ? N ILE A 391 
AA4 1 2 O VAL A 68  ? O VAL A 325 N VAL A 56  ? N VAL A 313 
AA4 2 3 N LEU A 43  ? N LEU A 300 O LEU A 128 ? O LEU A 385 
AA4 3 4 O ARG A 109 ? O ARG A 366 N VAL A 100 ? N VAL A 357 
AA4 4 5 O GLN A 97  ? O GLN A 354 N TRP A 77  ? N TRP A 334 
AA4 5 6 N VAL A 74  ? N VAL A 331 O VAL A 87  ? O VAL A 344 
# 
_pdbx_entry_details.entry_id                   6TYY 
_pdbx_entry_details.has_ligand_of_interest     N 
_pdbx_entry_details.compound_details           ? 
_pdbx_entry_details.source_details             ? 
_pdbx_entry_details.nonpolymer_details         ? 
_pdbx_entry_details.sequence_details           ? 
_pdbx_entry_details.has_protein_modification   Y 
# 
loop_
_pdbx_validate_close_contact.id 
_pdbx_validate_close_contact.PDB_model_num 
_pdbx_validate_close_contact.auth_atom_id_1 
_pdbx_validate_close_contact.auth_asym_id_1 
_pdbx_validate_close_contact.auth_comp_id_1 
_pdbx_validate_close_contact.auth_seq_id_1 
_pdbx_validate_close_contact.PDB_ins_code_1 
_pdbx_validate_close_contact.label_alt_id_1 
_pdbx_validate_close_contact.auth_atom_id_2 
_pdbx_validate_close_contact.auth_asym_id_2 
_pdbx_validate_close_contact.auth_comp_id_2 
_pdbx_validate_close_contact.auth_seq_id_2 
_pdbx_validate_close_contact.PDB_ins_code_2 
_pdbx_validate_close_contact.label_alt_id_2 
_pdbx_validate_close_contact.dist 
1  1 O   A HOH 570 ? ? O A HOH 613 ? ? 1.77 
2  1 O   A HOH 501 ? ? O A HOH 548 ? ? 1.85 
3  1 O   A HOH 607 ? ? O A HOH 655 ? ? 1.95 
4  1 O   A HOH 566 ? ? O A HOH 593 ? ? 1.97 
5  1 O   A HOH 575 ? ? O A HOH 609 ? ? 2.09 
6  1 O   A HOH 635 ? ? O A HOH 653 ? ? 2.10 
7  1 O   A HOH 594 ? ? O A HOH 659 ? ? 2.10 
8  1 O   A HOH 509 ? ? O A HOH 568 ? ? 2.11 
9  1 NZ  A LYS 352 ? ? O A HOH 501 ? ? 2.15 
10 1 OE1 A GLU 351 ? ? O A HOH 501 ? ? 2.19 
11 1 O   A HOH 619 ? ? O A HOH 637 ? ? 2.19 
# 
_pdbx_validate_torsion.id              1 
_pdbx_validate_torsion.PDB_model_num   1 
_pdbx_validate_torsion.auth_comp_id    LYS 
_pdbx_validate_torsion.auth_asym_id    A 
_pdbx_validate_torsion.auth_seq_id     352 
_pdbx_validate_torsion.PDB_ins_code    ? 
_pdbx_validate_torsion.label_alt_id    ? 
_pdbx_validate_torsion.phi             77.80 
_pdbx_validate_torsion.psi             -15.94 
# 
_pdbx_struct_mod_residue.id               1 
_pdbx_struct_mod_residue.label_asym_id    A 
_pdbx_struct_mod_residue.label_comp_id    CSD 
_pdbx_struct_mod_residue.label_seq_id     1 
_pdbx_struct_mod_residue.auth_asym_id     A 
_pdbx_struct_mod_residue.auth_comp_id     CSD 
_pdbx_struct_mod_residue.auth_seq_id      258 
_pdbx_struct_mod_residue.PDB_ins_code     ? 
_pdbx_struct_mod_residue.parent_comp_id   CYS 
_pdbx_struct_mod_residue.details          'modified residue' 
# 
loop_
_chem_comp_atom.comp_id 
_chem_comp_atom.atom_id 
_chem_comp_atom.type_symbol 
_chem_comp_atom.pdbx_aromatic_flag 
_chem_comp_atom.pdbx_stereo_config 
_chem_comp_atom.pdbx_ordinal 
ALA N    N N N 1   
ALA CA   C N S 2   
ALA C    C N N 3   
ALA O    O N N 4   
ALA CB   C N N 5   
ALA OXT  O N N 6   
ALA H    H N N 7   
ALA H2   H N N 8   
ALA HA   H N N 9   
ALA HB1  H N N 10  
ALA HB2  H N N 11  
ALA HB3  H N N 12  
ALA HXT  H N N 13  
ARG N    N N N 14  
ARG CA   C N S 15  
ARG C    C N N 16  
ARG O    O N N 17  
ARG CB   C N N 18  
ARG CG   C N N 19  
ARG CD   C N N 20  
ARG NE   N N N 21  
ARG CZ   C N N 22  
ARG NH1  N N N 23  
ARG NH2  N N N 24  
ARG OXT  O N N 25  
ARG H    H N N 26  
ARG H2   H N N 27  
ARG HA   H N N 28  
ARG HB2  H N N 29  
ARG HB3  H N N 30  
ARG HG2  H N N 31  
ARG HG3  H N N 32  
ARG HD2  H N N 33  
ARG HD3  H N N 34  
ARG HE   H N N 35  
ARG HH11 H N N 36  
ARG HH12 H N N 37  
ARG HH21 H N N 38  
ARG HH22 H N N 39  
ARG HXT  H N N 40  
ASN N    N N N 41  
ASN CA   C N S 42  
ASN C    C N N 43  
ASN O    O N N 44  
ASN CB   C N N 45  
ASN CG   C N N 46  
ASN OD1  O N N 47  
ASN ND2  N N N 48  
ASN OXT  O N N 49  
ASN H    H N N 50  
ASN H2   H N N 51  
ASN HA   H N N 52  
ASN HB2  H N N 53  
ASN HB3  H N N 54  
ASN HD21 H N N 55  
ASN HD22 H N N 56  
ASN HXT  H N N 57  
ASP N    N N N 58  
ASP CA   C N S 59  
ASP C    C N N 60  
ASP O    O N N 61  
ASP CB   C N N 62  
ASP CG   C N N 63  
ASP OD1  O N N 64  
ASP OD2  O N N 65  
ASP OXT  O N N 66  
ASP H    H N N 67  
ASP H2   H N N 68  
ASP HA   H N N 69  
ASP HB2  H N N 70  
ASP HB3  H N N 71  
ASP HD2  H N N 72  
ASP HXT  H N N 73  
CSD N    N N N 74  
CSD CA   C N R 75  
CSD CB   C N N 76  
CSD SG   S N N 77  
CSD C    C N N 78  
CSD O    O N N 79  
CSD OXT  O N N 80  
CSD OD1  O N N 81  
CSD OD2  O N N 82  
CSD H    H N N 83  
CSD H2   H N N 84  
CSD HA   H N N 85  
CSD HB2  H N N 86  
CSD HB3  H N N 87  
CSD HXT  H N N 88  
CSD HD2  H N N 89  
CYS N    N N N 90  
CYS CA   C N R 91  
CYS C    C N N 92  
CYS O    O N N 93  
CYS CB   C N N 94  
CYS SG   S N N 95  
CYS OXT  O N N 96  
CYS H    H N N 97  
CYS H2   H N N 98  
CYS HA   H N N 99  
CYS HB2  H N N 100 
CYS HB3  H N N 101 
CYS HG   H N N 102 
CYS HXT  H N N 103 
GLN N    N N N 104 
GLN CA   C N S 105 
GLN C    C N N 106 
GLN O    O N N 107 
GLN CB   C N N 108 
GLN CG   C N N 109 
GLN CD   C N N 110 
GLN OE1  O N N 111 
GLN NE2  N N N 112 
GLN OXT  O N N 113 
GLN H    H N N 114 
GLN H2   H N N 115 
GLN HA   H N N 116 
GLN HB2  H N N 117 
GLN HB3  H N N 118 
GLN HG2  H N N 119 
GLN HG3  H N N 120 
GLN HE21 H N N 121 
GLN HE22 H N N 122 
GLN HXT  H N N 123 
GLU N    N N N 124 
GLU CA   C N S 125 
GLU C    C N N 126 
GLU O    O N N 127 
GLU CB   C N N 128 
GLU CG   C N N 129 
GLU CD   C N N 130 
GLU OE1  O N N 131 
GLU OE2  O N N 132 
GLU OXT  O N N 133 
GLU H    H N N 134 
GLU H2   H N N 135 
GLU HA   H N N 136 
GLU HB2  H N N 137 
GLU HB3  H N N 138 
GLU HG2  H N N 139 
GLU HG3  H N N 140 
GLU HE2  H N N 141 
GLU HXT  H N N 142 
GLY N    N N N 143 
GLY CA   C N N 144 
GLY C    C N N 145 
GLY O    O N N 146 
GLY OXT  O N N 147 
GLY H    H N N 148 
GLY H2   H N N 149 
GLY HA2  H N N 150 
GLY HA3  H N N 151 
GLY HXT  H N N 152 
HIS N    N N N 153 
HIS CA   C N S 154 
HIS C    C N N 155 
HIS O    O N N 156 
HIS CB   C N N 157 
HIS CG   C Y N 158 
HIS ND1  N Y N 159 
HIS CD2  C Y N 160 
HIS CE1  C Y N 161 
HIS NE2  N Y N 162 
HIS OXT  O N N 163 
HIS H    H N N 164 
HIS H2   H N N 165 
HIS HA   H N N 166 
HIS HB2  H N N 167 
HIS HB3  H N N 168 
HIS HD1  H N N 169 
HIS HD2  H N N 170 
HIS HE1  H N N 171 
HIS HE2  H N N 172 
HIS HXT  H N N 173 
HOH O    O N N 174 
HOH H1   H N N 175 
HOH H2   H N N 176 
ILE N    N N N 177 
ILE CA   C N S 178 
ILE C    C N N 179 
ILE O    O N N 180 
ILE CB   C N S 181 
ILE CG1  C N N 182 
ILE CG2  C N N 183 
ILE CD1  C N N 184 
ILE OXT  O N N 185 
ILE H    H N N 186 
ILE H2   H N N 187 
ILE HA   H N N 188 
ILE HB   H N N 189 
ILE HG12 H N N 190 
ILE HG13 H N N 191 
ILE HG21 H N N 192 
ILE HG22 H N N 193 
ILE HG23 H N N 194 
ILE HD11 H N N 195 
ILE HD12 H N N 196 
ILE HD13 H N N 197 
ILE HXT  H N N 198 
LEU N    N N N 199 
LEU CA   C N S 200 
LEU C    C N N 201 
LEU O    O N N 202 
LEU CB   C N N 203 
LEU CG   C N N 204 
LEU CD1  C N N 205 
LEU CD2  C N N 206 
LEU OXT  O N N 207 
LEU H    H N N 208 
LEU H2   H N N 209 
LEU HA   H N N 210 
LEU HB2  H N N 211 
LEU HB3  H N N 212 
LEU HG   H N N 213 
LEU HD11 H N N 214 
LEU HD12 H N N 215 
LEU HD13 H N N 216 
LEU HD21 H N N 217 
LEU HD22 H N N 218 
LEU HD23 H N N 219 
LEU HXT  H N N 220 
LYS N    N N N 221 
LYS CA   C N S 222 
LYS C    C N N 223 
LYS O    O N N 224 
LYS CB   C N N 225 
LYS CG   C N N 226 
LYS CD   C N N 227 
LYS CE   C N N 228 
LYS NZ   N N N 229 
LYS OXT  O N N 230 
LYS H    H N N 231 
LYS H2   H N N 232 
LYS HA   H N N 233 
LYS HB2  H N N 234 
LYS HB3  H N N 235 
LYS HG2  H N N 236 
LYS HG3  H N N 237 
LYS HD2  H N N 238 
LYS HD3  H N N 239 
LYS HE2  H N N 240 
LYS HE3  H N N 241 
LYS HZ1  H N N 242 
LYS HZ2  H N N 243 
LYS HZ3  H N N 244 
LYS HXT  H N N 245 
MET N    N N N 246 
MET CA   C N S 247 
MET C    C N N 248 
MET O    O N N 249 
MET CB   C N N 250 
MET CG   C N N 251 
MET SD   S N N 252 
MET CE   C N N 253 
MET OXT  O N N 254 
MET H    H N N 255 
MET H2   H N N 256 
MET HA   H N N 257 
MET HB2  H N N 258 
MET HB3  H N N 259 
MET HG2  H N N 260 
MET HG3  H N N 261 
MET HE1  H N N 262 
MET HE2  H N N 263 
MET HE3  H N N 264 
MET HXT  H N N 265 
PHE N    N N N 266 
PHE CA   C N S 267 
PHE C    C N N 268 
PHE O    O N N 269 
PHE CB   C N N 270 
PHE CG   C Y N 271 
PHE CD1  C Y N 272 
PHE CD2  C Y N 273 
PHE CE1  C Y N 274 
PHE CE2  C Y N 275 
PHE CZ   C Y N 276 
PHE OXT  O N N 277 
PHE H    H N N 278 
PHE H2   H N N 279 
PHE HA   H N N 280 
PHE HB2  H N N 281 
PHE HB3  H N N 282 
PHE HD1  H N N 283 
PHE HD2  H N N 284 
PHE HE1  H N N 285 
PHE HE2  H N N 286 
PHE HZ   H N N 287 
PHE HXT  H N N 288 
PRO N    N N N 289 
PRO CA   C N S 290 
PRO C    C N N 291 
PRO O    O N N 292 
PRO CB   C N N 293 
PRO CG   C N N 294 
PRO CD   C N N 295 
PRO OXT  O N N 296 
PRO H    H N N 297 
PRO HA   H N N 298 
PRO HB2  H N N 299 
PRO HB3  H N N 300 
PRO HG2  H N N 301 
PRO HG3  H N N 302 
PRO HD2  H N N 303 
PRO HD3  H N N 304 
PRO HXT  H N N 305 
SER N    N N N 306 
SER CA   C N S 307 
SER C    C N N 308 
SER O    O N N 309 
SER CB   C N N 310 
SER OG   O N N 311 
SER OXT  O N N 312 
SER H    H N N 313 
SER H2   H N N 314 
SER HA   H N N 315 
SER HB2  H N N 316 
SER HB3  H N N 317 
SER HG   H N N 318 
SER HXT  H N N 319 
THR N    N N N 320 
THR CA   C N S 321 
THR C    C N N 322 
THR O    O N N 323 
THR CB   C N R 324 
THR OG1  O N N 325 
THR CG2  C N N 326 
THR OXT  O N N 327 
THR H    H N N 328 
THR H2   H N N 329 
THR HA   H N N 330 
THR HB   H N N 331 
THR HG1  H N N 332 
THR HG21 H N N 333 
THR HG22 H N N 334 
THR HG23 H N N 335 
THR HXT  H N N 336 
TRP N    N N N 337 
TRP CA   C N S 338 
TRP C    C N N 339 
TRP O    O N N 340 
TRP CB   C N N 341 
TRP CG   C Y N 342 
TRP CD1  C Y N 343 
TRP CD2  C Y N 344 
TRP NE1  N Y N 345 
TRP CE2  C Y N 346 
TRP CE3  C Y N 347 
TRP CZ2  C Y N 348 
TRP CZ3  C Y N 349 
TRP CH2  C Y N 350 
TRP OXT  O N N 351 
TRP H    H N N 352 
TRP H2   H N N 353 
TRP HA   H N N 354 
TRP HB2  H N N 355 
TRP HB3  H N N 356 
TRP HD1  H N N 357 
TRP HE1  H N N 358 
TRP HE3  H N N 359 
TRP HZ2  H N N 360 
TRP HZ3  H N N 361 
TRP HH2  H N N 362 
TRP HXT  H N N 363 
TYR N    N N N 364 
TYR CA   C N S 365 
TYR C    C N N 366 
TYR O    O N N 367 
TYR CB   C N N 368 
TYR CG   C Y N 369 
TYR CD1  C Y N 370 
TYR CD2  C Y N 371 
TYR CE1  C Y N 372 
TYR CE2  C Y N 373 
TYR CZ   C Y N 374 
TYR OH   O N N 375 
TYR OXT  O N N 376 
TYR H    H N N 377 
TYR H2   H N N 378 
TYR HA   H N N 379 
TYR HB2  H N N 380 
TYR HB3  H N N 381 
TYR HD1  H N N 382 
TYR HD2  H N N 383 
TYR HE1  H N N 384 
TYR HE2  H N N 385 
TYR HH   H N N 386 
TYR HXT  H N N 387 
VAL N    N N N 388 
VAL CA   C N S 389 
VAL C    C N N 390 
VAL O    O N N 391 
VAL CB   C N N 392 
VAL CG1  C N N 393 
VAL CG2  C N N 394 
VAL OXT  O N N 395 
VAL H    H N N 396 
VAL H2   H N N 397 
VAL HA   H N N 398 
VAL HB   H N N 399 
VAL HG11 H N N 400 
VAL HG12 H N N 401 
VAL HG13 H N N 402 
VAL HG21 H N N 403 
VAL HG22 H N N 404 
VAL HG23 H N N 405 
VAL HXT  H N N 406 
# 
loop_
_chem_comp_bond.comp_id 
_chem_comp_bond.atom_id_1 
_chem_comp_bond.atom_id_2 
_chem_comp_bond.value_order 
_chem_comp_bond.pdbx_aromatic_flag 
_chem_comp_bond.pdbx_stereo_config 
_chem_comp_bond.pdbx_ordinal 
ALA N   CA   sing N N 1   
ALA N   H    sing N N 2   
ALA N   H2   sing N N 3   
ALA CA  C    sing N N 4   
ALA CA  CB   sing N N 5   
ALA CA  HA   sing N N 6   
ALA C   O    doub N N 7   
ALA C   OXT  sing N N 8   
ALA CB  HB1  sing N N 9   
ALA CB  HB2  sing N N 10  
ALA CB  HB3  sing N N 11  
ALA OXT HXT  sing N N 12  
ARG N   CA   sing N N 13  
ARG N   H    sing N N 14  
ARG N   H2   sing N N 15  
ARG CA  C    sing N N 16  
ARG CA  CB   sing N N 17  
ARG CA  HA   sing N N 18  
ARG C   O    doub N N 19  
ARG C   OXT  sing N N 20  
ARG CB  CG   sing N N 21  
ARG CB  HB2  sing N N 22  
ARG CB  HB3  sing N N 23  
ARG CG  CD   sing N N 24  
ARG CG  HG2  sing N N 25  
ARG CG  HG3  sing N N 26  
ARG CD  NE   sing N N 27  
ARG CD  HD2  sing N N 28  
ARG CD  HD3  sing N N 29  
ARG NE  CZ   sing N N 30  
ARG NE  HE   sing N N 31  
ARG CZ  NH1  sing N N 32  
ARG CZ  NH2  doub N N 33  
ARG NH1 HH11 sing N N 34  
ARG NH1 HH12 sing N N 35  
ARG NH2 HH21 sing N N 36  
ARG NH2 HH22 sing N N 37  
ARG OXT HXT  sing N N 38  
ASN N   CA   sing N N 39  
ASN N   H    sing N N 40  
ASN N   H2   sing N N 41  
ASN CA  C    sing N N 42  
ASN CA  CB   sing N N 43  
ASN CA  HA   sing N N 44  
ASN C   O    doub N N 45  
ASN C   OXT  sing N N 46  
ASN CB  CG   sing N N 47  
ASN CB  HB2  sing N N 48  
ASN CB  HB3  sing N N 49  
ASN CG  OD1  doub N N 50  
ASN CG  ND2  sing N N 51  
ASN ND2 HD21 sing N N 52  
ASN ND2 HD22 sing N N 53  
ASN OXT HXT  sing N N 54  
ASP N   CA   sing N N 55  
ASP N   H    sing N N 56  
ASP N   H2   sing N N 57  
ASP CA  C    sing N N 58  
ASP CA  CB   sing N N 59  
ASP CA  HA   sing N N 60  
ASP C   O    doub N N 61  
ASP C   OXT  sing N N 62  
ASP CB  CG   sing N N 63  
ASP CB  HB2  sing N N 64  
ASP CB  HB3  sing N N 65  
ASP CG  OD1  doub N N 66  
ASP CG  OD2  sing N N 67  
ASP OD2 HD2  sing N N 68  
ASP OXT HXT  sing N N 69  
CSD N   CA   sing N N 70  
CSD N   H    sing N N 71  
CSD N   H2   sing N N 72  
CSD CA  CB   sing N N 73  
CSD CA  C    sing N N 74  
CSD CA  HA   sing N N 75  
CSD CB  SG   sing N N 76  
CSD CB  HB2  sing N N 77  
CSD CB  HB3  sing N N 78  
CSD SG  OD1  doub N N 79  
CSD SG  OD2  sing N N 80  
CSD C   O    doub N N 81  
CSD C   OXT  sing N N 82  
CSD OXT HXT  sing N N 83  
CSD OD2 HD2  sing N N 84  
CYS N   CA   sing N N 85  
CYS N   H    sing N N 86  
CYS N   H2   sing N N 87  
CYS CA  C    sing N N 88  
CYS CA  CB   sing N N 89  
CYS CA  HA   sing N N 90  
CYS C   O    doub N N 91  
CYS C   OXT  sing N N 92  
CYS CB  SG   sing N N 93  
CYS CB  HB2  sing N N 94  
CYS CB  HB3  sing N N 95  
CYS SG  HG   sing N N 96  
CYS OXT HXT  sing N N 97  
GLN N   CA   sing N N 98  
GLN N   H    sing N N 99  
GLN N   H2   sing N N 100 
GLN CA  C    sing N N 101 
GLN CA  CB   sing N N 102 
GLN CA  HA   sing N N 103 
GLN C   O    doub N N 104 
GLN C   OXT  sing N N 105 
GLN CB  CG   sing N N 106 
GLN CB  HB2  sing N N 107 
GLN CB  HB3  sing N N 108 
GLN CG  CD   sing N N 109 
GLN CG  HG2  sing N N 110 
GLN CG  HG3  sing N N 111 
GLN CD  OE1  doub N N 112 
GLN CD  NE2  sing N N 113 
GLN NE2 HE21 sing N N 114 
GLN NE2 HE22 sing N N 115 
GLN OXT HXT  sing N N 116 
GLU N   CA   sing N N 117 
GLU N   H    sing N N 118 
GLU N   H2   sing N N 119 
GLU CA  C    sing N N 120 
GLU CA  CB   sing N N 121 
GLU CA  HA   sing N N 122 
GLU C   O    doub N N 123 
GLU C   OXT  sing N N 124 
GLU CB  CG   sing N N 125 
GLU CB  HB2  sing N N 126 
GLU CB  HB3  sing N N 127 
GLU CG  CD   sing N N 128 
GLU CG  HG2  sing N N 129 
GLU CG  HG3  sing N N 130 
GLU CD  OE1  doub N N 131 
GLU CD  OE2  sing N N 132 
GLU OE2 HE2  sing N N 133 
GLU OXT HXT  sing N N 134 
GLY N   CA   sing N N 135 
GLY N   H    sing N N 136 
GLY N   H2   sing N N 137 
GLY CA  C    sing N N 138 
GLY CA  HA2  sing N N 139 
GLY CA  HA3  sing N N 140 
GLY C   O    doub N N 141 
GLY C   OXT  sing N N 142 
GLY OXT HXT  sing N N 143 
HIS N   CA   sing N N 144 
HIS N   H    sing N N 145 
HIS N   H2   sing N N 146 
HIS CA  C    sing N N 147 
HIS CA  CB   sing N N 148 
HIS CA  HA   sing N N 149 
HIS C   O    doub N N 150 
HIS C   OXT  sing N N 151 
HIS CB  CG   sing N N 152 
HIS CB  HB2  sing N N 153 
HIS CB  HB3  sing N N 154 
HIS CG  ND1  sing Y N 155 
HIS CG  CD2  doub Y N 156 
HIS ND1 CE1  doub Y N 157 
HIS ND1 HD1  sing N N 158 
HIS CD2 NE2  sing Y N 159 
HIS CD2 HD2  sing N N 160 
HIS CE1 NE2  sing Y N 161 
HIS CE1 HE1  sing N N 162 
HIS NE2 HE2  sing N N 163 
HIS OXT HXT  sing N N 164 
HOH O   H1   sing N N 165 
HOH O   H2   sing N N 166 
ILE N   CA   sing N N 167 
ILE N   H    sing N N 168 
ILE N   H2   sing N N 169 
ILE CA  C    sing N N 170 
ILE CA  CB   sing N N 171 
ILE CA  HA   sing N N 172 
ILE C   O    doub N N 173 
ILE C   OXT  sing N N 174 
ILE CB  CG1  sing N N 175 
ILE CB  CG2  sing N N 176 
ILE CB  HB   sing N N 177 
ILE CG1 CD1  sing N N 178 
ILE CG1 HG12 sing N N 179 
ILE CG1 HG13 sing N N 180 
ILE CG2 HG21 sing N N 181 
ILE CG2 HG22 sing N N 182 
ILE CG2 HG23 sing N N 183 
ILE CD1 HD11 sing N N 184 
ILE CD1 HD12 sing N N 185 
ILE CD1 HD13 sing N N 186 
ILE OXT HXT  sing N N 187 
LEU N   CA   sing N N 188 
LEU N   H    sing N N 189 
LEU N   H2   sing N N 190 
LEU CA  C    sing N N 191 
LEU CA  CB   sing N N 192 
LEU CA  HA   sing N N 193 
LEU C   O    doub N N 194 
LEU C   OXT  sing N N 195 
LEU CB  CG   sing N N 196 
LEU CB  HB2  sing N N 197 
LEU CB  HB3  sing N N 198 
LEU CG  CD1  sing N N 199 
LEU CG  CD2  sing N N 200 
LEU CG  HG   sing N N 201 
LEU CD1 HD11 sing N N 202 
LEU CD1 HD12 sing N N 203 
LEU CD1 HD13 sing N N 204 
LEU CD2 HD21 sing N N 205 
LEU CD2 HD22 sing N N 206 
LEU CD2 HD23 sing N N 207 
LEU OXT HXT  sing N N 208 
LYS N   CA   sing N N 209 
LYS N   H    sing N N 210 
LYS N   H2   sing N N 211 
LYS CA  C    sing N N 212 
LYS CA  CB   sing N N 213 
LYS CA  HA   sing N N 214 
LYS C   O    doub N N 215 
LYS C   OXT  sing N N 216 
LYS CB  CG   sing N N 217 
LYS CB  HB2  sing N N 218 
LYS CB  HB3  sing N N 219 
LYS CG  CD   sing N N 220 
LYS CG  HG2  sing N N 221 
LYS CG  HG3  sing N N 222 
LYS CD  CE   sing N N 223 
LYS CD  HD2  sing N N 224 
LYS CD  HD3  sing N N 225 
LYS CE  NZ   sing N N 226 
LYS CE  HE2  sing N N 227 
LYS CE  HE3  sing N N 228 
LYS NZ  HZ1  sing N N 229 
LYS NZ  HZ2  sing N N 230 
LYS NZ  HZ3  sing N N 231 
LYS OXT HXT  sing N N 232 
MET N   CA   sing N N 233 
MET N   H    sing N N 234 
MET N   H2   sing N N 235 
MET CA  C    sing N N 236 
MET CA  CB   sing N N 237 
MET CA  HA   sing N N 238 
MET C   O    doub N N 239 
MET C   OXT  sing N N 240 
MET CB  CG   sing N N 241 
MET CB  HB2  sing N N 242 
MET CB  HB3  sing N N 243 
MET CG  SD   sing N N 244 
MET CG  HG2  sing N N 245 
MET CG  HG3  sing N N 246 
MET SD  CE   sing N N 247 
MET CE  HE1  sing N N 248 
MET CE  HE2  sing N N 249 
MET CE  HE3  sing N N 250 
MET OXT HXT  sing N N 251 
PHE N   CA   sing N N 252 
PHE N   H    sing N N 253 
PHE N   H2   sing N N 254 
PHE CA  C    sing N N 255 
PHE CA  CB   sing N N 256 
PHE CA  HA   sing N N 257 
PHE C   O    doub N N 258 
PHE C   OXT  sing N N 259 
PHE CB  CG   sing N N 260 
PHE CB  HB2  sing N N 261 
PHE CB  HB3  sing N N 262 
PHE CG  CD1  doub Y N 263 
PHE CG  CD2  sing Y N 264 
PHE CD1 CE1  sing Y N 265 
PHE CD1 HD1  sing N N 266 
PHE CD2 CE2  doub Y N 267 
PHE CD2 HD2  sing N N 268 
PHE CE1 CZ   doub Y N 269 
PHE CE1 HE1  sing N N 270 
PHE CE2 CZ   sing Y N 271 
PHE CE2 HE2  sing N N 272 
PHE CZ  HZ   sing N N 273 
PHE OXT HXT  sing N N 274 
PRO N   CA   sing N N 275 
PRO N   CD   sing N N 276 
PRO N   H    sing N N 277 
PRO CA  C    sing N N 278 
PRO CA  CB   sing N N 279 
PRO CA  HA   sing N N 280 
PRO C   O    doub N N 281 
PRO C   OXT  sing N N 282 
PRO CB  CG   sing N N 283 
PRO CB  HB2  sing N N 284 
PRO CB  HB3  sing N N 285 
PRO CG  CD   sing N N 286 
PRO CG  HG2  sing N N 287 
PRO CG  HG3  sing N N 288 
PRO CD  HD2  sing N N 289 
PRO CD  HD3  sing N N 290 
PRO OXT HXT  sing N N 291 
SER N   CA   sing N N 292 
SER N   H    sing N N 293 
SER N   H2   sing N N 294 
SER CA  C    sing N N 295 
SER CA  CB   sing N N 296 
SER CA  HA   sing N N 297 
SER C   O    doub N N 298 
SER C   OXT  sing N N 299 
SER CB  OG   sing N N 300 
SER CB  HB2  sing N N 301 
SER CB  HB3  sing N N 302 
SER OG  HG   sing N N 303 
SER OXT HXT  sing N N 304 
THR N   CA   sing N N 305 
THR N   H    sing N N 306 
THR N   H2   sing N N 307 
THR CA  C    sing N N 308 
THR CA  CB   sing N N 309 
THR CA  HA   sing N N 310 
THR C   O    doub N N 311 
THR C   OXT  sing N N 312 
THR CB  OG1  sing N N 313 
THR CB  CG2  sing N N 314 
THR CB  HB   sing N N 315 
THR OG1 HG1  sing N N 316 
THR CG2 HG21 sing N N 317 
THR CG2 HG22 sing N N 318 
THR CG2 HG23 sing N N 319 
THR OXT HXT  sing N N 320 
TRP N   CA   sing N N 321 
TRP N   H    sing N N 322 
TRP N   H2   sing N N 323 
TRP CA  C    sing N N 324 
TRP CA  CB   sing N N 325 
TRP CA  HA   sing N N 326 
TRP C   O    doub N N 327 
TRP C   OXT  sing N N 328 
TRP CB  CG   sing N N 329 
TRP CB  HB2  sing N N 330 
TRP CB  HB3  sing N N 331 
TRP CG  CD1  doub Y N 332 
TRP CG  CD2  sing Y N 333 
TRP CD1 NE1  sing Y N 334 
TRP CD1 HD1  sing N N 335 
TRP CD2 CE2  doub Y N 336 
TRP CD2 CE3  sing Y N 337 
TRP NE1 CE2  sing Y N 338 
TRP NE1 HE1  sing N N 339 
TRP CE2 CZ2  sing Y N 340 
TRP CE3 CZ3  doub Y N 341 
TRP CE3 HE3  sing N N 342 
TRP CZ2 CH2  doub Y N 343 
TRP CZ2 HZ2  sing N N 344 
TRP CZ3 CH2  sing Y N 345 
TRP CZ3 HZ3  sing N N 346 
TRP CH2 HH2  sing N N 347 
TRP OXT HXT  sing N N 348 
TYR N   CA   sing N N 349 
TYR N   H    sing N N 350 
TYR N   H2   sing N N 351 
TYR CA  C    sing N N 352 
TYR CA  CB   sing N N 353 
TYR CA  HA   sing N N 354 
TYR C   O    doub N N 355 
TYR C   OXT  sing N N 356 
TYR CB  CG   sing N N 357 
TYR CB  HB2  sing N N 358 
TYR CB  HB3  sing N N 359 
TYR CG  CD1  doub Y N 360 
TYR CG  CD2  sing Y N 361 
TYR CD1 CE1  sing Y N 362 
TYR CD1 HD1  sing N N 363 
TYR CD2 CE2  doub Y N 364 
TYR CD2 HD2  sing N N 365 
TYR CE1 CZ   doub Y N 366 
TYR CE1 HE1  sing N N 367 
TYR CE2 CZ   sing Y N 368 
TYR CE2 HE2  sing N N 369 
TYR CZ  OH   sing N N 370 
TYR OH  HH   sing N N 371 
TYR OXT HXT  sing N N 372 
VAL N   CA   sing N N 373 
VAL N   H    sing N N 374 
VAL N   H2   sing N N 375 
VAL CA  C    sing N N 376 
VAL CA  CB   sing N N 377 
VAL CA  HA   sing N N 378 
VAL C   O    doub N N 379 
VAL C   OXT  sing N N 380 
VAL CB  CG1  sing N N 381 
VAL CB  CG2  sing N N 382 
VAL CB  HB   sing N N 383 
VAL CG1 HG11 sing N N 384 
VAL CG1 HG12 sing N N 385 
VAL CG1 HG13 sing N N 386 
VAL CG2 HG21 sing N N 387 
VAL CG2 HG22 sing N N 388 
VAL CG2 HG23 sing N N 389 
VAL OXT HXT  sing N N 390 
# 
loop_
_pdbx_audit_support.funding_organization 
_pdbx_audit_support.country 
_pdbx_audit_support.grant_number 
_pdbx_audit_support.ordinal 
'National Institutes of Health/National Institute Of Allergy and Infectious Diseases (NIH/NIAID)' 'United States' AI140726 1 
'National Institutes of Health/National Institute Of Allergy and Infectious Diseases (NIH/NIAID)' 'United States' AI141178 2 
'National Institutes of Health/National Cancer Institute (NIH/NCI)'                               'United States' CA206592 3 
# 
_pdbx_initial_refinement_model.id               1 
_pdbx_initial_refinement_model.entity_id_list   ? 
_pdbx_initial_refinement_model.type             'experimental model' 
_pdbx_initial_refinement_model.source_name      PDB 
_pdbx_initial_refinement_model.accession_code   1AT0 
_pdbx_initial_refinement_model.details          ? 
# 
_atom_sites.entry_id                    6TYY 
_atom_sites.Cartn_transf_matrix[1][1]   ? 
_atom_sites.Cartn_transf_matrix[1][2]   ? 
_atom_sites.Cartn_transf_matrix[1][3]   ? 
_atom_sites.Cartn_transf_matrix[2][1]   ? 
_atom_sites.Cartn_transf_matrix[2][2]   ? 
_atom_sites.Cartn_transf_matrix[2][3]   ? 
_atom_sites.Cartn_transf_matrix[3][1]   ? 
_atom_sites.Cartn_transf_matrix[3][2]   ? 
_atom_sites.Cartn_transf_matrix[3][3]   ? 
_atom_sites.Cartn_transf_vector[1]      ? 
_atom_sites.Cartn_transf_vector[2]      ? 
_atom_sites.Cartn_transf_vector[3]      ? 
_atom_sites.fract_transf_matrix[1][1]   0.01143006 
_atom_sites.fract_transf_matrix[1][2]   -0.00920262 
_atom_sites.fract_transf_matrix[1][3]   0.00130002 
_atom_sites.fract_transf_matrix[2][1]   0.00091249 
_atom_sites.fract_transf_matrix[2][2]   -0.01188203 
_atom_sites.fract_transf_matrix[2][3]   -0.00866121 
_atom_sites.fract_transf_matrix[3][1]   0.01355420 
_atom_sites.fract_transf_matrix[3][2]   0.01427094 
_atom_sites.fract_transf_matrix[3][3]   -0.01814986 
_atom_sites.fract_transf_vector[1]      0.146905 
_atom_sites.fract_transf_vector[2]      -0.334201 
_atom_sites.fract_transf_vector[3]      0.036365 
_atom_sites.solution_primary            ? 
_atom_sites.solution_secondary          ? 
_atom_sites.solution_hydrogens          ? 
_atom_sites.special_details             ? 
# 
loop_
_atom_type.symbol 
C 
N 
O 
S 
# 
loop_
_atom_site.group_PDB 
_atom_site.id 
_atom_site.type_symbol 
_atom_site.label_atom_id 
_atom_site.label_alt_id 
_atom_site.label_comp_id 
_atom_site.label_asym_id 
_atom_site.label_entity_id 
_atom_site.label_seq_id 
_atom_site.pdbx_PDB_ins_code 
_atom_site.Cartn_x 
_atom_site.Cartn_y 
_atom_site.Cartn_z 
_atom_site.occupancy 
_atom_site.B_iso_or_equiv 
_atom_site.pdbx_formal_charge 
_atom_site.auth_seq_id 
_atom_site.auth_comp_id 
_atom_site.auth_asym_id 
_atom_site.auth_atom_id 
_atom_site.pdbx_PDB_model_num 
HETATM 1    N N   . CSD A 1 1   ? -3.348  5.466   6.809   1.00 13.02 ? 258 CSD A N   1 
HETATM 2    C CA  . CSD A 1 1   ? -2.049  5.184   7.379   1.00 11.98 ? 258 CSD A CA  1 
HETATM 3    C CB  . CSD A 1 1   ? -1.975  5.681   8.825   1.00 15.56 ? 258 CSD A CB  1 
HETATM 4    S SG  . CSD A 1 1   ? -1.977  7.447   8.882   1.00 19.61 ? 258 CSD A SG  1 
HETATM 5    C C   . CSD A 1 1   ? -1.719  3.695   7.347   1.00 11.61 ? 258 CSD A C   1 
HETATM 6    O O   . CSD A 1 1   ? -2.612  2.838   7.285   1.00 12.81 ? 258 CSD A O   1 
HETATM 7    O OD1 . CSD A 1 1   ? -3.086  7.881   8.042   1.00 25.71 ? 258 CSD A OD1 1 
HETATM 8    O OD2 . CSD A 1 1   ? -2.719  7.678   10.391  1.00 31.47 ? 258 CSD A OD2 1 
ATOM   9    N N   . PHE A 1 2   ? -0.417  3.393   7.382   1.00 11.33 ? 259 PHE A N   1 
ATOM   10   C CA  . PHE A 1 2   ? 0.109   2.025   7.423   1.00 10.33 ? 259 PHE A CA  1 
ATOM   11   C C   . PHE A 1 2   ? 0.745   1.763   8.790   1.00 10.62 ? 259 PHE A C   1 
ATOM   12   O O   . PHE A 1 2   ? 1.002   2.693   9.550   1.00 12.07 ? 259 PHE A O   1 
ATOM   13   C CB  . PHE A 1 2   ? 1.218   1.840   6.368   1.00 12.17 ? 259 PHE A CB  1 
ATOM   14   C CG  . PHE A 1 2   ? 0.836   2.262   4.973   1.00 11.02 ? 259 PHE A CG  1 
ATOM   15   C CD1 . PHE A 1 2   ? 0.265   1.346   4.103   1.00 11.87 ? 259 PHE A CD1 1 
ATOM   16   C CD2 . PHE A 1 2   ? 1.070   3.554   4.517   1.00 11.14 ? 259 PHE A CD2 1 
ATOM   17   C CE1 . PHE A 1 2   ? -0.082  1.728   2.793   1.00 12.29 ? 259 PHE A CE1 1 
ATOM   18   C CE2 . PHE A 1 2   ? 0.731   3.928   3.223   1.00 11.61 ? 259 PHE A CE2 1 
ATOM   19   C CZ  . PHE A 1 2   ? 0.155   3.026   2.364   1.00 11.27 ? 259 PHE A CZ  1 
ATOM   20   N N   . THR A 1 3   ? 1.040   0.499   9.083   1.00 11.83 ? 260 THR A N   1 
ATOM   21   C CA  . THR A 1 3   ? 1.783   0.163   10.284  1.00 12.13 ? 260 THR A CA  1 
ATOM   22   C C   . THR A 1 3   ? 3.280   0.401   10.068  1.00 11.78 ? 260 THR A C   1 
ATOM   23   O O   . THR A 1 3   ? 3.775   0.331   8.932   1.00 11.74 ? 260 THR A O   1 
ATOM   24   C CB  . THR A 1 3   ? 1.571   -1.306  10.638  1.00 12.12 ? 260 THR A CB  1 
ATOM   25   O OG1 . THR A 1 3   ? 2.024   -2.125  9.555   1.00 18.57 ? 260 THR A OG1 1 
ATOM   26   C CG2 . THR A 1 3   ? 0.101   -1.605  10.911  1.00 16.45 ? 260 THR A CG2 1 
ATOM   27   N N   . PRO A 1 4   ? 4.037   0.659   11.143  1.00 11.04 ? 261 PRO A N   1 
ATOM   28   C CA  . PRO A 1 4   ? 5.458   1.006   10.966  1.00 12.24 ? 261 PRO A CA  1 
ATOM   29   C C   . PRO A 1 4   ? 6.313   -0.144  10.473  1.00 11.87 ? 261 PRO A C   1 
ATOM   30   O O   . PRO A 1 4   ? 7.383   0.103   9.905   1.00 12.19 ? 261 PRO A O   1 
ATOM   31   C CB  . PRO A 1 4   ? 5.906   1.458   12.363  1.00 17.08 ? 261 PRO A CB  1 
ATOM   32   C CG  . PRO A 1 4   ? 4.641   1.641   13.160  1.00 17.85 ? 261 PRO A CG  1 
ATOM   33   C CD  . PRO A 1 4   ? 3.625   0.733   12.558  1.00 14.72 ? 261 PRO A CD  1 
ATOM   34   N N   . GLU A 1 5   ? 5.893   -1.385  10.671  1.00 12.99 ? 262 GLU A N   1 
ATOM   35   C CA  . GLU A 1 5   ? 6.674   -2.524  10.214  1.00 12.30 ? 262 GLU A CA  1 
ATOM   36   C C   . GLU A 1 5   ? 6.453   -2.833  8.738   1.00 10.52 ? 262 GLU A C   1 
ATOM   37   O O   . GLU A 1 5   ? 7.160   -3.682  8.194   1.00 12.47 ? 262 GLU A O   1 
ATOM   38   C CB  . GLU A 1 5   ? 6.331   -3.761  11.058  1.00 15.22 ? 262 GLU A CB  1 
ATOM   39   C CG  . GLU A 1 5   ? 6.615   -3.623  12.562  1.00 17.19 ? 262 GLU A CG  1 
ATOM   40   C CD  . GLU A 1 5   ? 5.468   -2.972  13.340  1.00 35.32 ? 262 GLU A CD  1 
ATOM   41   O OE1 . GLU A 1 5   ? 4.409   -2.674  12.734  1.00 21.93 ? 262 GLU A OE1 1 
ATOM   42   O OE2 . GLU A 1 5   ? 5.619   -2.771  14.569  1.00 33.76 ? 262 GLU A OE2 1 
ATOM   43   N N   . SER A 1 6   ? 5.503   -2.174  8.084   1.00 11.49 ? 263 SER A N   1 
ATOM   44   C CA  . SER A 1 6   ? 5.222   -2.444  6.677   1.00 10.74 ? 263 SER A CA  1 
ATOM   45   C C   . SER A 1 6   ? 6.397   -2.035  5.786   1.00 11.47 ? 263 SER A C   1 
ATOM   46   O O   . SER A 1 6   ? 7.160   -1.113  6.098   1.00 11.25 ? 263 SER A O   1 
ATOM   47   C CB  . SER A 1 6   ? 3.964   -1.694  6.256   1.00 10.40 ? 263 SER A CB  1 
ATOM   48   O OG  . SER A 1 6   ? 2.838   -2.203  6.965   1.00 14.98 ? 263 SER A OG  1 
ATOM   49   N N   . THR A 1 7   ? 6.536   -2.721  4.660   1.00 9.65  ? 264 THR A N   1 
ATOM   50   C CA  . THR A 1 7   ? 7.744   -2.638  3.842   1.00 10.31 ? 264 THR A CA  1 
ATOM   51   C C   . THR A 1 7   ? 7.570   -1.735  2.624   1.00 9.71  ? 264 THR A C   1 
ATOM   52   O O   . THR A 1 7   ? 6.660   -1.941  1.819   1.00 10.92 ? 264 THR A O   1 
ATOM   53   C CB  . THR A 1 7   ? 8.101   -4.040  3.343   1.00 9.72  ? 264 THR A CB  1 
ATOM   54   O OG1 . THR A 1 7   ? 8.160   -4.931  4.461   1.00 11.17 ? 264 THR A OG1 1 
ATOM   55   C CG2 . THR A 1 7   ? 9.444   -4.039  2.615   1.00 14.18 ? 264 THR A CG2 1 
ATOM   56   N N   . ALA A 1 8   ? 8.480   -0.773  2.465   1.00 10.33 ? 265 ALA A N   1 
ATOM   57   C CA  . ALA A 1 8   ? 8.654   -0.041  1.218   1.00 9.38  ? 265 ALA A CA  1 
ATOM   58   C C   . ALA A 1 8   ? 9.822   -0.624  0.434   1.00 10.52 ? 265 ALA A C   1 
ATOM   59   O O   . ALA A 1 8   ? 10.787  -1.144  1.004   1.00 11.40 ? 265 ALA A O   1 
ATOM   60   C CB  . ALA A 1 8   ? 8.915   1.441   1.485   1.00 12.41 ? 265 ALA A CB  1 
ATOM   61   N N   . LEU A 1 9   ? 9.717   -0.522  -0.887  1.00 10.00 ? 266 LEU A N   1 
ATOM   62   C CA  . LEU A 1 9   ? 10.752  -0.972  -1.807  1.00 9.76  ? 266 LEU A CA  1 
ATOM   63   C C   . LEU A 1 9   ? 11.456  0.263   -2.348  1.00 11.91 ? 266 LEU A C   1 
ATOM   64   O O   . LEU A 1 9   ? 10.834  1.087   -3.031  1.00 11.94 ? 266 LEU A O   1 
ATOM   65   C CB  . LEU A 1 9   ? 10.132  -1.758  -2.964  1.00 13.47 ? 266 LEU A CB  1 
ATOM   66   C CG  . LEU A 1 9   ? 11.081  -2.484  -3.928  1.00 16.21 ? 266 LEU A CG  1 
ATOM   67   C CD1 . LEU A 1 9   ? 10.347  -3.659  -4.543  1.00 18.43 ? 266 LEU A CD1 1 
ATOM   68   C CD2 . LEU A 1 9   ? 11.646  -1.586  -5.045  1.00 26.28 ? 266 LEU A CD2 1 
ATOM   69   N N   . LEU A 1 10  ? 12.750  0.379   -2.067  1.00 12.82 ? 267 LEU A N   1 
ATOM   70   C CA  . LEU A 1 10  ? 13.516  1.547   -2.477  1.00 13.04 ? 267 LEU A CA  1 
ATOM   71   C C   . LEU A 1 10  ? 14.225  1.305   -3.810  1.00 16.03 ? 267 LEU A C   1 
ATOM   72   O O   . LEU A 1 10  ? 14.419  0.166   -4.241  1.00 18.84 ? 267 LEU A O   1 
ATOM   73   C CB  . LEU A 1 10  ? 14.525  1.938   -1.399  1.00 12.44 ? 267 LEU A CB  1 
ATOM   74   C CG  . LEU A 1 10  ? 13.987  2.767   -0.229  1.00 13.73 ? 267 LEU A CG  1 
ATOM   75   C CD1 . LEU A 1 10  ? 12.947  2.018   0.619   1.00 13.71 ? 267 LEU A CD1 1 
ATOM   76   C CD2 . LEU A 1 10  ? 15.148  3.212   0.641   1.00 15.50 ? 267 LEU A CD2 1 
ATOM   77   N N   A GLU A 1 11  ? 14.641  2.404   -4.444  0.72 17.26 ? 268 GLU A N   1 
ATOM   78   N N   B GLU A 1 11  ? 14.657  2.410   -4.429  0.28 17.02 ? 268 GLU A N   1 
ATOM   79   C CA  A GLU A 1 11  ? 14.999  2.356   -5.859  0.72 27.67 ? 268 GLU A CA  1 
ATOM   80   C CA  B GLU A 1 11  ? 15.025  2.400   -5.845  0.28 27.81 ? 268 GLU A CA  1 
ATOM   81   C C   A GLU A 1 11  ? 16.186  1.437   -6.142  0.72 37.65 ? 268 GLU A C   1 
ATOM   82   C C   B GLU A 1 11  ? 16.188  1.456   -6.141  0.28 37.08 ? 268 GLU A C   1 
ATOM   83   O O   A GLU A 1 11  ? 16.203  0.756   -7.173  0.72 40.21 ? 268 GLU A O   1 
ATOM   84   O O   B GLU A 1 11  ? 16.199  0.788   -7.182  0.28 39.87 ? 268 GLU A O   1 
ATOM   85   C CB  A GLU A 1 11  ? 15.184  3.773   -6.422  0.72 31.33 ? 268 GLU A CB  1 
ATOM   86   C CB  B GLU A 1 11  ? 15.308  3.830   -6.329  0.28 30.84 ? 268 GLU A CB  1 
ATOM   87   C CG  A GLU A 1 11  ? 16.618  4.233   -6.692  0.72 35.37 ? 268 GLU A CG  1 
ATOM   88   C CG  B GLU A 1 11  ? 16.732  4.098   -6.826  0.28 33.09 ? 268 GLU A CG  1 
ATOM   89   C CD  A GLU A 1 11  ? 16.669  5.626   -7.315  0.72 35.18 ? 268 GLU A CD  1 
ATOM   90   C CD  B GLU A 1 11  ? 17.073  5.585   -6.885  0.28 31.07 ? 268 GLU A CD  1 
ATOM   91   O OE1 A GLU A 1 11  ? 16.849  6.618   -6.569  0.72 20.29 ? 268 GLU A OE1 1 
ATOM   92   O OE1 B GLU A 1 11  ? 16.324  6.400   -6.304  0.28 25.20 ? 268 GLU A OE1 1 
ATOM   93   O OE2 A GLU A 1 11  ? 16.524  5.727   -8.555  0.72 39.61 ? 268 GLU A OE2 1 
ATOM   94   O OE2 B GLU A 1 11  ? 18.097  5.940   -7.508  0.28 27.31 ? 268 GLU A OE2 1 
ATOM   95   N N   . SER A 1 12  ? 17.169  1.377   -5.245  1.00 26.78 ? 269 SER A N   1 
ATOM   96   C CA  . SER A 1 12  ? 18.361  0.567   -5.482  1.00 28.16 ? 269 SER A CA  1 
ATOM   97   C C   . SER A 1 12  ? 18.238  -0.866  -4.957  1.00 25.81 ? 269 SER A C   1 
ATOM   98   O O   . SER A 1 12  ? 19.265  -1.492  -4.664  1.00 28.69 ? 269 SER A O   1 
ATOM   99   C CB  . SER A 1 12  ? 19.608  1.251   -4.907  1.00 35.39 ? 269 SER A CB  1 
ATOM   100  O OG  . SER A 1 12  ? 20.172  2.186   -5.818  1.00 37.81 ? 269 SER A OG  1 
ATOM   101  N N   . GLY A 1 13  ? 17.016  -1.390  -4.817  1.00 25.35 ? 270 GLY A N   1 
ATOM   102  C CA  . GLY A 1 13  ? 16.785  -2.732  -4.311  1.00 25.36 ? 270 GLY A CA  1 
ATOM   103  C C   . GLY A 1 13  ? 16.576  -2.832  -2.813  1.00 27.19 ? 270 GLY A C   1 
ATOM   104  O O   . GLY A 1 13  ? 16.178  -3.897  -2.321  1.00 33.23 ? 270 GLY A O   1 
ATOM   105  N N   . VAL A 1 14  ? 16.825  -1.754  -2.077  1.00 19.23 ? 271 VAL A N   1 
ATOM   106  C CA  . VAL A 1 14  ? 16.689  -1.756  -0.632  1.00 18.86 ? 271 VAL A CA  1 
ATOM   107  C C   . VAL A 1 14  ? 15.225  -1.955  -0.259  1.00 16.53 ? 271 VAL A C   1 
ATOM   108  O O   . VAL A 1 14  ? 14.315  -1.614  -1.026  1.00 22.37 ? 271 VAL A O   1 
ATOM   109  C CB  . VAL A 1 14  ? 17.191  -0.394  -0.115  1.00 27.45 ? 271 VAL A CB  1 
ATOM   110  C CG1 . VAL A 1 14  ? 17.293  -0.384  1.406   1.00 34.04 ? 271 VAL A CG1 1 
ATOM   111  C CG2 . VAL A 1 14  ? 18.507  -0.032  -0.778  1.00 31.32 ? 271 VAL A CG2 1 
ATOM   112  N N   . ARG A 1 15  ? 15.003  -2.552  0.904   1.00 15.26 ? 272 ARG A N   1 
ATOM   113  C CA  . ARG A 1 15  ? 13.702  -2.550  1.554   1.00 12.80 ? 272 ARG A CA  1 
ATOM   114  C C   . ARG A 1 15  ? 13.859  -1.811  2.869   1.00 19.92 ? 272 ARG A C   1 
ATOM   115  O O   . ARG A 1 15  ? 14.896  -1.928  3.535   1.00 23.18 ? 272 ARG A O   1 
ATOM   116  C CB  . ARG A 1 15  ? 13.207  -3.966  1.841   1.00 16.83 ? 272 ARG A CB  1 
ATOM   117  C CG  . ARG A 1 15  ? 13.375  -4.945  0.671   1.00 25.17 ? 272 ARG A CG  1 
ATOM   118  C CD  . ARG A 1 15  ? 12.494  -4.610  -0.503  1.00 31.44 ? 272 ARG A CD  1 
ATOM   119  N NE  . ARG A 1 15  ? 12.265  -5.770  -1.367  1.00 21.06 ? 272 ARG A NE  1 
ATOM   120  C CZ  . ARG A 1 15  ? 12.887  -5.993  -2.520  1.00 26.02 ? 272 ARG A CZ  1 
ATOM   121  N NH1 . ARG A 1 15  ? 13.790  -5.139  -2.977  1.00 29.81 ? 272 ARG A NH1 1 
ATOM   122  N NH2 . ARG A 1 15  ? 12.579  -7.069  -3.227  1.00 29.46 ? 272 ARG A NH2 1 
ATOM   123  N N   . LYS A 1 16  ? 12.843  -1.037  3.237   1.00 12.70 ? 273 LYS A N   1 
ATOM   124  C CA  . LYS A 1 16  ? 12.883  -0.348  4.525   1.00 11.83 ? 273 LYS A CA  1 
ATOM   125  C C   . LYS A 1 16  ? 11.495  -0.422  5.139   1.00 11.11 ? 273 LYS A C   1 
ATOM   126  O O   . LYS A 1 16  ? 10.496  -0.312  4.418   1.00 11.32 ? 273 LYS A O   1 
ATOM   127  C CB  . LYS A 1 16  ? 13.260  1.140   4.393   1.00 11.41 ? 273 LYS A CB  1 
ATOM   128  C CG  . LYS A 1 16  ? 14.759  1.449   4.248   1.00 13.25 ? 273 LYS A CG  1 
ATOM   129  C CD  . LYS A 1 16  ? 14.997  2.947   4.437   1.00 12.53 ? 273 LYS A CD  1 
ATOM   130  C CE  . LYS A 1 16  ? 16.442  3.361   4.125   1.00 14.24 ? 273 LYS A CE  1 
ATOM   131  N NZ  . LYS A 1 16  ? 16.602  4.825   4.355   1.00 14.39 ? 273 LYS A NZ  1 
ATOM   132  N N   . PRO A 1 17  ? 11.395  -0.583  6.451   1.00 10.70 ? 274 PRO A N   1 
ATOM   133  C CA  . PRO A 1 17  ? 10.086  -0.459  7.098   1.00 11.07 ? 274 PRO A CA  1 
ATOM   134  C C   . PRO A 1 17  ? 9.654   0.996   7.098   1.00 9.99  ? 274 PRO A C   1 
ATOM   135  O O   . PRO A 1 17  ? 10.481  1.911   7.151   1.00 10.91 ? 274 PRO A O   1 
ATOM   136  C CB  . PRO A 1 17  ? 10.354  -0.939  8.524   1.00 12.20 ? 274 PRO A CB  1 
ATOM   137  C CG  . PRO A 1 17  ? 11.816  -0.574  8.751   1.00 12.24 ? 274 PRO A CG  1 
ATOM   138  C CD  . PRO A 1 17  ? 12.477  -0.817  7.419   1.00 12.57 ? 274 PRO A CD  1 
ATOM   139  N N   . LEU A 1 18  ? 8.336   1.209   7.064   1.00 10.33 ? 275 LEU A N   1 
ATOM   140  C CA  . LEU A 1 18  ? 7.826   2.575   7.020   1.00 12.48 ? 275 LEU A CA  1 
ATOM   141  C C   . LEU A 1 18  ? 8.230   3.375   8.248   1.00 10.72 ? 275 LEU A C   1 
ATOM   142  O O   . LEU A 1 18  ? 8.384   4.598   8.160   1.00 13.24 ? 275 LEU A O   1 
ATOM   143  C CB  . LEU A 1 18  ? 6.310   2.563   6.844   1.00 12.80 ? 275 LEU A CB  1 
ATOM   144  C CG  . LEU A 1 18  ? 5.917   2.824   5.384   1.00 21.48 ? 275 LEU A CG  1 
ATOM   145  C CD1 . LEU A 1 18  ? 6.579   1.861   4.413   1.00 21.20 ? 275 LEU A CD1 1 
ATOM   146  C CD2 . LEU A 1 18  ? 4.407   2.747   5.228   1.00 21.30 ? 275 LEU A CD2 1 
ATOM   147  N N   . GLY A 1 19  ? 8.417   2.713   9.392   1.00 10.81 ? 276 GLY A N   1 
ATOM   148  C CA  . GLY A 1 19  ? 8.849   3.405   10.594  1.00 13.32 ? 276 GLY A CA  1 
ATOM   149  C C   . GLY A 1 19  ? 10.290  3.867   10.575  1.00 12.98 ? 276 GLY A C   1 
ATOM   150  O O   . GLY A 1 19  ? 10.684  4.630   11.464  1.00 14.91 ? 276 GLY A O   1 
ATOM   151  N N   . GLU A 1 20  ? 11.084  3.422   9.603   1.00 11.26 ? 277 GLU A N   1 
ATOM   152  C CA  . GLU A 1 20  ? 12.444  3.919   9.419   1.00 12.98 ? 277 GLU A CA  1 
ATOM   153  C C   . GLU A 1 20  ? 12.658  4.609   8.078   1.00 13.59 ? 277 GLU A C   1 
ATOM   154  O O   . GLU A 1 20  ? 13.742  5.167   7.852   1.00 16.51 ? 277 GLU A O   1 
ATOM   155  C CB  . GLU A 1 20  ? 13.475  2.783   9.563   1.00 14.35 ? 277 GLU A CB  1 
ATOM   156  C CG  . GLU A 1 20  ? 13.624  2.268   10.974  1.00 22.90 ? 277 GLU A CG  1 
ATOM   157  C CD  . GLU A 1 20  ? 14.593  1.101   11.081  1.00 24.33 ? 277 GLU A CD  1 
ATOM   158  O OE1 . GLU A 1 20  ? 15.118  0.639   10.040  1.00 27.33 ? 277 GLU A OE1 1 
ATOM   159  O OE2 . GLU A 1 20  ? 14.826  0.639   12.216  1.00 29.26 ? 277 GLU A OE2 1 
ATOM   160  N N   . LEU A 1 21  ? 11.665  4.588   7.191   1.00 12.35 ? 278 LEU A N   1 
ATOM   161  C CA  . LEU A 1 21  ? 11.754  5.289   5.919   1.00 11.34 ? 278 LEU A CA  1 
ATOM   162  C C   . LEU A 1 21  ? 12.012  6.767   6.182   1.00 11.02 ? 278 LEU A C   1 
ATOM   163  O O   . LEU A 1 21  ? 11.441  7.352   7.105   1.00 11.46 ? 278 LEU A O   1 
ATOM   164  C CB  . LEU A 1 21  ? 10.405  5.108   5.220   1.00 11.43 ? 278 LEU A CB  1 
ATOM   165  C CG  . LEU A 1 21  ? 10.231  5.619   3.798   1.00 12.60 ? 278 LEU A CG  1 
ATOM   166  C CD1 . LEU A 1 21  ? 11.144  4.882   2.827   1.00 12.92 ? 278 LEU A CD1 1 
ATOM   167  C CD2 . LEU A 1 21  ? 8.782   5.480   3.373   1.00 12.94 ? 278 LEU A CD2 1 
ATOM   168  N N   . SER A 1 22  ? 12.907  7.375   5.394   1.00 11.17 ? 279 SER A N   1 
ATOM   169  C CA  . SER A 1 22  ? 13.252  8.782   5.569   1.00 12.37 ? 279 SER A CA  1 
ATOM   170  C C   . SER A 1 22  ? 12.885  9.614   4.353   1.00 12.27 ? 279 SER A C   1 
ATOM   171  O O   . SER A 1 22  ? 12.918  9.135   3.213   1.00 12.46 ? 279 SER A O   1 
ATOM   172  C CB  . SER A 1 22  ? 14.749  9.010   5.851   1.00 15.10 ? 279 SER A CB  1 
ATOM   173  O OG  . SER A 1 22  ? 15.156  8.306   7.003   1.00 16.52 ? 279 SER A OG  1 
ATOM   174  N N   . ILE A 1 23  ? 12.572  10.890  4.611   1.00 12.38 ? 280 ILE A N   1 
ATOM   175  C CA  . ILE A 1 23  ? 12.468  11.835  3.508   1.00 11.59 ? 280 ILE A CA  1 
ATOM   176  C C   . ILE A 1 23  ? 13.730  11.764  2.660   1.00 12.59 ? 280 ILE A C   1 
ATOM   177  O O   . ILE A 1 23  ? 14.836  11.545  3.169   1.00 12.70 ? 280 ILE A O   1 
ATOM   178  C CB  . ILE A 1 23  ? 12.191  13.263  4.008   1.00 14.25 ? 280 ILE A CB  1 
ATOM   179  C CG1 . ILE A 1 23  ? 13.268  13.720  4.997   1.00 15.87 ? 280 ILE A CG1 1 
ATOM   180  C CG2 . ILE A 1 23  ? 10.782  13.372  4.598   1.00 15.82 ? 280 ILE A CG2 1 
ATOM   181  C CD1 . ILE A 1 23  ? 13.189  15.219  5.289   1.00 17.20 ? 280 ILE A CD1 1 
ATOM   182  N N   . GLY A 1 24  ? 13.554  11.887  1.347   1.00 12.47 ? 281 GLY A N   1 
ATOM   183  C CA  . GLY A 1 24  ? 14.633  11.754  0.406   1.00 12.60 ? 281 GLY A CA  1 
ATOM   184  C C   . GLY A 1 24  ? 14.776  10.371  -0.186  1.00 14.18 ? 281 GLY A C   1 
ATOM   185  O O   . GLY A 1 24  ? 15.394  10.227  -1.242  1.00 17.35 ? 281 GLY A O   1 
ATOM   186  N N   . ASP A 1 25  ? 14.242  9.346   0.480   1.00 12.73 ? 282 ASP A N   1 
ATOM   187  C CA  . ASP A 1 25  ? 14.266  8.001   -0.085  1.00 11.47 ? 282 ASP A CA  1 
ATOM   188  C C   . ASP A 1 25  ? 13.309  7.937   -1.269  1.00 13.59 ? 282 ASP A C   1 
ATOM   189  O O   . ASP A 1 25  ? 12.236  8.545   -1.243  1.00 15.79 ? 282 ASP A O   1 
ATOM   190  C CB  . ASP A 1 25  ? 13.799  6.984   0.965   1.00 12.04 ? 282 ASP A CB  1 
ATOM   191  C CG  . ASP A 1 25  ? 14.849  6.707   2.028   1.00 13.21 ? 282 ASP A CG  1 
ATOM   192  O OD1 . ASP A 1 25  ? 16.041  6.982   1.779   1.00 12.45 ? 282 ASP A OD1 1 
ATOM   193  O OD2 . ASP A 1 25  ? 14.483  6.194   3.116   1.00 14.36 ? 282 ASP A OD2 1 
ATOM   194  N N   . ARG A 1 26  ? 13.689  7.194   -2.306  1.00 10.17 ? 283 ARG A N   1 
ATOM   195  C CA  . ARG A 1 26  ? 12.805  6.974   -3.448  1.00 12.20 ? 283 ARG A CA  1 
ATOM   196  C C   . ARG A 1 26  ? 12.233  5.567   -3.375  1.00 12.03 ? 283 ARG A C   1 
ATOM   197  O O   . ARG A 1 26  ? 12.986  4.600   -3.245  1.00 12.20 ? 283 ARG A O   1 
ATOM   198  C CB  . ARG A 1 26  ? 13.546  7.166   -4.771  1.00 15.09 ? 283 ARG A CB  1 
ATOM   199  C CG  . ARG A 1 26  ? 13.875  8.606   -5.080  1.00 17.85 ? 283 ARG A CG  1 
ATOM   200  C CD  . ARG A 1 26  ? 13.907  8.819   -6.581  1.00 26.67 ? 283 ARG A CD  1 
ATOM   201  N NE  . ARG A 1 26  ? 14.382  10.161  -6.893  1.00 30.76 ? 283 ARG A NE  1 
ATOM   202  C CZ  . ARG A 1 26  ? 15.625  10.438  -7.262  1.00 32.91 ? 283 ARG A CZ  1 
ATOM   203  N NH1 . ARG A 1 26  ? 16.512  9.459   -7.379  1.00 24.78 ? 283 ARG A NH1 1 
ATOM   204  N NH2 . ARG A 1 26  ? 15.978  11.691  -7.521  1.00 20.77 ? 283 ARG A NH2 1 
ATOM   205  N N   . VAL A 1 27  ? 10.906  5.458   -3.439  1.00 11.93 ? 284 VAL A N   1 
ATOM   206  C CA  . VAL A 1 27  ? 10.223  4.195   -3.197  1.00 9.70  ? 284 VAL A CA  1 
ATOM   207  C C   . VAL A 1 27  ? 9.355   3.834   -4.394  1.00 11.44 ? 284 VAL A C   1 
ATOM   208  O O   . VAL A 1 27  ? 8.954   4.687   -5.186  1.00 14.34 ? 284 VAL A O   1 
ATOM   209  C CB  . VAL A 1 27  ? 9.369   4.222   -1.914  1.00 11.21 ? 284 VAL A CB  1 
ATOM   210  C CG1 . VAL A 1 27  ? 10.225  4.609   -0.715  1.00 12.19 ? 284 VAL A CG1 1 
ATOM   211  C CG2 . VAL A 1 27  ? 8.221   5.199   -2.066  1.00 11.94 ? 284 VAL A CG2 1 
ATOM   212  N N   . LEU A 1 28  ? 9.030   2.551   -4.491  1.00 12.37 ? 285 LEU A N   1 
ATOM   213  C CA  . LEU A 1 28  ? 8.149   2.083   -5.552  1.00 12.01 ? 285 LEU A CA  1 
ATOM   214  C C   . LEU A 1 28  ? 6.734   2.607   -5.331  1.00 12.54 ? 285 LEU A C   1 
ATOM   215  O O   . LEU A 1 28  ? 6.212   2.572   -4.211  1.00 11.41 ? 285 LEU A O   1 
ATOM   216  C CB  . LEU A 1 28  ? 8.164   0.560   -5.622  1.00 14.02 ? 285 LEU A CB  1 
ATOM   217  C CG  . LEU A 1 28  ? 7.517   -0.069  -6.858  1.00 17.48 ? 285 LEU A CG  1 
ATOM   218  C CD1 . LEU A 1 28  ? 8.317   0.276   -8.098  1.00 18.03 ? 285 LEU A CD1 1 
ATOM   219  C CD2 . LEU A 1 28  ? 7.390   -1.577  -6.693  1.00 19.01 ? 285 LEU A CD2 1 
ATOM   220  N N   . SER A 1 29  ? 6.129   3.093   -6.413  1.00 11.15 ? 286 SER A N   1 
ATOM   221  C CA  . SER A 1 29  ? 4.833   3.756   -6.431  1.00 12.66 ? 286 SER A CA  1 
ATOM   222  C C   . SER A 1 29  ? 4.146   3.377   -7.741  1.00 13.40 ? 286 SER A C   1 
ATOM   223  O O   . SER A 1 29  ? 4.791   2.909   -8.680  1.00 15.82 ? 286 SER A O   1 
ATOM   224  C CB  . SER A 1 29  ? 5.045   5.269   -6.419  1.00 14.90 ? 286 SER A CB  1 
ATOM   225  O OG  . SER A 1 29  ? 5.697   5.713   -5.240  1.00 18.68 ? 286 SER A OG  1 
ATOM   226  N N   . MET A 1 30  ? 2.829   3.556   -7.809  1.00 15.61 ? 287 MET A N   1 
ATOM   227  C CA  . MET A 1 30  ? 2.068   3.225   -9.014  1.00 18.31 ? 287 MET A CA  1 
ATOM   228  C C   . MET A 1 30  ? 1.438   4.488   -9.580  1.00 20.00 ? 287 MET A C   1 
ATOM   229  O O   . MET A 1 30  ? 0.833   5.275   -8.840  1.00 20.05 ? 287 MET A O   1 
ATOM   230  C CB  . MET A 1 30  ? 0.974   2.180   -8.738  1.00 16.09 ? 287 MET A CB  1 
ATOM   231  C CG  . MET A 1 30  ? 0.324   1.584   -10.021 1.00 16.35 ? 287 MET A CG  1 
ATOM   232  S SD  . MET A 1 30  ? -0.936  0.283   -9.763  1.00 18.44 ? 287 MET A SD  1 
ATOM   233  C CE  . MET A 1 30  ? -2.207  1.313   -9.043  1.00 20.44 ? 287 MET A CE  1 
ATOM   234  N N   . THR A 1 31  ? 1.591   4.688   -10.888 1.00 14.52 ? 288 THR A N   1 
ATOM   235  C CA  . THR A 1 31  ? 0.970   5.827   -11.544 1.00 16.31 ? 288 THR A CA  1 
ATOM   236  C C   . THR A 1 31  ? -0.530  5.593   -11.704 1.00 16.42 ? 288 THR A C   1 
ATOM   237  O O   . THR A 1 31  ? -1.051  4.492   -11.497 1.00 15.33 ? 288 THR A O   1 
ATOM   238  C CB  . THR A 1 31  ? 1.569   6.050   -12.934 1.00 18.40 ? 288 THR A CB  1 
ATOM   239  O OG1 . THR A 1 31  ? 1.148   4.994   -13.809 1.00 18.40 ? 288 THR A OG1 1 
ATOM   240  C CG2 . THR A 1 31  ? 3.094   6.102   -12.870 1.00 24.76 ? 288 THR A CG2 1 
ATOM   241  N N   . ALA A 1 32  ? -1.231  6.656   -12.104 1.00 19.96 ? 289 ALA A N   1 
ATOM   242  C CA  . ALA A 1 32  ? -2.679  6.564   -12.248 1.00 20.40 ? 289 ALA A CA  1 
ATOM   243  C C   . ALA A 1 32  ? -3.071  5.513   -13.272 1.00 21.78 ? 289 ALA A C   1 
ATOM   244  O O   . ALA A 1 32  ? -4.149  4.916   -13.168 1.00 23.51 ? 289 ALA A O   1 
ATOM   245  C CB  . ALA A 1 32  ? -3.247  7.925   -12.640 1.00 23.88 ? 289 ALA A CB  1 
ATOM   246  N N   . ASN A 1 33  ? -2.207  5.262   -14.253 1.00 19.33 ? 290 ASN A N   1 
ATOM   247  C CA  . ASN A 1 33  ? -2.449  4.270   -15.291 1.00 23.26 ? 290 ASN A CA  1 
ATOM   248  C C   . ASN A 1 33  ? -1.891  2.894   -14.946 1.00 23.63 ? 290 ASN A C   1 
ATOM   249  O O   . ASN A 1 33  ? -1.934  1.995   -15.788 1.00 22.53 ? 290 ASN A O   1 
ATOM   250  C CB  . ASN A 1 33  ? -1.864  4.747   -16.623 1.00 25.06 ? 290 ASN A CB  1 
ATOM   251  C CG  . ASN A 1 33  ? -2.712  5.815   -17.280 1.00 55.95 ? 290 ASN A CG  1 
ATOM   252  O OD1 . ASN A 1 33  ? -2.222  6.595   -18.097 1.00 62.96 ? 290 ASN A OD1 1 
ATOM   253  N ND2 . ASN A 1 33  ? -3.992  5.857   -16.924 1.00 62.26 ? 290 ASN A ND2 1 
ATOM   254  N N   . GLY A 1 34  ? -1.355  2.711   -13.743 1.00 17.26 ? 291 GLY A N   1 
ATOM   255  C CA  . GLY A 1 34  ? -0.944  1.400   -13.290 1.00 17.71 ? 291 GLY A CA  1 
ATOM   256  C C   . GLY A 1 34  ? 0.513   1.039   -13.475 1.00 16.14 ? 291 GLY A C   1 
ATOM   257  O O   . GLY A 1 34  ? 0.874   -0.116  -13.233 1.00 20.22 ? 291 GLY A O   1 
ATOM   258  N N   . GLN A 1 35  ? 1.359   1.974   -13.883 1.00 15.93 ? 292 GLN A N   1 
ATOM   259  C CA  . GLN A 1 35  ? 2.763   1.668   -14.119 1.00 16.04 ? 292 GLN A CA  1 
ATOM   260  C C   . GLN A 1 35  ? 3.559   1.853   -12.836 1.00 16.17 ? 292 GLN A C   1 
ATOM   261  O O   . GLN A 1 35  ? 3.267   2.740   -12.029 1.00 16.64 ? 292 GLN A O   1 
ATOM   262  C CB  . GLN A 1 35  ? 3.338   2.561   -15.222 1.00 20.89 ? 292 GLN A CB  1 
ATOM   263  C CG  . GLN A 1 35  ? 3.134   1.988   -16.622 1.00 41.98 ? 292 GLN A CG  1 
ATOM   264  C CD  . GLN A 1 35  ? 3.481   0.508   -16.705 1.00 70.29 ? 292 GLN A CD  1 
ATOM   265  O OE1 . GLN A 1 35  ? 2.629   -0.325  -17.023 1.00 64.51 ? 292 GLN A OE1 1 
ATOM   266  N NE2 . GLN A 1 35  ? 4.738   0.175   -16.423 1.00 60.38 ? 292 GLN A NE2 1 
ATOM   267  N N   . ALA A 1 36  ? 4.570   1.011   -12.654 1.00 16.57 ? 293 ALA A N   1 
ATOM   268  C CA  . ALA A 1 36  ? 5.444   1.088   -11.494 1.00 13.93 ? 293 ALA A CA  1 
ATOM   269  C C   . ALA A 1 36  ? 6.535   2.106   -11.776 1.00 19.83 ? 293 ALA A C   1 
ATOM   270  O O   . ALA A 1 36  ? 7.145   2.083   -12.852 1.00 21.38 ? 293 ALA A O   1 
ATOM   271  C CB  . ALA A 1 36  ? 6.068   -0.278  -11.213 1.00 17.78 ? 293 ALA A CB  1 
ATOM   272  N N   . VAL A 1 37  ? 6.765   3.014   -10.825 1.00 13.42 ? 294 VAL A N   1 
ATOM   273  C CA  . VAL A 1 37  ? 7.819   4.017   -10.923 1.00 13.75 ? 294 VAL A CA  1 
ATOM   274  C C   . VAL A 1 37  ? 8.414   4.220   -9.536  1.00 15.57 ? 294 VAL A C   1 
ATOM   275  O O   . VAL A 1 37  ? 7.820   3.852   -8.524  1.00 14.50 ? 294 VAL A O   1 
ATOM   276  C CB  . VAL A 1 37  ? 7.304   5.375   -11.461 1.00 18.13 ? 294 VAL A CB  1 
ATOM   277  C CG1 . VAL A 1 37  ? 6.756   5.239   -12.887 1.00 24.95 ? 294 VAL A CG1 1 
ATOM   278  C CG2 . VAL A 1 37  ? 6.257   5.945   -10.531 1.00 17.10 ? 294 VAL A CG2 1 
ATOM   279  N N   . TYR A 1 38  ? 9.593   4.820   -9.488  1.00 16.05 ? 295 TYR A N   1 
ATOM   280  C CA  . TYR A 1 38  ? 10.189  5.234   -8.228  1.00 15.16 ? 295 TYR A CA  1 
ATOM   281  C C   . TYR A 1 38  ? 9.867   6.695   -7.986  1.00 16.15 ? 295 TYR A C   1 
ATOM   282  O O   . TYR A 1 38  ? 9.957   7.523   -8.896  1.00 17.37 ? 295 TYR A O   1 
ATOM   283  C CB  . TYR A 1 38  ? 11.706  5.061   -8.254  1.00 20.08 ? 295 TYR A CB  1 
ATOM   284  C CG  . TYR A 1 38  ? 12.148  3.629   -8.343  1.00 23.70 ? 295 TYR A CG  1 
ATOM   285  C CD1 . TYR A 1 38  ? 11.708  2.687   -7.423  1.00 19.10 ? 295 TYR A CD1 1 
ATOM   286  C CD2 . TYR A 1 38  ? 13.015  3.216   -9.349  1.00 32.26 ? 295 TYR A CD2 1 
ATOM   287  C CE1 . TYR A 1 38  ? 12.109  1.369   -7.507  1.00 35.59 ? 295 TYR A CE1 1 
ATOM   288  C CE2 . TYR A 1 38  ? 13.425  1.901   -9.439  1.00 35.68 ? 295 TYR A CE2 1 
ATOM   289  C CZ  . TYR A 1 38  ? 12.971  0.984   -8.516  1.00 37.32 ? 295 TYR A CZ  1 
ATOM   290  O OH  . TYR A 1 38  ? 13.379  -0.325  -8.602  1.00 49.59 ? 295 TYR A OH  1 
ATOM   291  N N   . SER A 1 39  ? 9.517   7.019   -6.749  1.00 12.41 ? 296 SER A N   1 
ATOM   292  C CA  . SER A 1 39  ? 9.095   8.367   -6.427  1.00 11.13 ? 296 SER A CA  1 
ATOM   293  C C   . SER A 1 39  ? 9.653   8.744   -5.065  1.00 10.89 ? 296 SER A C   1 
ATOM   294  O O   . SER A 1 39  ? 9.590   7.942   -4.132  1.00 11.85 ? 296 SER A O   1 
ATOM   295  C CB  . SER A 1 39  ? 7.563   8.446   -6.418  1.00 12.35 ? 296 SER A CB  1 
ATOM   296  O OG  . SER A 1 39  ? 7.162   9.794   -6.386  1.00 14.84 ? 296 SER A OG  1 
ATOM   297  N N   . GLU A 1 40  ? 10.184  9.958   -4.948  1.00 12.00 ? 297 GLU A N   1 
ATOM   298  C CA  . GLU A 1 40  ? 10.805  10.397  -3.701  1.00 11.45 ? 297 GLU A CA  1 
ATOM   299  C C   . GLU A 1 40  ? 9.763   10.612  -2.609  1.00 11.21 ? 297 GLU A C   1 
ATOM   300  O O   . GLU A 1 40  ? 8.710   11.207  -2.844  1.00 11.71 ? 297 GLU A O   1 
ATOM   301  C CB  . GLU A 1 40  ? 11.560  11.709  -3.940  1.00 13.62 ? 297 GLU A CB  1 
ATOM   302  C CG  . GLU A 1 40  ? 12.341  12.219  -2.732  1.00 15.92 ? 297 GLU A CG  1 
ATOM   303  C CD  . GLU A 1 40  ? 13.195  13.438  -3.061  1.00 28.12 ? 297 GLU A CD  1 
ATOM   304  O OE1 . GLU A 1 40  ? 14.062  13.785  -2.234  1.00 22.15 ? 297 GLU A OE1 1 
ATOM   305  O OE2 . GLU A 1 40  ? 13.020  14.040  -4.149  1.00 22.63 ? 297 GLU A OE2 1 
ATOM   306  N N   . VAL A 1 41  ? 10.082  10.146  -1.402  1.00 10.93 ? 298 VAL A N   1 
ATOM   307  C CA  . VAL A 1 41  ? 9.309   10.477  -0.205  1.00 10.86 ? 298 VAL A CA  1 
ATOM   308  C C   . VAL A 1 41  ? 9.691   11.889  0.207   1.00 11.48 ? 298 VAL A C   1 
ATOM   309  O O   . VAL A 1 41  ? 10.849  12.156  0.530   1.00 12.06 ? 298 VAL A O   1 
ATOM   310  C CB  . VAL A 1 41  ? 9.608   9.483   0.930   1.00 12.11 ? 298 VAL A CB  1 
ATOM   311  C CG1 . VAL A 1 41  ? 8.862   9.876   2.213   1.00 12.28 ? 298 VAL A CG1 1 
ATOM   312  C CG2 . VAL A 1 41  ? 9.261   8.069   0.498   1.00 13.34 ? 298 VAL A CG2 1 
ATOM   313  N N   . ILE A 1 42  ? 8.724   12.794  0.200   1.00 10.69 ? 299 ILE A N   1 
ATOM   314  C CA  . ILE A 1 42  ? 9.032   14.207  0.396   1.00 11.38 ? 299 ILE A CA  1 
ATOM   315  C C   . ILE A 1 42  ? 8.571   14.745  1.741   1.00 11.41 ? 299 ILE A C   1 
ATOM   316  O O   . ILE A 1 42  ? 9.100   15.773  2.186   1.00 12.43 ? 299 ILE A O   1 
ATOM   317  C CB  . ILE A 1 42  ? 8.492   15.076  -0.756  1.00 13.22 ? 299 ILE A CB  1 
ATOM   318  C CG1 . ILE A 1 42  ? 6.981   14.863  -0.887  1.00 18.96 ? 299 ILE A CG1 1 
ATOM   319  C CG2 . ILE A 1 42  ? 9.219   14.716  -2.051  1.00 15.54 ? 299 ILE A CG2 1 
ATOM   320  C CD1 . ILE A 1 42  ? 6.400   15.290  -2.209  1.00 33.94 ? 299 ILE A CD1 1 
ATOM   321  N N   . LEU A 1 43  ? 7.606   14.106  2.393   1.00 10.31 ? 300 LEU A N   1 
ATOM   322  C CA  . LEU A 1 43  ? 7.137   14.497  3.718   1.00 10.71 ? 300 LEU A CA  1 
ATOM   323  C C   . LEU A 1 43  ? 6.311   13.340  4.266   1.00 10.68 ? 300 LEU A C   1 
ATOM   324  O O   . LEU A 1 43  ? 5.985   12.389  3.550   1.00 10.33 ? 300 LEU A O   1 
ATOM   325  C CB  . LEU A 1 43  ? 6.321   15.801  3.679   1.00 12.09 ? 300 LEU A CB  1 
ATOM   326  C CG  . LEU A 1 43  ? 5.065   15.855  2.807   1.00 9.40  ? 300 LEU A CG  1 
ATOM   327  C CD1 . LEU A 1 43  ? 3.835   15.302  3.539   1.00 12.67 ? 300 LEU A CD1 1 
ATOM   328  C CD2 . LEU A 1 43  ? 4.809   17.297  2.333   1.00 11.95 ? 300 LEU A CD2 1 
ATOM   329  N N   . PHE A 1 44  ? 5.978   13.432  5.546   1.00 12.88 ? 301 PHE A N   1 
ATOM   330  C CA  . PHE A 1 44  ? 5.039   12.511  6.169   1.00 12.10 ? 301 PHE A CA  1 
ATOM   331  C C   . PHE A 1 44  ? 3.799   13.294  6.550   1.00 11.01 ? 301 PHE A C   1 
ATOM   332  O O   . PHE A 1 44  ? 3.889   14.287  7.282   1.00 15.40 ? 301 PHE A O   1 
ATOM   333  C CB  . PHE A 1 44  ? 5.649   11.853  7.405   1.00 13.34 ? 301 PHE A CB  1 
ATOM   334  C CG  . PHE A 1 44  ? 6.662   10.813  7.078   1.00 10.68 ? 301 PHE A CG  1 
ATOM   335  C CD1 . PHE A 1 44  ? 7.960   11.172  6.764   1.00 14.11 ? 301 PHE A CD1 1 
ATOM   336  C CD2 . PHE A 1 44  ? 6.323   9.470   7.078   1.00 11.55 ? 301 PHE A CD2 1 
ATOM   337  C CE1 . PHE A 1 44  ? 8.896   10.219  6.447   1.00 13.09 ? 301 PHE A CE1 1 
ATOM   338  C CE2 . PHE A 1 44  ? 7.262   8.513   6.766   1.00 12.06 ? 301 PHE A CE2 1 
ATOM   339  C CZ  . PHE A 1 44  ? 8.543   8.886   6.447   1.00 14.23 ? 301 PHE A CZ  1 
ATOM   340  N N   . MET A 1 45  ? 2.652   12.865  6.035   1.00 12.59 ? 302 MET A N   1 
ATOM   341  C CA  . MET A 1 45  ? 1.396   13.473  6.452   1.00 11.79 ? 302 MET A CA  1 
ATOM   342  C C   . MET A 1 45  ? 1.040   13.073  7.873   1.00 17.12 ? 302 MET A C   1 
ATOM   343  O O   . MET A 1 45  ? 0.354   13.823  8.580   1.00 18.54 ? 302 MET A O   1 
ATOM   344  C CB  . MET A 1 45  ? 0.297   13.112  5.464   1.00 12.49 ? 302 MET A CB  1 
ATOM   345  C CG  . MET A 1 45  ? 0.576   13.724  4.105   1.00 13.72 ? 302 MET A CG  1 
ATOM   346  S SD  . MET A 1 45  ? -0.649  13.357  2.851   1.00 15.39 ? 302 MET A SD  1 
ATOM   347  C CE  . MET A 1 45  ? -0.379  11.585  2.666   1.00 15.29 ? 302 MET A CE  1 
ATOM   348  N N   . HIS A 1 46  ? 1.519   11.913  8.316   1.00 13.71 ? 303 HIS A N   1 
ATOM   349  C CA  . HIS A 1 46  ? 1.352   11.493  9.695   1.00 13.51 ? 303 HIS A CA  1 
ATOM   350  C C   . HIS A 1 46  ? 2.490   10.546  10.021  1.00 14.03 ? 303 HIS A C   1 
ATOM   351  O O   . HIS A 1 46  ? 2.889   9.734   9.188   1.00 13.80 ? 303 HIS A O   1 
ATOM   352  C CB  . HIS A 1 46  ? -0.002  10.810  9.934   1.00 17.48 ? 303 HIS A CB  1 
ATOM   353  C CG  . HIS A 1 46  ? -0.427  10.821  11.371  1.00 35.49 ? 303 HIS A CG  1 
ATOM   354  N ND1 . HIS A 1 46  ? -0.591  11.987  12.089  1.00 53.05 ? 303 HIS A ND1 1 
ATOM   355  C CD2 . HIS A 1 46  ? -0.696  9.811   12.231  1.00 39.64 ? 303 HIS A CD2 1 
ATOM   356  C CE1 . HIS A 1 46  ? -0.953  11.693  13.325  1.00 43.34 ? 303 HIS A CE1 1 
ATOM   357  N NE2 . HIS A 1 46  ? -1.020  10.380  13.440  1.00 24.51 ? 303 HIS A NE2 1 
ATOM   358  N N   . ARG A 1 47  ? 3.025   10.661  11.229  1.00 13.04 ? 304 ARG A N   1 
ATOM   359  C CA  . ARG A 1 47  ? 4.081   9.750   11.642  1.00 11.98 ? 304 ARG A CA  1 
ATOM   360  C C   . ARG A 1 47  ? 4.055   9.731   13.169  1.00 11.91 ? 304 ARG A C   1 
ATOM   361  O O   . ARG A 1 47  ? 4.600   10.633  13.809  1.00 17.24 ? 304 ARG A O   1 
ATOM   362  C CB  . ARG A 1 47  ? 5.417   10.224  11.097  1.00 14.03 ? 304 ARG A CB  1 
ATOM   363  C CG  . ARG A 1 47  ? 6.528   9.237   11.289  1.00 16.46 ? 304 ARG A CG  1 
ATOM   364  C CD  . ARG A 1 47  ? 7.860   9.724   10.698  1.00 14.65 ? 304 ARG A CD  1 
ATOM   365  N NE  . ARG A 1 47  ? 8.837   8.663   10.896  1.00 13.15 ? 304 ARG A NE  1 
ATOM   366  C CZ  . ARG A 1 47  ? 9.501   8.448   12.030  1.00 15.58 ? 304 ARG A CZ  1 
ATOM   367  N NH1 . ARG A 1 47  ? 9.367   9.274   13.066  1.00 16.77 ? 304 ARG A NH1 1 
ATOM   368  N NH2 . ARG A 1 47  ? 10.308  7.405   12.124  1.00 16.49 ? 304 ARG A NH2 1 
ATOM   369  N N   . ASN A 1 48  ? 3.386   8.733   13.735  1.00 11.82 ? 305 ASN A N   1 
ATOM   370  C CA  . ASN A 1 48  ? 3.303   8.612   15.190  1.00 13.66 ? 305 ASN A CA  1 
ATOM   371  C C   . ASN A 1 48  ? 3.456   7.134   15.534  1.00 14.64 ? 305 ASN A C   1 
ATOM   372  O O   . ASN A 1 48  ? 2.502   6.359   15.424  1.00 12.59 ? 305 ASN A O   1 
ATOM   373  C CB  . ASN A 1 48  ? 2.000   9.182   15.729  1.00 14.45 ? 305 ASN A CB  1 
ATOM   374  C CG  . ASN A 1 48  ? 1.975   9.222   17.250  1.00 21.03 ? 305 ASN A CG  1 
ATOM   375  O OD1 . ASN A 1 48  ? 2.752   8.532   17.920  1.00 18.07 ? 305 ASN A OD1 1 
ATOM   376  N ND2 . ASN A 1 48  ? 1.070   10.017  17.799  1.00 24.57 ? 305 ASN A ND2 1 
ATOM   377  N N   . LEU A 1 49  ? 4.660   6.761   15.967  1.00 13.73 ? 306 LEU A N   1 
ATOM   378  C CA  . LEU A 1 49  ? 4.979   5.366   16.246  1.00 14.00 ? 306 LEU A CA  1 
ATOM   379  C C   . LEU A 1 49  ? 4.333   4.841   17.522  1.00 13.23 ? 306 LEU A C   1 
ATOM   380  O O   . LEU A 1 49  ? 4.371   3.624   17.756  1.00 17.17 ? 306 LEU A O   1 
ATOM   381  C CB  . LEU A 1 49  ? 6.497   5.189   16.299  1.00 16.78 ? 306 LEU A CB  1 
ATOM   382  C CG  . LEU A 1 49  ? 7.230   5.743   15.072  1.00 16.33 ? 306 LEU A CG  1 
ATOM   383  C CD1 . LEU A 1 49  ? 8.731   5.560   15.244  1.00 21.03 ? 306 LEU A CD1 1 
ATOM   384  C CD2 . LEU A 1 49  ? 6.739   5.044   13.827  1.00 19.32 ? 306 LEU A CD2 1 
ATOM   385  N N   . GLU A 1 50  ? 3.730   5.704   18.328  1.00 13.27 ? 307 GLU A N   1 
ATOM   386  C CA  . GLU A 1 50  ? 3.123   5.295   19.589  1.00 15.67 ? 307 GLU A CA  1 
ATOM   387  C C   . GLU A 1 50  ? 1.599   5.298   19.563  1.00 16.27 ? 307 GLU A C   1 
ATOM   388  O O   . GLU A 1 50  ? 0.975   4.989   20.584  1.00 17.94 ? 307 GLU A O   1 
ATOM   389  C CB  . GLU A 1 50  ? 3.624   6.186   20.734  1.00 17.59 ? 307 GLU A CB  1 
ATOM   390  C CG  . GLU A 1 50  ? 5.157   6.208   20.884  1.00 17.89 ? 307 GLU A CG  1 
ATOM   391  C CD  . GLU A 1 50  ? 5.751   4.823   21.108  1.00 50.37 ? 307 GLU A CD  1 
ATOM   392  O OE1 . GLU A 1 50  ? 5.319   4.129   22.056  1.00 51.03 ? 307 GLU A OE1 1 
ATOM   393  O OE2 . GLU A 1 50  ? 6.645   4.423   20.331  1.00 44.17 ? 307 GLU A OE2 1 
ATOM   394  N N   . GLN A 1 51  ? 0.978   5.635   18.436  1.00 14.17 ? 308 GLN A N   1 
ATOM   395  C CA  . GLN A 1 51  ? -0.471  5.795   18.376  1.00 15.29 ? 308 GLN A CA  1 
ATOM   396  C C   . GLN A 1 51  ? -1.137  4.447   18.113  1.00 13.24 ? 308 GLN A C   1 
ATOM   397  O O   . GLN A 1 51  ? -0.900  3.826   17.073  1.00 14.28 ? 308 GLN A O   1 
ATOM   398  C CB  . GLN A 1 51  ? -0.831  6.771   17.260  1.00 15.39 ? 308 GLN A CB  1 
ATOM   399  C CG  . GLN A 1 51  ? -2.317  6.890   17.039  1.00 18.45 ? 308 GLN A CG  1 
ATOM   400  C CD  . GLN A 1 51  ? -2.647  7.903   15.976  1.00 31.02 ? 308 GLN A CD  1 
ATOM   401  O OE1 . GLN A 1 51  ? -1.947  8.905   15.825  1.00 42.55 ? 308 GLN A OE1 1 
ATOM   402  N NE2 . GLN A 1 51  ? -3.708  7.647   15.222  1.00 29.18 ? 308 GLN A NE2 1 
ATOM   403  N N   . MET A 1 52  ? -1.987  3.999   19.048  1.00 11.25 ? 309 MET A N   1 
ATOM   404  C CA  . MET A 1 52  ? -2.728  2.762   18.844  1.00 14.04 ? 309 MET A CA  1 
ATOM   405  C C   . MET A 1 52  ? -3.818  2.989   17.816  1.00 11.64 ? 309 MET A C   1 
ATOM   406  O O   . MET A 1 52  ? -4.439  4.055   17.774  1.00 15.82 ? 309 MET A O   1 
ATOM   407  C CB  . MET A 1 52  ? -3.407  2.315   20.138  1.00 16.62 ? 309 MET A CB  1 
ATOM   408  C CG  . MET A 1 52  ? -2.486  1.874   21.224  1.00 21.95 ? 309 MET A CG  1 
ATOM   409  S SD  . MET A 1 52  ? -1.406  0.510   20.828  1.00 21.17 ? 309 MET A SD  1 
ATOM   410  C CE  . MET A 1 52  ? -2.546  -0.675  20.174  1.00 17.15 ? 309 MET A CE  1 
ATOM   411  N N   . GLN A 1 53  ? -4.079  1.965   17.011  1.00 12.01 ? 310 GLN A N   1 
ATOM   412  C CA  . GLN A 1 53  ? -4.974  2.160   15.884  1.00 11.73 ? 310 GLN A CA  1 
ATOM   413  C C   . GLN A 1 53  ? -5.580  0.829   15.461  1.00 10.76 ? 310 GLN A C   1 
ATOM   414  O O   . GLN A 1 53  ? -4.912  -0.209  15.487  1.00 12.94 ? 310 GLN A O   1 
ATOM   415  C CB  . GLN A 1 53  ? -4.182  2.788   14.722  1.00 13.81 ? 310 GLN A CB  1 
ATOM   416  C CG  . GLN A 1 53  ? -4.917  2.846   13.394  1.00 13.10 ? 310 GLN A CG  1 
ATOM   417  C CD  . GLN A 1 53  ? -5.971  3.928   13.359  1.00 13.64 ? 310 GLN A CD  1 
ATOM   418  O OE1 . GLN A 1 53  ? -5.721  5.076   13.750  1.00 19.41 ? 310 GLN A OE1 1 
ATOM   419  N NE2 . GLN A 1 53  ? -7.156  3.570   12.878  1.00 12.35 ? 310 GLN A NE2 1 
ATOM   420  N N   . ASN A 1 54  ? -6.850  0.878   15.050  1.00 9.81  ? 311 ASN A N   1 
ATOM   421  C CA  . ASN A 1 54  ? -7.508  -0.259  14.433  1.00 12.84 ? 311 ASN A CA  1 
ATOM   422  C C   . ASN A 1 54  ? -7.209  -0.225  12.940  1.00 11.02 ? 311 ASN A C   1 
ATOM   423  O O   . ASN A 1 54  ? -7.363  0.821   12.298  1.00 13.64 ? 311 ASN A O   1 
ATOM   424  C CB  . ASN A 1 54  ? -9.022  -0.172  14.623  1.00 13.61 ? 311 ASN A CB  1 
ATOM   425  C CG  . ASN A 1 54  ? -9.464  -0.567  16.020  1.00 17.36 ? 311 ASN A CG  1 
ATOM   426  O OD1 . ASN A 1 54  ? -8.644  -0.860  16.890  1.00 16.85 ? 311 ASN A OD1 1 
ATOM   427  N ND2 . ASN A 1 54  ? -10.775 -0.570  16.240  1.00 21.65 ? 311 ASN A ND2 1 
ATOM   428  N N   . PHE A 1 55  ? -6.806  -1.367  12.397  1.00 11.56 ? 312 PHE A N   1 
ATOM   429  C CA  . PHE A 1 55  ? -6.427  -1.509  11.002  1.00 11.09 ? 312 PHE A CA  1 
ATOM   430  C C   . PHE A 1 55  ? -7.238  -2.628  10.365  1.00 13.25 ? 312 PHE A C   1 
ATOM   431  O O   . PHE A 1 55  ? -7.581  -3.623  11.015  1.00 14.07 ? 312 PHE A O   1 
ATOM   432  C CB  . PHE A 1 55  ? -4.952  -1.931  10.873  1.00 9.91  ? 312 PHE A CB  1 
ATOM   433  C CG  . PHE A 1 55  ? -3.945  -0.883  11.307  1.00 9.67  ? 312 PHE A CG  1 
ATOM   434  C CD1 . PHE A 1 55  ? -3.436  0.042   10.407  1.00 11.04 ? 312 PHE A CD1 1 
ATOM   435  C CD2 . PHE A 1 55  ? -3.463  -0.869  12.607  1.00 13.05 ? 312 PHE A CD2 1 
ATOM   436  C CE1 . PHE A 1 55  ? -2.499  0.987   10.812  1.00 12.72 ? 312 PHE A CE1 1 
ATOM   437  C CE2 . PHE A 1 55  ? -2.532  0.063   13.016  1.00 12.67 ? 312 PHE A CE2 1 
ATOM   438  C CZ  . PHE A 1 55  ? -2.047  0.994   12.119  1.00 12.54 ? 312 PHE A CZ  1 
ATOM   439  N N   . VAL A 1 56  ? -7.551  -2.441  9.092   1.00 10.80 ? 313 VAL A N   1 
ATOM   440  C CA  . VAL A 1 56  ? -7.999  -3.490  8.188   1.00 12.50 ? 313 VAL A CA  1 
ATOM   441  C C   . VAL A 1 56  ? -6.764  -4.225  7.698   1.00 12.09 ? 313 VAL A C   1 
ATOM   442  O O   . VAL A 1 56  ? -5.735  -3.604  7.418   1.00 11.83 ? 313 VAL A O   1 
ATOM   443  C CB  . VAL A 1 56  ? -8.729  -2.837  6.994   1.00 11.86 ? 313 VAL A CB  1 
ATOM   444  C CG1 . VAL A 1 56  ? -9.124  -3.867  5.952   1.00 15.33 ? 313 VAL A CG1 1 
ATOM   445  C CG2 . VAL A 1 56  ? -9.953  -2.052  7.459   1.00 13.52 ? 313 VAL A CG2 1 
ATOM   446  N N   A GLN A 1 57  ? -6.852  -5.550  7.579   0.56 11.94 ? 314 GLN A N   1 
ATOM   447  N N   B GLN A 1 57  ? -6.853  -5.550  7.595   0.44 11.93 ? 314 GLN A N   1 
ATOM   448  C CA  A GLN A 1 57  ? -5.756  -6.358  7.054   0.56 11.32 ? 314 GLN A CA  1 
ATOM   449  C CA  B GLN A 1 57  ? -5.779  -6.371  7.055   0.44 11.36 ? 314 GLN A CA  1 
ATOM   450  C C   A GLN A 1 57  ? -6.253  -7.137  5.847   0.56 14.97 ? 314 GLN A C   1 
ATOM   451  C C   B GLN A 1 57  ? -6.311  -7.085  5.825   0.44 15.03 ? 314 GLN A C   1 
ATOM   452  O O   A GLN A 1 57  ? -7.157  -7.966  5.972   0.56 15.02 ? 314 GLN A O   1 
ATOM   453  O O   B GLN A 1 57  ? -7.311  -7.803  5.906   0.44 15.29 ? 314 GLN A O   1 
ATOM   454  C CB  A GLN A 1 57  ? -5.222  -7.314  8.121   0.56 13.37 ? 314 GLN A CB  1 
ATOM   455  C CB  B GLN A 1 57  ? -5.296  -7.383  8.095   0.44 13.32 ? 314 GLN A CB  1 
ATOM   456  C CG  A GLN A 1 57  ? -3.907  -7.949  7.735   0.56 15.54 ? 314 GLN A CG  1 
ATOM   457  C CG  B GLN A 1 57  ? -4.528  -6.755  9.240   0.44 11.95 ? 314 GLN A CG  1 
ATOM   458  C CD  A GLN A 1 57  ? -3.185  -8.556  8.917   0.56 19.65 ? 314 GLN A CD  1 
ATOM   459  C CD  B GLN A 1 57  ? -3.794  -7.779  10.079  0.44 17.96 ? 314 GLN A CD  1 
ATOM   460  O OE1 A GLN A 1 57  ? -3.502  -9.664  9.344   0.56 20.80 ? 314 GLN A OE1 1 
ATOM   461  O OE1 B GLN A 1 57  ? -4.387  -8.747  10.553  0.44 20.30 ? 314 GLN A OE1 1 
ATOM   462  N NE2 A GLN A 1 57  ? -2.210  -7.833  9.457   0.56 15.99 ? 314 GLN A NE2 1 
ATOM   463  N NE2 B GLN A 1 57  ? -2.493  -7.580  10.255  0.44 16.11 ? 314 GLN A NE2 1 
ATOM   464  N N   . LEU A 1 58  ? -5.661  -6.875  4.689   1.00 11.90 ? 315 LEU A N   1 
ATOM   465  C CA  . LEU A 1 58  ? -6.065  -7.471  3.422   1.00 10.63 ? 315 LEU A CA  1 
ATOM   466  C C   . LEU A 1 58  ? -5.005  -8.485  3.019   1.00 13.54 ? 315 LEU A C   1 
ATOM   467  O O   . LEU A 1 58  ? -3.842  -8.123  2.815   1.00 15.02 ? 315 LEU A O   1 
ATOM   468  C CB  . LEU A 1 58  ? -6.202  -6.394  2.338   1.00 12.23 ? 315 LEU A CB  1 
ATOM   469  C CG  . LEU A 1 58  ? -7.155  -5.228  2.630   1.00 13.68 ? 315 LEU A CG  1 
ATOM   470  C CD1 . LEU A 1 58  ? -7.132  -4.213  1.497   1.00 16.23 ? 315 LEU A CD1 1 
ATOM   471  C CD2 . LEU A 1 58  ? -8.578  -5.739  2.876   1.00 15.84 ? 315 LEU A CD2 1 
ATOM   472  N N   . HIS A 1 59  ? -5.401  -9.746  2.904   1.00 12.21 ? 316 HIS A N   1 
ATOM   473  C CA  . HIS A 1 59  ? -4.513  -10.803 2.451   1.00 10.74 ? 316 HIS A CA  1 
ATOM   474  C C   . HIS A 1 59  ? -4.893  -11.161 1.025   1.00 11.41 ? 316 HIS A C   1 
ATOM   475  O O   . HIS A 1 59  ? -6.075  -11.413 0.741   1.00 13.91 ? 316 HIS A O   1 
ATOM   476  C CB  . HIS A 1 59  ? -4.695  -12.055 3.314   1.00 12.85 ? 316 HIS A CB  1 
ATOM   477  C CG  . HIS A 1 59  ? -4.536  -11.825 4.785   1.00 14.70 ? 316 HIS A CG  1 
ATOM   478  N ND1 . HIS A 1 59  ? -3.559  -12.448 5.526   1.00 15.92 ? 316 HIS A ND1 1 
ATOM   479  C CD2 . HIS A 1 59  ? -5.233  -11.057 5.654   1.00 18.44 ? 316 HIS A CD2 1 
ATOM   480  C CE1 . HIS A 1 59  ? -3.656  -12.073 6.790   1.00 16.91 ? 316 HIS A CE1 1 
ATOM   481  N NE2 . HIS A 1 59  ? -4.666  -11.228 6.895   1.00 20.09 ? 316 HIS A NE2 1 
ATOM   482  N N   . THR A 1 60  ? -3.884  -11.204 0.153   1.00 11.67 ? 317 THR A N   1 
ATOM   483  C CA  . THR A 1 60  ? -4.078  -11.510 -1.258  1.00 12.13 ? 317 THR A CA  1 
ATOM   484  C C   . THR A 1 60  ? -3.737  -12.967 -1.557  1.00 14.17 ? 317 THR A C   1 
ATOM   485  O O   . THR A 1 60  ? -3.008  -13.633 -0.814  1.00 14.71 ? 317 THR A O   1 
ATOM   486  C CB  . THR A 1 60  ? -3.247  -10.585 -2.157  1.00 13.32 ? 317 THR A CB  1 
ATOM   487  O OG1 . THR A 1 60  ? -1.860  -10.964 -2.122  1.00 13.08 ? 317 THR A OG1 1 
ATOM   488  C CG2 . THR A 1 60  ? -3.401  -9.128  -1.728  1.00 14.89 ? 317 THR A CG2 1 
ATOM   489  N N   A ASP A 1 61  ? -4.269  -13.450 -2.685  0.47 15.22 ? 318 ASP A N   1 
ATOM   490  N N   B ASP A 1 61  ? -4.281  -13.450 -2.675  0.53 15.15 ? 318 ASP A N   1 
ATOM   491  C CA  A ASP A 1 61  ? -4.079  -14.843 -3.083  0.47 16.28 ? 318 ASP A CA  1 
ATOM   492  C CA  B ASP A 1 61  ? -4.084  -14.834 -3.094  0.53 16.29 ? 318 ASP A CA  1 
ATOM   493  C C   A ASP A 1 61  ? -2.620  -15.188 -3.359  0.47 21.51 ? 318 ASP A C   1 
ATOM   494  C C   B ASP A 1 61  ? -2.616  -15.180 -3.319  0.53 21.58 ? 318 ASP A C   1 
ATOM   495  O O   A ASP A 1 61  ? -2.259  -16.371 -3.333  0.47 23.49 ? 318 ASP A O   1 
ATOM   496  O O   B ASP A 1 61  ? -2.244  -16.354 -3.213  0.53 23.31 ? 318 ASP A O   1 
ATOM   497  C CB  A ASP A 1 61  ? -4.977  -15.206 -4.278  0.47 18.40 ? 318 ASP A CB  1 
ATOM   498  C CB  B ASP A 1 61  ? -4.902  -15.106 -4.360  0.53 18.54 ? 318 ASP A CB  1 
ATOM   499  C CG  A ASP A 1 61  ? -4.778  -14.294 -5.481  0.47 17.02 ? 318 ASP A CG  1 
ATOM   500  C CG  B ASP A 1 61  ? -4.794  -16.544 -4.820  0.53 23.19 ? 318 ASP A CG  1 
ATOM   501  O OD1 A ASP A 1 61  ? -3.709  -13.662 -5.610  0.47 21.64 ? 318 ASP A OD1 1 
ATOM   502  O OD1 B ASP A 1 61  ? -5.177  -17.441 -4.040  0.53 26.10 ? 318 ASP A OD1 1 
ATOM   503  O OD2 A ASP A 1 61  ? -5.701  -14.224 -6.322  0.47 25.05 ? 318 ASP A OD2 1 
ATOM   504  O OD2 B ASP A 1 61  ? -4.325  -16.772 -5.956  0.53 38.55 ? 318 ASP A OD2 1 
ATOM   505  N N   . GLY A 1 62  ? -1.778  -14.194 -3.612  1.00 14.88 ? 319 GLY A N   1 
ATOM   506  C CA  . GLY A 1 62  ? -0.366  -14.410 -3.833  1.00 17.17 ? 319 GLY A CA  1 
ATOM   507  C C   . GLY A 1 62  ? 0.528   -14.177 -2.633  1.00 17.17 ? 319 GLY A C   1 
ATOM   508  O O   . GLY A 1 62  ? 1.754   -14.245 -2.777  1.00 22.95 ? 319 GLY A O   1 
ATOM   509  N N   . GLY A 1 63  ? -0.030  -13.911 -1.455  1.00 15.97 ? 320 GLY A N   1 
ATOM   510  C CA  . GLY A 1 63  ? 0.785   -13.771 -0.264  1.00 15.18 ? 320 GLY A CA  1 
ATOM   511  C C   . GLY A 1 63  ? 1.320   -12.378 -0.002  1.00 14.85 ? 320 GLY A C   1 
ATOM   512  O O   . GLY A 1 63  ? 2.442   -12.233 0.501   1.00 13.71 ? 320 GLY A O   1 
ATOM   513  N N   . ALA A 1 64  ? 0.564   -11.348 -0.351  1.00 14.57 ? 321 ALA A N   1 
ATOM   514  C CA  . ALA A 1 64  ? 0.825   -9.998  0.117   1.00 12.93 ? 321 ALA A CA  1 
ATOM   515  C C   . ALA A 1 64  ? -0.201  -9.672  1.191   1.00 12.69 ? 321 ALA A C   1 
ATOM   516  O O   . ALA A 1 64  ? -1.362  -10.084 1.098   1.00 13.88 ? 321 ALA A O   1 
ATOM   517  C CB  . ALA A 1 64  ? 0.734   -9.000  -1.039  1.00 15.54 ? 321 ALA A CB  1 
ATOM   518  N N   . VAL A 1 65  ? 0.230   -8.948  2.220   1.00 11.98 ? 322 VAL A N   1 
ATOM   519  C CA  . VAL A 1 65  ? -0.624  -8.636  3.359   1.00 11.78 ? 322 VAL A CA  1 
ATOM   520  C C   . VAL A 1 65  ? -0.500  -7.143  3.625   1.00 12.51 ? 322 VAL A C   1 
ATOM   521  O O   . VAL A 1 65  ? 0.562   -6.672  4.046   1.00 13.13 ? 322 VAL A O   1 
ATOM   522  C CB  . VAL A 1 65  ? -0.241  -9.445  4.604   1.00 13.77 ? 322 VAL A CB  1 
ATOM   523  C CG1 . VAL A 1 65  ? -1.168  -9.113  5.753   1.00 16.49 ? 322 VAL A CG1 1 
ATOM   524  C CG2 . VAL A 1 65  ? -0.270  -10.951 4.304   1.00 15.23 ? 322 VAL A CG2 1 
ATOM   525  N N   . LEU A 1 66  ? -1.577  -6.397  3.382   1.00 11.00 ? 323 LEU A N   1 
ATOM   526  C CA  . LEU A 1 66  ? -1.581  -4.948  3.570   1.00 10.59 ? 323 LEU A CA  1 
ATOM   527  C C   . LEU A 1 66  ? -2.393  -4.614  4.814   1.00 11.53 ? 323 LEU A C   1 
ATOM   528  O O   . LEU A 1 66  ? -3.566  -4.992  4.911   1.00 12.55 ? 323 LEU A O   1 
ATOM   529  C CB  . LEU A 1 66  ? -2.189  -4.242  2.360   1.00 10.13 ? 323 LEU A CB  1 
ATOM   530  C CG  . LEU A 1 66  ? -2.202  -2.711  2.398   1.00 10.11 ? 323 LEU A CG  1 
ATOM   531  C CD1 . LEU A 1 66  ? -0.779  -2.143  2.356   1.00 12.15 ? 323 LEU A CD1 1 
ATOM   532  C CD2 . LEU A 1 66  ? -3.018  -2.172  1.228   1.00 13.25 ? 323 LEU A CD2 1 
ATOM   533  N N   . THR A 1 67  ? -1.786  -3.891  5.747   1.00 11.03 ? 324 THR A N   1 
ATOM   534  C CA  . THR A 1 67  ? -2.427  -3.474  6.993   1.00 9.95  ? 324 THR A CA  1 
ATOM   535  C C   . THR A 1 67  ? -2.550  -1.956  6.965   1.00 12.63 ? 324 THR A C   1 
ATOM   536  O O   . THR A 1 67  ? -1.538  -1.243  7.006   1.00 12.54 ? 324 THR A O   1 
ATOM   537  C CB  . THR A 1 67  ? -1.617  -3.949  8.192   1.00 11.59 ? 324 THR A CB  1 
ATOM   538  O OG1 . THR A 1 67  ? -1.441  -5.372  8.086   1.00 13.58 ? 324 THR A OG1 1 
ATOM   539  C CG2 . THR A 1 67  ? -2.351  -3.643  9.476   1.00 12.11 ? 324 THR A CG2 1 
ATOM   540  N N   . VAL A 1 68  ? -3.779  -1.465  6.826   1.00 9.70  ? 325 VAL A N   1 
ATOM   541  C CA  . VAL A 1 68  ? -4.029  -0.038  6.621   1.00 10.39 ? 325 VAL A CA  1 
ATOM   542  C C   . VAL A 1 68  ? -5.248  0.392   7.431   1.00 10.45 ? 325 VAL A C   1 
ATOM   543  O O   . VAL A 1 68  ? -6.122  -0.412  7.757   1.00 10.66 ? 325 VAL A O   1 
ATOM   544  C CB  . VAL A 1 68  ? -4.259  0.331   5.134   1.00 11.19 ? 325 VAL A CB  1 
ATOM   545  C CG1 . VAL A 1 68  ? -2.943  0.371   4.370   1.00 13.67 ? 325 VAL A CG1 1 
ATOM   546  C CG2 . VAL A 1 68  ? -5.227  -0.637  4.494   1.00 14.68 ? 325 VAL A CG2 1 
ATOM   547  N N   . THR A 1 69  ? -5.327  1.688   7.714   1.00 9.37  ? 326 THR A N   1 
ATOM   548  C CA  . THR A 1 69  ? -6.484  2.200   8.441   1.00 11.08 ? 326 THR A CA  1 
ATOM   549  C C   . THR A 1 69  ? -7.742  2.145   7.571   1.00 12.00 ? 326 THR A C   1 
ATOM   550  O O   . THR A 1 69  ? -7.664  2.052   6.345   1.00 10.20 ? 326 THR A O   1 
ATOM   551  C CB  . THR A 1 69  ? -6.210  3.617   8.941   1.00 10.37 ? 326 THR A CB  1 
ATOM   552  O OG1 . THR A 1 69  ? -5.921  4.483   7.838   1.00 11.86 ? 326 THR A OG1 1 
ATOM   553  C CG2 . THR A 1 69  ? -5.027  3.628   9.915   1.00 13.97 ? 326 THR A CG2 1 
ATOM   554  N N   . PRO A 1 70  ? -8.928  2.192   8.195   1.00 11.74 ? 327 PRO A N   1 
ATOM   555  C CA  . PRO A 1 70  ? -10.167 1.946   7.434   1.00 10.30 ? 327 PRO A CA  1 
ATOM   556  C C   . PRO A 1 70  ? -10.395 2.893   6.275   1.00 10.65 ? 327 PRO A C   1 
ATOM   557  O O   . PRO A 1 70  ? -10.975 2.481   5.266   1.00 11.69 ? 327 PRO A O   1 
ATOM   558  C CB  . PRO A 1 70  ? -11.264 2.074   8.498   1.00 12.70 ? 327 PRO A CB  1 
ATOM   559  C CG  . PRO A 1 70  ? -10.566 1.696   9.783   1.00 17.13 ? 327 PRO A CG  1 
ATOM   560  C CD  . PRO A 1 70  ? -9.172  2.215   9.653   1.00 12.51 ? 327 PRO A CD  1 
ATOM   561  N N   . ALA A 1 71  ? -9.999  4.160   6.403   1.00 11.19 ? 328 ALA A N   1 
ATOM   562  C CA  . ALA A 1 71  ? -10.220 5.129   5.342   1.00 13.38 ? 328 ALA A CA  1 
ATOM   563  C C   . ALA A 1 71  ? -9.002  5.310   4.450   1.00 10.92 ? 328 ALA A C   1 
ATOM   564  O O   . ALA A 1 71  ? -8.927  6.291   3.706   1.00 11.66 ? 328 ALA A O   1 
ATOM   565  C CB  . ALA A 1 71  ? -10.673 6.470   5.911   1.00 15.73 ? 328 ALA A CB  1 
ATOM   566  N N   . HIS A 1 72  ? -8.054  4.387   4.502   1.00 11.36 ? 329 HIS A N   1 
ATOM   567  C CA  . HIS A 1 72  ? -6.936  4.471   3.586   1.00 10.76 ? 329 HIS A CA  1 
ATOM   568  C C   . HIS A 1 72  ? -7.394  4.087   2.190   1.00 9.56  ? 329 HIS A C   1 
ATOM   569  O O   . HIS A 1 72  ? -8.144  3.122   2.014   1.00 11.91 ? 329 HIS A O   1 
ATOM   570  C CB  . HIS A 1 72  ? -5.817  3.537   4.019   1.00 11.42 ? 329 HIS A CB  1 
ATOM   571  C CG  . HIS A 1 72  ? -4.518  3.923   3.412   1.00 10.91 ? 329 HIS A CG  1 
ATOM   572  N ND1 . HIS A 1 72  ? -3.622  4.735   4.068   1.00 14.35 ? 329 HIS A ND1 1 
ATOM   573  C CD2 . HIS A 1 72  ? -4.024  3.729   2.167   1.00 15.06 ? 329 HIS A CD2 1 
ATOM   574  C CE1 . HIS A 1 72  ? -2.600  4.982   3.268   1.00 15.80 ? 329 HIS A CE1 1 
ATOM   575  N NE2 . HIS A 1 72  ? -2.825  4.390   2.108   1.00 12.84 ? 329 HIS A NE2 1 
ATOM   576  N N   . LEU A 1 73  ? -6.928  4.838   1.184   1.00 9.73  ? 330 LEU A N   1 
ATOM   577  C CA  . LEU A 1 73  ? -7.303  4.589   -0.206  1.00 10.81 ? 330 LEU A CA  1 
ATOM   578  C C   . LEU A 1 73  ? -6.411  3.509   -0.809  1.00 11.27 ? 330 LEU A C   1 
ATOM   579  O O   . LEU A 1 73  ? -5.190  3.680   -0.879  1.00 10.32 ? 330 LEU A O   1 
ATOM   580  C CB  . LEU A 1 73  ? -7.171  5.884   -1.003  1.00 10.90 ? 330 LEU A CB  1 
ATOM   581  C CG  . LEU A 1 73  ? -8.137  6.983   -0.560  1.00 12.67 ? 330 LEU A CG  1 
ATOM   582  C CD1 . LEU A 1 73  ? -7.771  8.300   -1.254  1.00 16.25 ? 330 LEU A CD1 1 
ATOM   583  C CD2 . LEU A 1 73  ? -9.559  6.587   -0.864  1.00 14.49 ? 330 LEU A CD2 1 
ATOM   584  N N   . VAL A 1 74  ? -7.016  2.407   -1.254  1.00 8.98  ? 331 VAL A N   1 
ATOM   585  C CA  . VAL A 1 74  ? -6.297  1.271   -1.819  1.00 9.62  ? 331 VAL A CA  1 
ATOM   586  C C   . VAL A 1 74  ? -6.693  1.118   -3.279  1.00 11.18 ? 331 VAL A C   1 
ATOM   587  O O   . VAL A 1 74  ? -7.868  1.269   -3.628  1.00 12.16 ? 331 VAL A O   1 
ATOM   588  C CB  . VAL A 1 74  ? -6.636  -0.011  -1.034  1.00 11.04 ? 331 VAL A CB  1 
ATOM   589  C CG1 . VAL A 1 74  ? -5.957  -1.225  -1.651  1.00 12.51 ? 331 VAL A CG1 1 
ATOM   590  C CG2 . VAL A 1 74  ? -6.234  0.150   0.447   1.00 15.30 ? 331 VAL A CG2 1 
ATOM   591  N N   . SER A 1 75  ? -5.710  0.815   -4.129  1.00 10.51 ? 332 SER A N   1 
ATOM   592  C CA  . SER A 1 75  ? -5.987  0.625   -5.546  1.00 13.60 ? 332 SER A CA  1 
ATOM   593  C C   . SER A 1 75  ? -6.785  -0.653  -5.760  1.00 12.85 ? 332 SER A C   1 
ATOM   594  O O   . SER A 1 75  ? -6.481  -1.703  -5.186  1.00 12.78 ? 332 SER A O   1 
ATOM   595  C CB  . SER A 1 75  ? -4.681  0.548   -6.333  1.00 13.78 ? 332 SER A CB  1 
ATOM   596  O OG  . SER A 1 75  ? -4.075  1.823   -6.390  1.00 16.51 ? 332 SER A OG  1 
ATOM   597  N N   . VAL A 1 76  ? -7.818  -0.559  -6.599  1.00 13.29 ? 333 VAL A N   1 
ATOM   598  C CA  . VAL A 1 76  ? -8.654  -1.700  -6.943  1.00 12.76 ? 333 VAL A CA  1 
ATOM   599  C C   . VAL A 1 76  ? -8.813  -1.764  -8.456  1.00 13.53 ? 333 VAL A C   1 
ATOM   600  O O   . VAL A 1 76  ? -9.000  -0.736  -9.120  1.00 13.88 ? 333 VAL A O   1 
ATOM   601  C CB  . VAL A 1 76  ? -10.025 -1.643  -6.237  1.00 12.53 ? 333 VAL A CB  1 
ATOM   602  C CG1 . VAL A 1 76  ? -10.975 -2.683  -6.809  1.00 19.80 ? 333 VAL A CG1 1 
ATOM   603  C CG2 . VAL A 1 76  ? -9.859  -1.881  -4.755  1.00 12.00 ? 333 VAL A CG2 1 
ATOM   604  N N   . TRP A 1 77  ? -8.715  -2.975  -8.996  1.00 12.23 ? 334 TRP A N   1 
ATOM   605  C CA  . TRP A 1 77  ? -8.933  -3.231  -10.414 1.00 14.42 ? 334 TRP A CA  1 
ATOM   606  C C   . TRP A 1 77  ? -10.365 -3.716  -10.604 1.00 16.74 ? 334 TRP A C   1 
ATOM   607  O O   . TRP A 1 77  ? -10.803 -4.659  -9.935  1.00 16.59 ? 334 TRP A O   1 
ATOM   608  C CB  . TRP A 1 77  ? -7.964  -4.309  -10.894 1.00 17.09 ? 334 TRP A CB  1 
ATOM   609  C CG  . TRP A 1 77  ? -8.160  -4.762  -12.317 1.00 16.44 ? 334 TRP A CG  1 
ATOM   610  C CD1 . TRP A 1 77  ? -8.569  -5.996  -12.736 1.00 20.91 ? 334 TRP A CD1 1 
ATOM   611  C CD2 . TRP A 1 77  ? -7.940  -3.987  -13.501 1.00 21.95 ? 334 TRP A CD2 1 
ATOM   612  N NE1 . TRP A 1 77  ? -8.614  -6.037  -14.107 1.00 24.95 ? 334 TRP A NE1 1 
ATOM   613  C CE2 . TRP A 1 77  ? -8.230  -4.819  -14.603 1.00 25.24 ? 334 TRP A CE2 1 
ATOM   614  C CE3 . TRP A 1 77  ? -7.519  -2.676  -13.738 1.00 24.77 ? 334 TRP A CE3 1 
ATOM   615  C CZ2 . TRP A 1 77  ? -8.121  -4.375  -15.922 1.00 22.49 ? 334 TRP A CZ2 1 
ATOM   616  C CZ3 . TRP A 1 77  ? -7.406  -2.238  -15.049 1.00 30.42 ? 334 TRP A CZ3 1 
ATOM   617  C CH2 . TRP A 1 77  ? -7.706  -3.086  -16.123 1.00 31.43 ? 334 TRP A CH2 1 
ATOM   618  N N   . GLN A 1 78  ? -11.086 -3.072  -11.514 1.00 19.58 ? 335 GLN A N   1 
ATOM   619  C CA  . GLN A 1 78  ? -12.435 -3.489  -11.856 1.00 26.02 ? 335 GLN A CA  1 
ATOM   620  C C   . GLN A 1 78  ? -12.370 -4.174  -13.211 1.00 25.41 ? 335 GLN A C   1 
ATOM   621  O O   . GLN A 1 78  ? -12.198 -3.489  -14.233 1.00 27.25 ? 335 GLN A O   1 
ATOM   622  C CB  . GLN A 1 78  ? -13.350 -2.268  -11.915 1.00 28.07 ? 335 GLN A CB  1 
ATOM   623  C CG  . GLN A 1 78  ? -13.502 -1.582  -10.563 1.00 33.74 ? 335 GLN A CG  1 
ATOM   624  C CD  . GLN A 1 78  ? -14.003 -0.152  -10.670 1.00 41.64 ? 335 GLN A CD  1 
ATOM   625  O OE1 . GLN A 1 78  ? -13.503 0.641   -11.470 1.00 44.55 ? 335 GLN A OE1 1 
ATOM   626  N NE2 . GLN A 1 78  ? -14.993 0.185   -9.856  1.00 43.39 ? 335 GLN A NE2 1 
ATOM   627  N N   . PRO A 1 79  ? -12.461 -5.515  -13.269 1.00 23.90 ? 336 PRO A N   1 
ATOM   628  C CA  . PRO A 1 79  ? -12.251 -6.223  -14.538 1.00 33.87 ? 336 PRO A CA  1 
ATOM   629  C C   . PRO A 1 79  ? -13.424 -6.088  -15.493 1.00 37.67 ? 336 PRO A C   1 
ATOM   630  O O   . PRO A 1 79  ? -13.241 -6.156  -16.712 1.00 45.06 ? 336 PRO A O   1 
ATOM   631  C CB  . PRO A 1 79  ? -12.055 -7.678  -14.095 1.00 36.45 ? 336 PRO A CB  1 
ATOM   632  C CG  . PRO A 1 79  ? -12.833 -7.786  -12.835 1.00 31.41 ? 336 PRO A CG  1 
ATOM   633  C CD  . PRO A 1 79  ? -12.705 -6.442  -12.152 1.00 24.36 ? 336 PRO A CD  1 
ATOM   634  N N   . GLU A 1 80  ? -14.632 -5.894  -14.956 1.00 39.56 ? 337 GLU A N   1 
ATOM   635  C CA  . GLU A 1 80  ? -15.801 -5.757  -15.820 1.00 51.63 ? 337 GLU A CA  1 
ATOM   636  C C   . GLU A 1 80  ? -15.727 -4.479  -16.647 1.00 53.60 ? 337 GLU A C   1 
ATOM   637  O O   . GLU A 1 80  ? -16.085 -4.473  -17.830 1.00 66.14 ? 337 GLU A O   1 
ATOM   638  C CB  . GLU A 1 80  ? -17.090 -5.829  -14.994 1.00 53.56 ? 337 GLU A CB  1 
ATOM   639  C CG  . GLU A 1 80  ? -17.413 -4.590  -14.162 1.00 68.06 ? 337 GLU A CG  1 
ATOM   640  C CD  . GLU A 1 80  ? -16.581 -4.473  -12.891 1.00 57.33 ? 337 GLU A CD  1 
ATOM   641  O OE1 . GLU A 1 80  ? -15.635 -5.264  -12.704 1.00 43.93 ? 337 GLU A OE1 1 
ATOM   642  O OE2 . GLU A 1 80  ? -16.884 -3.580  -12.070 1.00 64.53 ? 337 GLU A OE2 1 
ATOM   643  N N   . SER A 1 81  ? -15.249 -3.392  -16.046 1.00 42.13 ? 338 SER A N   1 
ATOM   644  C CA  . SER A 1 81  ? -15.007 -2.151  -16.760 1.00 43.95 ? 338 SER A CA  1 
ATOM   645  C C   . SER A 1 81  ? -13.547 -1.972  -17.152 1.00 35.99 ? 338 SER A C   1 
ATOM   646  O O   . SER A 1 81  ? -13.229 -1.014  -17.865 1.00 40.24 ? 338 SER A O   1 
ATOM   647  C CB  . SER A 1 81  ? -15.464 -0.961  -15.909 1.00 40.71 ? 338 SER A CB  1 
ATOM   648  O OG  . SER A 1 81  ? -14.531 -0.686  -14.881 1.00 51.05 ? 338 SER A OG  1 
ATOM   649  N N   . GLN A 1 82  ? -12.665 -2.874  -16.712 1.00 35.66 ? 339 GLN A N   1 
ATOM   650  C CA  . GLN A 1 82  ? -11.229 -2.785  -16.973 1.00 36.06 ? 339 GLN A CA  1 
ATOM   651  C C   . GLN A 1 82  ? -10.685 -1.410  -16.593 1.00 31.46 ? 339 GLN A C   1 
ATOM   652  O O   . GLN A 1 82  ? -10.087 -0.705  -17.408 1.00 33.72 ? 339 GLN A O   1 
ATOM   653  C CB  . GLN A 1 82  ? -10.889 -3.146  -18.419 1.00 42.88 ? 339 GLN A CB  1 
ATOM   654  C CG  . GLN A 1 82  ? -11.369 -4.524  -18.837 1.00 43.59 ? 339 GLN A CG  1 
ATOM   655  C CD  . GLN A 1 82  ? -10.316 -5.293  -19.598 1.00 52.10 ? 339 GLN A CD  1 
ATOM   656  O OE1 . GLN A 1 82  ? -9.401  -5.862  -19.005 1.00 60.98 ? 339 GLN A OE1 1 
ATOM   657  N NE2 . GLN A 1 82  ? -10.443 -5.324  -20.919 1.00 71.40 ? 339 GLN A NE2 1 
ATOM   658  N N   . LYS A 1 83  ? -10.889 -1.030  -15.334 1.00 31.68 ? 340 LYS A N   1 
ATOM   659  C CA  . LYS A 1 83  ? -10.475 0.298   -14.893 1.00 29.20 ? 340 LYS A CA  1 
ATOM   660  C C   . LYS A 1 83  ? -9.907  0.235   -13.484 1.00 17.55 ? 340 LYS A C   1 
ATOM   661  O O   . LYS A 1 83  ? -10.406 -0.514  -12.640 1.00 21.04 ? 340 LYS A O   1 
ATOM   662  C CB  . LYS A 1 83  ? -11.640 1.298   -14.923 1.00 35.73 ? 340 LYS A CB  1 
ATOM   663  C CG  . LYS A 1 83  ? -11.997 1.785   -16.322 1.00 59.89 ? 340 LYS A CG  1 
ATOM   664  C CD  . LYS A 1 83  ? -12.276 3.281   -16.338 1.00 73.69 ? 340 LYS A CD  1 
ATOM   665  C CE  . LYS A 1 83  ? -12.662 3.764   -17.726 1.00 68.18 ? 340 LYS A CE  1 
ATOM   666  N NZ  . LYS A 1 83  ? -11.467 4.111   -18.542 1.00 69.36 ? 340 LYS A NZ  1 
ATOM   667  N N   . LEU A 1 84  ? -8.859  1.024   -13.246 1.00 20.55 ? 341 LEU A N   1 
ATOM   668  C CA  . LEU A 1 84  ? -8.276  1.178   -11.918 1.00 18.51 ? 341 LEU A CA  1 
ATOM   669  C C   . LEU A 1 84  ? -9.015  2.274   -11.172 1.00 17.76 ? 341 LEU A C   1 
ATOM   670  O O   . LEU A 1 84  ? -9.358  3.310   -11.745 1.00 19.25 ? 341 LEU A O   1 
ATOM   671  C CB  . LEU A 1 84  ? -6.813  1.601   -12.027 1.00 21.55 ? 341 LEU A CB  1 
ATOM   672  C CG  . LEU A 1 84  ? -5.784  0.565   -12.459 1.00 25.45 ? 341 LEU A CG  1 
ATOM   673  C CD1 . LEU A 1 84  ? -4.460  1.254   -12.720 1.00 23.03 ? 341 LEU A CD1 1 
ATOM   674  C CD2 . LEU A 1 84  ? -5.646  -0.500  -11.389 1.00 22.08 ? 341 LEU A CD2 1 
ATOM   675  N N   . THR A 1 85  ? -9.244  2.051   -9.886  1.00 15.78 ? 342 THR A N   1 
ATOM   676  C CA  . THR A 1 85  ? -9.851  3.066   -9.050  1.00 15.22 ? 342 THR A CA  1 
ATOM   677  C C   . THR A 1 85  ? -9.247  2.958   -7.655  1.00 14.19 ? 342 THR A C   1 
ATOM   678  O O   . THR A 1 85  ? -8.343  2.155   -7.412  1.00 18.54 ? 342 THR A O   1 
ATOM   679  C CB  . THR A 1 85  ? -11.372 2.917   -9.084  1.00 16.75 ? 342 THR A CB  1 
ATOM   680  O OG1 . THR A 1 85  ? -11.966 4.066   -8.487  1.00 21.00 ? 342 THR A OG1 1 
ATOM   681  C CG2 . THR A 1 85  ? -11.819 1.663   -8.346  1.00 19.39 ? 342 THR A CG2 1 
ATOM   682  N N   . PHE A 1 86  ? -9.712  3.812   -6.752  1.00 13.80 ? 343 PHE A N   1 
ATOM   683  C CA  . PHE A 1 86  ? -9.345  3.737   -5.346  1.00 12.84 ? 343 PHE A CA  1 
ATOM   684  C C   . PHE A 1 86  ? -10.603 3.473   -4.538  1.00 12.81 ? 343 PHE A C   1 
ATOM   685  O O   . PHE A 1 86  ? -11.659 4.051   -4.819  1.00 14.27 ? 343 PHE A O   1 
ATOM   686  C CB  . PHE A 1 86  ? -8.709  5.039   -4.857  1.00 13.89 ? 343 PHE A CB  1 
ATOM   687  C CG  . PHE A 1 86  ? -7.318  5.261   -5.374  1.00 14.27 ? 343 PHE A CG  1 
ATOM   688  C CD1 . PHE A 1 86  ? -6.240  4.591   -4.818  1.00 15.16 ? 343 PHE A CD1 1 
ATOM   689  C CD2 . PHE A 1 86  ? -7.083  6.130   -6.429  1.00 19.96 ? 343 PHE A CD2 1 
ATOM   690  C CE1 . PHE A 1 86  ? -4.945  4.783   -5.288  1.00 15.34 ? 343 PHE A CE1 1 
ATOM   691  C CE2 . PHE A 1 86  ? -5.789  6.329   -6.908  1.00 21.40 ? 343 PHE A CE2 1 
ATOM   692  C CZ  . PHE A 1 86  ? -4.722  5.650   -6.334  1.00 17.49 ? 343 PHE A CZ  1 
ATOM   693  N N   . VAL A 1 87  ? -10.473 2.602   -3.540  1.00 11.70 ? 344 VAL A N   1 
ATOM   694  C CA  . VAL A 1 87  ? -11.554 2.212   -2.640  1.00 9.65  ? 344 VAL A CA  1 
ATOM   695  C C   . VAL A 1 87  ? -11.019 2.286   -1.217  1.00 9.69  ? 344 VAL A C   1 
ATOM   696  O O   . VAL A 1 87  ? -9.868  1.915   -0.958  1.00 11.25 ? 344 VAL A O   1 
ATOM   697  C CB  . VAL A 1 87  ? -12.051 0.782   -2.975  1.00 13.11 ? 344 VAL A CB  1 
ATOM   698  C CG1 . VAL A 1 87  ? -13.144 0.319   -2.018  1.00 14.26 ? 344 VAL A CG1 1 
ATOM   699  C CG2 . VAL A 1 87  ? -12.540 0.726   -4.423  1.00 15.71 ? 344 VAL A CG2 1 
ATOM   700  N N   . PHE A 1 88  ? -11.852 2.751   -0.286  1.00 9.61  ? 345 PHE A N   1 
ATOM   701  C CA  . PHE A 1 88  ? -11.457 2.730   1.118   1.00 11.59 ? 345 PHE A CA  1 
ATOM   702  C C   . PHE A 1 88  ? -11.193 1.296   1.553   1.00 10.47 ? 345 PHE A C   1 
ATOM   703  O O   . PHE A 1 88  ? -11.951 0.380   1.222   1.00 11.28 ? 345 PHE A O   1 
ATOM   704  C CB  . PHE A 1 88  ? -12.593 3.274   1.987   1.00 11.81 ? 345 PHE A CB  1 
ATOM   705  C CG  . PHE A 1 88  ? -12.730 4.774   1.952   1.00 11.99 ? 345 PHE A CG  1 
ATOM   706  C CD1 . PHE A 1 88  ? -11.616 5.602   2.016   1.00 13.85 ? 345 PHE A CD1 1 
ATOM   707  C CD2 . PHE A 1 88  ? -13.987 5.356   1.858   1.00 13.21 ? 345 PHE A CD2 1 
ATOM   708  C CE1 . PHE A 1 88  ? -11.763 6.983   1.985   1.00 13.72 ? 345 PHE A CE1 1 
ATOM   709  C CE2 . PHE A 1 88  ? -14.134 6.727   1.835   1.00 13.38 ? 345 PHE A CE2 1 
ATOM   710  C CZ  . PHE A 1 88  ? -13.030 7.544   1.893   1.00 12.88 ? 345 PHE A CZ  1 
ATOM   711  N N   . ALA A 1 89  ? -10.119 1.109   2.309   1.00 9.43  ? 346 ALA A N   1 
ATOM   712  C CA  . ALA A 1 89  ? -9.766  -0.222  2.799   1.00 10.81 ? 346 ALA A CA  1 
ATOM   713  C C   . ALA A 1 89  ? -10.940 -0.933  3.466   1.00 12.57 ? 346 ALA A C   1 
ATOM   714  O O   . ALA A 1 89  ? -11.153 -2.125  3.234   1.00 11.89 ? 346 ALA A O   1 
ATOM   715  C CB  . ALA A 1 89  ? -8.591  -0.116  3.764   1.00 11.59 ? 346 ALA A CB  1 
ATOM   716  N N   . ASP A 1 90  ? -11.730 -0.214  4.270   1.00 10.40 ? 347 ASP A N   1 
ATOM   717  C CA  . ASP A 1 90  ? -12.842 -0.835  4.985   1.00 11.06 ? 347 ASP A CA  1 
ATOM   718  C C   . ASP A 1 90  ? -13.966 -1.290  4.067   1.00 13.94 ? 347 ASP A C   1 
ATOM   719  O O   . ASP A 1 90  ? -14.826 -2.069  4.509   1.00 14.40 ? 347 ASP A O   1 
ATOM   720  C CB  . ASP A 1 90  ? -13.383 0.129   6.038   1.00 12.46 ? 347 ASP A CB  1 
ATOM   721  C CG  . ASP A 1 90  ? -14.193 -0.584  7.108   1.00 18.16 ? 347 ASP A CG  1 
ATOM   722  O OD1 . ASP A 1 90  ? -13.660 -1.529  7.726   1.00 22.37 ? 347 ASP A OD1 1 
ATOM   723  O OD2 . ASP A 1 90  ? -15.355 -0.197  7.325   1.00 19.39 ? 347 ASP A OD2 1 
ATOM   724  N N   . ARG A 1 91  ? -13.991 -0.837  2.817   1.00 13.14 ? 348 ARG A N   1 
ATOM   725  C CA  . ARG A 1 91  ? -15.021 -1.249  1.876   1.00 12.86 ? 348 ARG A CA  1 
ATOM   726  C C   . ARG A 1 91  ? -14.601 -2.446  1.041   1.00 16.23 ? 348 ARG A C   1 
ATOM   727  O O   . ARG A 1 91  ? -15.435 -3.012  0.328   1.00 18.34 ? 348 ARG A O   1 
ATOM   728  C CB  . ARG A 1 91  ? -15.406 -0.090  0.949   1.00 13.87 ? 348 ARG A CB  1 
ATOM   729  C CG  . ARG A 1 91  ? -15.953 1.131   1.672   1.00 13.25 ? 348 ARG A CG  1 
ATOM   730  C CD  . ARG A 1 91  ? -16.251 2.230   0.675   1.00 17.20 ? 348 ARG A CD  1 
ATOM   731  N NE  . ARG A 1 91  ? -17.371 1.878   -0.192  1.00 20.02 ? 348 ARG A NE  1 
ATOM   732  C CZ  . ARG A 1 91  ? -17.561 2.363   -1.416  1.00 23.38 ? 348 ARG A CZ  1 
ATOM   733  N NH1 . ARG A 1 91  ? -16.690 3.217   -1.935  1.00 21.85 ? 348 ARG A NH1 1 
ATOM   734  N NH2 . ARG A 1 91  ? -18.630 2.001   -2.118  1.00 21.35 ? 348 ARG A NH2 1 
ATOM   735  N N   . ILE A 1 92  ? -13.336 -2.846  1.105   1.00 13.25 ? 349 ILE A N   1 
ATOM   736  C CA  . ILE A 1 92  ? -12.858 -3.919  0.246   1.00 13.66 ? 349 ILE A CA  1 
ATOM   737  C C   . ILE A 1 92  ? -13.360 -5.257  0.774   1.00 14.68 ? 349 ILE A C   1 
ATOM   738  O O   . ILE A 1 92  ? -13.418 -5.490  1.987   1.00 16.38 ? 349 ILE A O   1 
ATOM   739  C CB  . ILE A 1 92  ? -11.327 -3.854  0.113   1.00 12.83 ? 349 ILE A CB  1 
ATOM   740  C CG1 . ILE A 1 92  ? -10.963 -2.602  -0.704  1.00 13.86 ? 349 ILE A CG1 1 
ATOM   741  C CG2 . ILE A 1 92  ? -10.785 -5.136  -0.542  1.00 15.07 ? 349 ILE A CG2 1 
ATOM   742  C CD1 . ILE A 1 92  ? -9.490  -2.355  -0.913  1.00 17.18 ? 349 ILE A CD1 1 
ATOM   743  N N   . GLU A 1 93  ? -13.752 -6.132  -0.142  1.00 16.18 ? 350 GLU A N   1 
ATOM   744  C CA  . GLU A 1 93  ? -14.311 -7.427  0.213   1.00 14.72 ? 350 GLU A CA  1 
ATOM   745  C C   . GLU A 1 93  ? -13.492 -8.535  -0.432  1.00 14.66 ? 350 GLU A C   1 
ATOM   746  O O   . GLU A 1 93  ? -12.774 -8.314  -1.411  1.00 15.58 ? 350 GLU A O   1 
ATOM   747  C CB  . GLU A 1 93  ? -15.770 -7.532  -0.257  1.00 19.82 ? 350 GLU A CB  1 
ATOM   748  C CG  . GLU A 1 93  ? -16.658 -6.421  0.276   1.00 24.19 ? 350 GLU A CG  1 
ATOM   749  C CD  . GLU A 1 93  ? -18.105 -6.561  -0.163  1.00 43.88 ? 350 GLU A CD  1 
ATOM   750  O OE1 . GLU A 1 93  ? -18.341 -7.024  -1.300  1.00 32.69 ? 350 GLU A OE1 1 
ATOM   751  O OE2 . GLU A 1 93  ? -19.004 -6.206  0.628   1.00 68.53 ? 350 GLU A OE2 1 
ATOM   752  N N   . GLU A 1 94  ? -13.626 -9.746  0.118   1.00 15.82 ? 351 GLU A N   1 
ATOM   753  C CA  . GLU A 1 94  ? -13.046 -10.916 -0.526  1.00 17.30 ? 351 GLU A CA  1 
ATOM   754  C C   . GLU A 1 94  ? -13.476 -10.975 -1.987  1.00 19.83 ? 351 GLU A C   1 
ATOM   755  O O   . GLU A 1 94  ? -14.605 -10.620 -2.334  1.00 20.26 ? 351 GLU A O   1 
ATOM   756  C CB  . GLU A 1 94  ? -13.504 -12.190 0.186   1.00 19.95 ? 351 GLU A CB  1 
ATOM   757  C CG  . GLU A 1 94  ? -12.928 -12.372 1.570   1.00 23.85 ? 351 GLU A CG  1 
ATOM   758  C CD  . GLU A 1 94  ? -13.311 -13.712 2.187   1.00 35.94 ? 351 GLU A CD  1 
ATOM   759  O OE1 . GLU A 1 94  ? -13.785 -14.602 1.453   1.00 36.29 ? 351 GLU A OE1 1 
ATOM   760  O OE2 . GLU A 1 94  ? -13.140 -13.873 3.411   1.00 40.29 ? 351 GLU A OE2 1 
ATOM   761  N N   . LYS A 1 95  ? -12.551 -11.429 -2.835  1.00 16.30 ? 352 LYS A N   1 
ATOM   762  C CA  . LYS A 1 95  ? -12.680 -11.524 -4.289  1.00 18.19 ? 352 LYS A CA  1 
ATOM   763  C C   . LYS A 1 95  ? -12.507 -10.201 -5.035  1.00 15.10 ? 352 LYS A C   1 
ATOM   764  O O   . LYS A 1 95  ? -12.305 -10.213 -6.252  1.00 18.53 ? 352 LYS A O   1 
ATOM   765  C CB  . LYS A 1 95  ? -13.937 -12.288 -4.737  1.00 22.38 ? 352 LYS A CB  1 
ATOM   766  C CG  . LYS A 1 95  ? -14.144 -13.607 -4.002  1.00 29.77 ? 352 LYS A CG  1 
ATOM   767  C CD  . LYS A 1 95  ? -15.321 -14.389 -4.560  1.00 47.15 ? 352 LYS A CD  1 
ATOM   768  C CE  . LYS A 1 95  ? -15.528 -15.685 -3.791  1.00 62.20 ? 352 LYS A CE  1 
ATOM   769  N NZ  . LYS A 1 95  ? -15.414 -15.481 -2.316  1.00 68.63 ? 352 LYS A NZ  1 
ATOM   770  N N   . ASN A 1 96  ? -12.583 -9.061  -4.347  1.00 14.77 ? 353 ASN A N   1 
ATOM   771  C CA  . ASN A 1 96  ? -12.126 -7.824  -4.967  1.00 14.41 ? 353 ASN A CA  1 
ATOM   772  C C   . ASN A 1 96  ? -10.668 -8.000  -5.376  1.00 13.02 ? 353 ASN A C   1 
ATOM   773  O O   . ASN A 1 96  ? -9.932  -8.790  -4.781  1.00 17.67 ? 353 ASN A O   1 
ATOM   774  C CB  . ASN A 1 96  ? -12.175 -6.659  -3.969  1.00 14.81 ? 353 ASN A CB  1 
ATOM   775  C CG  . ASN A 1 96  ? -13.576 -6.176  -3.649  1.00 18.56 ? 353 ASN A CG  1 
ATOM   776  O OD1 . ASN A 1 96  ? -13.735 -5.281  -2.811  1.00 17.99 ? 353 ASN A OD1 1 
ATOM   777  N ND2 . ASN A 1 96  ? -14.590 -6.747  -4.296  1.00 22.58 ? 353 ASN A ND2 1 
ATOM   778  N N   . GLN A 1 97  ? -10.244 -7.262  -6.391  1.00 13.68 ? 354 GLN A N   1 
ATOM   779  C CA  . GLN A 1 97  ? -8.889  -7.395  -6.918  1.00 13.78 ? 354 GLN A CA  1 
ATOM   780  C C   . GLN A 1 97  ? -8.084  -6.141  -6.595  1.00 14.92 ? 354 GLN A C   1 
ATOM   781  O O   . GLN A 1 97  ? -8.469  -5.036  -6.988  1.00 17.30 ? 354 GLN A O   1 
ATOM   782  C CB  . GLN A 1 97  ? -8.916  -7.679  -8.416  1.00 15.68 ? 354 GLN A CB  1 
ATOM   783  C CG  . GLN A 1 97  ? -9.437  -9.091  -8.697  1.00 16.13 ? 354 GLN A CG  1 
ATOM   784  C CD  . GLN A 1 97  ? -9.605  -9.373  -10.178 1.00 23.19 ? 354 GLN A CD  1 
ATOM   785  O OE1 . GLN A 1 97  ? -8.687  -9.172  -10.968 1.00 27.94 ? 354 GLN A OE1 1 
ATOM   786  N NE2 . GLN A 1 97  ? -10.786 -9.850  -10.558 1.00 32.67 ? 354 GLN A NE2 1 
ATOM   787  N N   . VAL A 1 98  ? -6.990  -6.318  -5.864  1.00 13.15 ? 355 VAL A N   1 
ATOM   788  C CA  . VAL A 1 98  ? -6.033  -5.252  -5.615  1.00 12.77 ? 355 VAL A CA  1 
ATOM   789  C C   . VAL A 1 98  ? -4.845  -5.443  -6.548  1.00 14.35 ? 355 VAL A C   1 
ATOM   790  O O   . VAL A 1 98  ? -4.756  -6.423  -7.279  1.00 15.82 ? 355 VAL A O   1 
ATOM   791  C CB  . VAL A 1 98  ? -5.620  -5.191  -4.123  1.00 11.67 ? 355 VAL A CB  1 
ATOM   792  C CG1 . VAL A 1 98  ? -6.821  -4.811  -3.269  1.00 14.28 ? 355 VAL A CG1 1 
ATOM   793  C CG2 . VAL A 1 98  ? -5.057  -6.539  -3.672  1.00 12.98 ? 355 VAL A CG2 1 
ATOM   794  N N   . LEU A 1 99  ? -3.912  -4.493  -6.540  1.00 13.03 ? 356 LEU A N   1 
ATOM   795  C CA  . LEU A 1 99  ? -2.790  -4.511  -7.472  1.00 12.31 ? 356 LEU A CA  1 
ATOM   796  C C   . LEU A 1 99  ? -1.535  -4.854  -6.690  1.00 11.95 ? 356 LEU A C   1 
ATOM   797  O O   . LEU A 1 99  ? -1.189  -4.153  -5.734  1.00 13.38 ? 356 LEU A O   1 
ATOM   798  C CB  . LEU A 1 99  ? -2.628  -3.158  -8.164  1.00 13.09 ? 356 LEU A CB  1 
ATOM   799  C CG  . LEU A 1 99  ? -3.632  -2.810  -9.274  1.00 13.19 ? 356 LEU A CG  1 
ATOM   800  C CD1 . LEU A 1 99  ? -3.523  -3.780  -10.450 1.00 16.82 ? 356 LEU A CD1 1 
ATOM   801  C CD2 . LEU A 1 99  ? -5.082  -2.747  -8.753  1.00 18.01 ? 356 LEU A CD2 1 
ATOM   802  N N   . VAL A 1 100 ? -0.854  -5.925  -7.093  1.00 11.49 ? 357 VAL A N   1 
ATOM   803  C CA  . VAL A 1 100 ? 0.248   -6.489  -6.325  1.00 12.87 ? 357 VAL A CA  1 
ATOM   804  C C   . VAL A 1 100 ? 1.465   -6.630  -7.227  1.00 10.41 ? 357 VAL A C   1 
ATOM   805  O O   . VAL A 1 100 ? 1.346   -7.038  -8.390  1.00 12.17 ? 357 VAL A O   1 
ATOM   806  C CB  . VAL A 1 100 ? -0.139  -7.853  -5.728  1.00 11.04 ? 357 VAL A CB  1 
ATOM   807  C CG1 . VAL A 1 100 ? 1.019   -8.434  -4.901  1.00 13.01 ? 357 VAL A CG1 1 
ATOM   808  C CG2 . VAL A 1 100 ? -1.397  -7.713  -4.880  1.00 12.40 ? 357 VAL A CG2 1 
ATOM   809  N N   . ARG A 1 101 ? 2.635   -6.281  -6.693  1.00 10.87 ? 358 ARG A N   1 
ATOM   810  C CA  . ARG A 1 101 ? 3.870   -6.392  -7.462  1.00 9.79  ? 358 ARG A CA  1 
ATOM   811  C C   . ARG A 1 101 ? 4.193   -7.860  -7.721  1.00 11.93 ? 358 ARG A C   1 
ATOM   812  O O   . ARG A 1 101 ? 4.243   -8.672  -6.794  1.00 13.47 ? 358 ARG A O   1 
ATOM   813  C CB  . ARG A 1 101 ? 5.021   -5.744  -6.693  1.00 11.91 ? 358 ARG A CB  1 
ATOM   814  C CG  . ARG A 1 101 ? 6.406   -6.026  -7.261  1.00 13.43 ? 358 ARG A CG  1 
ATOM   815  C CD  . ARG A 1 101 ? 7.466   -5.529  -6.289  1.00 14.26 ? 358 ARG A CD  1 
ATOM   816  N NE  . ARG A 1 101 ? 8.844   -5.672  -6.760  1.00 13.72 ? 358 ARG A NE  1 
ATOM   817  C CZ  . ARG A 1 101 ? 9.668   -6.650  -6.394  1.00 14.55 ? 358 ARG A CZ  1 
ATOM   818  N NH1 . ARG A 1 101 ? 9.262   -7.618  -5.585  1.00 17.51 ? 358 ARG A NH1 1 
ATOM   819  N NH2 . ARG A 1 101 ? 10.915  -6.648  -6.840  1.00 17.81 ? 358 ARG A NH2 1 
ATOM   820  N N   . ASP A 1 102 ? 4.436   -8.196  -8.982  1.00 12.14 ? 359 ASP A N   1 
ATOM   821  C CA  . ASP A 1 102 ? 4.886   -9.535  -9.347  1.00 14.18 ? 359 ASP A CA  1 
ATOM   822  C C   . ASP A 1 102 ? 6.410   -9.566  -9.306  1.00 14.40 ? 359 ASP A C   1 
ATOM   823  O O   . ASP A 1 102 ? 7.063   -8.765  -9.975  1.00 14.96 ? 359 ASP A O   1 
ATOM   824  C CB  . ASP A 1 102 ? 4.376   -9.902  -10.741 1.00 16.77 ? 359 ASP A CB  1 
ATOM   825  C CG  . ASP A 1 102 ? 2.892   -10.251 -10.752 1.00 22.31 ? 359 ASP A CG  1 
ATOM   826  O OD1 . ASP A 1 102 ? 2.345   -10.633 -9.696  1.00 21.72 ? 359 ASP A OD1 1 
ATOM   827  O OD2 . ASP A 1 102 ? 2.259   -10.143 -11.827 1.00 22.15 ? 359 ASP A OD2 1 
ATOM   828  N N   . VAL A 1 103 ? 6.980   -10.478 -8.508  1.00 13.91 ? 360 VAL A N   1 
ATOM   829  C CA  . VAL A 1 103 ? 8.437   -10.602 -8.449  1.00 16.48 ? 360 VAL A CA  1 
ATOM   830  C C   . VAL A 1 103 ? 8.992   -10.975 -9.811  1.00 12.94 ? 360 VAL A C   1 
ATOM   831  O O   . VAL A 1 103 ? 10.112  -10.589 -10.175 1.00 17.27 ? 360 VAL A O   1 
ATOM   832  C CB  . VAL A 1 103 ? 8.840   -11.643 -7.384  1.00 15.98 ? 360 VAL A CB  1 
ATOM   833  C CG1 . VAL A 1 103 ? 10.346  -11.777 -7.333  1.00 18.64 ? 360 VAL A CG1 1 
ATOM   834  C CG2 . VAL A 1 103 ? 8.274   -11.257 -6.026  1.00 19.91 ? 360 VAL A CG2 1 
ATOM   835  N N   . GLU A 1 104 ? 8.213   -11.718 -10.598 1.00 13.27 ? 361 GLU A N   1 
ATOM   836  C CA  . GLU A 1 104 ? 8.694   -12.160 -11.905 1.00 13.29 ? 361 GLU A CA  1 
ATOM   837  C C   . GLU A 1 104 ? 9.022   -10.983 -12.818 1.00 14.07 ? 361 GLU A C   1 
ATOM   838  O O   . GLU A 1 104 ? 10.050  -10.998 -13.506 1.00 16.92 ? 361 GLU A O   1 
ATOM   839  C CB  . GLU A 1 104 ? 7.644   -13.061 -12.556 1.00 13.74 ? 361 GLU A CB  1 
ATOM   840  C CG  . GLU A 1 104 ? 7.273   -14.306 -11.738 1.00 14.71 ? 361 GLU A CG  1 
ATOM   841  C CD  . GLU A 1 104 ? 5.977   -14.155 -10.978 1.00 15.35 ? 361 GLU A CD  1 
ATOM   842  O OE1 . GLU A 1 104 ? 5.142   -15.094 -11.019 1.00 13.32 ? 361 GLU A OE1 1 
ATOM   843  O OE2 . GLU A 1 104 ? 5.791   -13.090 -10.348 1.00 14.64 ? 361 GLU A OE2 1 
ATOM   844  N N   . THR A 1 105 ? 8.162   -9.953  -12.841 1.00 12.82 ? 362 THR A N   1 
ATOM   845  C CA  . THR A 1 105 ? 8.223   -8.898  -13.842 1.00 11.92 ? 362 THR A CA  1 
ATOM   846  C C   . THR A 1 105 ? 8.357   -7.496  -13.268 1.00 12.64 ? 362 THR A C   1 
ATOM   847  O O   . THR A 1 105 ? 8.687   -6.574  -14.021 1.00 14.64 ? 362 THR A O   1 
ATOM   848  C CB  . THR A 1 105 ? 6.944   -8.905  -14.689 1.00 13.84 ? 362 THR A CB  1 
ATOM   849  O OG1 . THR A 1 105 ? 5.831   -8.582  -13.841 1.00 14.28 ? 362 THR A OG1 1 
ATOM   850  C CG2 . THR A 1 105 ? 6.716   -10.265 -15.325 1.00 15.45 ? 362 THR A CG2 1 
ATOM   851  N N   . GLY A 1 106 ? 8.100   -7.301  -11.980 1.00 13.47 ? 363 GLY A N   1 
ATOM   852  C CA  . GLY A 1 106 ? 8.056   -5.966  -11.433 1.00 12.55 ? 363 GLY A CA  1 
ATOM   853  C C   . GLY A 1 106 ? 6.786   -5.198  -11.734 1.00 13.46 ? 363 GLY A C   1 
ATOM   854  O O   . GLY A 1 106 ? 6.653   -4.055  -11.279 1.00 17.45 ? 363 GLY A O   1 
ATOM   855  N N   . GLU A 1 107 ? 5.856   -5.774  -12.479 1.00 12.75 ? 364 GLU A N   1 
ATOM   856  C CA  . GLU A 1 107 ? 4.615   -5.079  -12.787 1.00 13.94 ? 364 GLU A CA  1 
ATOM   857  C C   . GLU A 1 107 ? 3.613   -5.224  -11.642 1.00 12.17 ? 364 GLU A C   1 
ATOM   858  O O   . GLU A 1 107 ? 3.656   -6.174  -10.864 1.00 13.67 ? 364 GLU A O   1 
ATOM   859  C CB  . GLU A 1 107 ? 4.015   -5.635  -14.085 1.00 17.26 ? 364 GLU A CB  1 
ATOM   860  C CG  . GLU A 1 107 ? 4.902   -5.406  -15.317 1.00 16.00 ? 364 GLU A CG  1 
ATOM   861  C CD  . GLU A 1 107 ? 4.370   -6.093  -16.564 1.00 42.81 ? 364 GLU A CD  1 
ATOM   862  O OE1 . GLU A 1 107 ? 3.147   -6.338  -16.639 1.00 40.02 ? 364 GLU A OE1 1 
ATOM   863  O OE2 . GLU A 1 107 ? 5.177   -6.394  -17.470 1.00 46.88 ? 364 GLU A OE2 1 
ATOM   864  N N   . LEU A 1 108 ? 2.697   -4.259  -11.549 1.00 13.84 ? 365 LEU A N   1 
ATOM   865  C CA  . LEU A 1 108 ? 1.607   -4.307  -10.582 1.00 12.81 ? 365 LEU A CA  1 
ATOM   866  C C   . LEU A 1 108 ? 0.419   -4.952  -11.281 1.00 13.00 ? 365 LEU A C   1 
ATOM   867  O O   . LEU A 1 108 ? -0.115  -4.393  -12.243 1.00 16.35 ? 365 LEU A O   1 
ATOM   868  C CB  . LEU A 1 108 ? 1.285   -2.893  -10.100 1.00 14.28 ? 365 LEU A CB  1 
ATOM   869  C CG  . LEU A 1 108 ? 2.511   -2.385  -9.326  1.00 19.59 ? 365 LEU A CG  1 
ATOM   870  C CD1 . LEU A 1 108 ? 2.741   -0.906  -9.439  1.00 22.75 ? 365 LEU A CD1 1 
ATOM   871  C CD2 . LEU A 1 108 ? 2.398   -2.814  -7.871  1.00 20.46 ? 365 LEU A CD2 1 
ATOM   872  N N   . ARG A 1 109 ? 0.034   -6.146  -10.835 1.00 12.45 ? 366 ARG A N   1 
ATOM   873  C CA  . ARG A 1 109 ? -1.002  -6.888  -11.532 1.00 14.50 ? 366 ARG A CA  1 
ATOM   874  C C   . ARG A 1 109 ? -2.111  -7.282  -10.568 1.00 14.99 ? 366 ARG A C   1 
ATOM   875  O O   . ARG A 1 109 ? -1.874  -7.432  -9.366  1.00 15.05 ? 366 ARG A O   1 
ATOM   876  C CB  . ARG A 1 109 ? -0.415  -8.150  -12.187 1.00 13.17 ? 366 ARG A CB  1 
ATOM   877  C CG  . ARG A 1 109 ? 0.648   -7.883  -13.276 1.00 17.33 ? 366 ARG A CG  1 
ATOM   878  C CD  . ARG A 1 109 ? 0.136   -6.956  -14.361 1.00 21.99 ? 366 ARG A CD  1 
ATOM   879  N NE  . ARG A 1 109 ? -1.080  -7.467  -14.981 1.00 32.40 ? 366 ARG A NE  1 
ATOM   880  C CZ  . ARG A 1 109 ? -1.950  -6.711  -15.640 1.00 59.99 ? 366 ARG A CZ  1 
ATOM   881  N NH1 . ARG A 1 109 ? -1.734  -5.408  -15.765 1.00 55.81 ? 366 ARG A NH1 1 
ATOM   882  N NH2 . ARG A 1 109 ? -3.039  -7.255  -16.167 1.00 61.84 ? 366 ARG A NH2 1 
ATOM   883  N N   . PRO A 1 110 ? -3.333  -7.450  -11.069 1.00 16.67 ? 367 PRO A N   1 
ATOM   884  C CA  . PRO A 1 110 ? -4.461  -7.741  -10.176 1.00 16.52 ? 367 PRO A CA  1 
ATOM   885  C C   . PRO A 1 110 ? -4.332  -9.089  -9.479  1.00 17.12 ? 367 PRO A C   1 
ATOM   886  O O   . PRO A 1 110 ? -3.882  -10.082 -10.060 1.00 18.98 ? 367 PRO A O   1 
ATOM   887  C CB  . PRO A 1 110 ? -5.672  -7.717  -11.119 1.00 18.19 ? 367 PRO A CB  1 
ATOM   888  C CG  . PRO A 1 110 ? -5.241  -6.881  -12.279 1.00 24.98 ? 367 PRO A CG  1 
ATOM   889  C CD  . PRO A 1 110 ? -3.773  -7.159  -12.447 1.00 22.64 ? 367 PRO A CD  1 
ATOM   890  N N   . GLN A 1 111 ? -4.737  -9.107  -8.210  1.00 14.81 ? 368 GLN A N   1 
ATOM   891  C CA  . GLN A 1 111 ? -4.760  -10.291 -7.365  1.00 13.84 ? 368 GLN A CA  1 
ATOM   892  C C   . GLN A 1 111 ? -5.987  -10.209 -6.479  1.00 15.71 ? 368 GLN A C   1 
ATOM   893  O O   . GLN A 1 111 ? -6.323  -9.131  -5.977  1.00 14.14 ? 368 GLN A O   1 
ATOM   894  C CB  . GLN A 1 111 ? -3.539  -10.373 -6.434  1.00 22.60 ? 368 GLN A CB  1 
ATOM   895  C CG  . GLN A 1 111 ? -2.354  -11.063 -7.040  1.00 27.86 ? 368 GLN A CG  1 
ATOM   896  C CD  . GLN A 1 111 ? -1.220  -11.310 -6.061  1.00 18.22 ? 368 GLN A CD  1 
ATOM   897  O OE1 . GLN A 1 111 ? -1.409  -11.472 -4.850  1.00 14.51 ? 368 GLN A OE1 1 
ATOM   898  N NE2 . GLN A 1 111 ? -0.020  -11.335 -6.591  1.00 16.90 ? 368 GLN A NE2 1 
ATOM   899  N N   . ARG A 1 112 ? -6.646  -11.344 -6.277  1.00 14.53 ? 369 ARG A N   1 
ATOM   900  C CA  . ARG A 1 112 ? -7.844  -11.376 -5.454  1.00 14.53 ? 369 ARG A CA  1 
ATOM   901  C C   . ARG A 1 112 ? -7.505  -11.295 -3.974  1.00 14.15 ? 369 ARG A C   1 
ATOM   902  O O   . ARG A 1 112 ? -6.528  -11.892 -3.501  1.00 14.96 ? 369 ARG A O   1 
ATOM   903  C CB  . ARG A 1 112 ? -8.649  -12.643 -5.742  1.00 17.92 ? 369 ARG A CB  1 
ATOM   904  C CG  . ARG A 1 112 ? -9.155  -12.698 -7.181  1.00 20.09 ? 369 ARG A CG  1 
ATOM   905  C CD  . ARG A 1 112 ? -10.358 -13.612 -7.325  1.00 31.36 ? 369 ARG A CD  1 
ATOM   906  N NE  . ARG A 1 112 ? -10.828 -13.666 -8.709  1.00 34.54 ? 369 ARG A NE  1 
ATOM   907  C CZ  . ARG A 1 112 ? -11.705 -12.820 -9.246  1.00 48.67 ? 369 ARG A CZ  1 
ATOM   908  N NH1 . ARG A 1 112 ? -12.232 -11.836 -8.522  1.00 31.76 ? 369 ARG A NH1 1 
ATOM   909  N NH2 . ARG A 1 112 ? -12.062 -12.964 -10.518 1.00 46.81 ? 369 ARG A NH2 1 
ATOM   910  N N   . VAL A 1 113 ? -8.314  -10.528 -3.249  1.00 14.46 ? 370 VAL A N   1 
ATOM   911  C CA  . VAL A 1 113 ? -8.291  -10.534 -1.795  1.00 13.04 ? 370 VAL A CA  1 
ATOM   912  C C   . VAL A 1 113 ? -8.912  -11.839 -1.315  1.00 17.53 ? 370 VAL A C   1 
ATOM   913  O O   . VAL A 1 113 ? -10.047 -12.176 -1.676  1.00 18.58 ? 370 VAL A O   1 
ATOM   914  C CB  . VAL A 1 113 ? -9.049  -9.318  -1.247  1.00 12.60 ? 370 VAL A CB  1 
ATOM   915  C CG1 . VAL A 1 113 ? -9.173  -9.390  0.260   1.00 13.71 ? 370 VAL A CG1 1 
ATOM   916  C CG2 . VAL A 1 113 ? -8.348  -8.033  -1.686  1.00 15.17 ? 370 VAL A CG2 1 
ATOM   917  N N   . VAL A 1 114 ? -8.167  -12.588 -0.514  1.00 14.80 ? 371 VAL A N   1 
ATOM   918  C CA  . VAL A 1 114 ? -8.647  -13.862 0.001   1.00 15.90 ? 371 VAL A CA  1 
ATOM   919  C C   . VAL A 1 114 ? -9.041  -13.794 1.463   1.00 18.26 ? 371 VAL A C   1 
ATOM   920  O O   . VAL A 1 114 ? -9.742  -14.703 1.943   1.00 18.39 ? 371 VAL A O   1 
ATOM   921  C CB  . VAL A 1 114 ? -7.635  -14.996 -0.242  1.00 16.60 ? 371 VAL A CB  1 
ATOM   922  C CG1 . VAL A 1 114 ? -7.427  -15.184 -1.726  1.00 17.34 ? 371 VAL A CG1 1 
ATOM   923  C CG2 . VAL A 1 114 ? -6.319  -14.704 0.464   1.00 19.77 ? 371 VAL A CG2 1 
ATOM   924  N N   . LYS A 1 115 ? -8.611  -12.767 2.190   1.00 14.77 ? 372 LYS A N   1 
ATOM   925  C CA  . LYS A 1 115 ? -9.053  -12.626 3.568   1.00 16.34 ? 372 LYS A CA  1 
ATOM   926  C C   . LYS A 1 115 ? -9.093  -11.153 3.939   1.00 14.97 ? 372 LYS A C   1 
ATOM   927  O O   . LYS A 1 115 ? -8.189  -10.392 3.575   1.00 14.05 ? 372 LYS A O   1 
ATOM   928  C CB  . LYS A 1 115 ? -8.127  -13.384 4.526   1.00 20.14 ? 372 LYS A CB  1 
ATOM   929  C CG  . LYS A 1 115 ? -8.520  -13.281 5.991   1.00 19.92 ? 372 LYS A CG  1 
ATOM   930  C CD  . LYS A 1 115 ? -7.509  -13.979 6.888   1.00 27.82 ? 372 LYS A CD  1 
ATOM   931  C CE  . LYS A 1 115 ? -7.819  -13.721 8.360   1.00 43.35 ? 372 LYS A CE  1 
ATOM   932  N NZ  . LYS A 1 115 ? -6.847  -14.383 9.273   1.00 45.59 ? 372 LYS A NZ  1 
ATOM   933  N N   . VAL A 1 116 ? -10.154 -10.758 4.636   1.00 14.84 ? 373 VAL A N   1 
ATOM   934  C CA  . VAL A 1 116 ? -10.282 -9.434  5.232   1.00 16.31 ? 373 VAL A CA  1 
ATOM   935  C C   . VAL A 1 116 ? -10.316 -9.633  6.739   1.00 17.34 ? 373 VAL A C   1 
ATOM   936  O O   . VAL A 1 116 ? -11.274 -10.200 7.280   1.00 18.96 ? 373 VAL A O   1 
ATOM   937  C CB  . VAL A 1 116 ? -11.544 -8.698  4.763   1.00 18.82 ? 373 VAL A CB  1 
ATOM   938  C CG1 . VAL A 1 116 ? -11.642 -7.349  5.457   1.00 19.02 ? 373 VAL A CG1 1 
ATOM   939  C CG2 . VAL A 1 116 ? -11.540 -8.521  3.261   1.00 18.65 ? 373 VAL A CG2 1 
ATOM   940  N N   . GLY A 1 117 ? -9.281  -9.173  7.419   1.00 13.77 ? 374 GLY A N   1 
ATOM   941  C CA  . GLY A 1 117 ? -9.225  -9.256  8.857   1.00 14.07 ? 374 GLY A CA  1 
ATOM   942  C C   . GLY A 1 117 ? -9.098  -7.888  9.481   1.00 16.75 ? 374 GLY A C   1 
ATOM   943  O O   . GLY A 1 117 ? -9.153  -6.867  8.791   1.00 14.77 ? 374 GLY A O   1 
ATOM   944  N N   . SER A 1 118 ? -8.910  -7.848  10.791  1.00 19.77 ? 375 SER A N   1 
ATOM   945  C CA  . SER A 1 118 ? -8.623  -6.588  11.450  1.00 25.24 ? 375 SER A CA  1 
ATOM   946  C C   . SER A 1 118 ? -7.647  -6.851  12.579  1.00 28.04 ? 375 SER A C   1 
ATOM   947  O O   . SER A 1 118 ? -7.500  -7.982  13.054  1.00 24.29 ? 375 SER A O   1 
ATOM   948  C CB  . SER A 1 118 ? -9.884  -5.886  11.966  1.00 32.17 ? 375 SER A CB  1 
ATOM   949  O OG  . SER A 1 118 ? -10.592 -6.706  12.874  1.00 33.33 ? 375 SER A OG  1 
ATOM   950  N N   . VAL A 1 119 ? -6.965  -5.788  12.989  1.00 17.90 ? 376 VAL A N   1 
ATOM   951  C CA  . VAL A 1 119 ? -6.017  -5.866  14.092  1.00 18.73 ? 376 VAL A CA  1 
ATOM   952  C C   . VAL A 1 119 ? -5.945  -4.498  14.745  1.00 16.11 ? 376 VAL A C   1 
ATOM   953  O O   . VAL A 1 119 ? -6.154  -3.477  14.094  1.00 17.03 ? 376 VAL A O   1 
ATOM   954  C CB  . VAL A 1 119 ? -4.621  -6.339  13.618  1.00 23.83 ? 376 VAL A CB  1 
ATOM   955  C CG1 . VAL A 1 119 ? -3.984  -5.305  12.700  1.00 19.17 ? 376 VAL A CG1 1 
ATOM   956  C CG2 . VAL A 1 119 ? -3.711  -6.624  14.812  1.00 31.04 ? 376 VAL A CG2 1 
ATOM   957  N N   . ARG A 1 120 ? -5.674  -4.469  16.044  1.00 15.25 ? 377 ARG A N   1 
ATOM   958  C CA  . ARG A 1 120 ? -5.331  -3.233  16.728  1.00 17.23 ? 377 ARG A CA  1 
ATOM   959  C C   . ARG A 1 120 ? -3.854  -3.302  17.062  1.00 20.58 ? 377 ARG A C   1 
ATOM   960  O O   . ARG A 1 120 ? -3.413  -4.213  17.779  1.00 19.69 ? 377 ARG A O   1 
ATOM   961  C CB  . ARG A 1 120 ? -6.148  -2.999  18.004  1.00 17.41 ? 377 ARG A CB  1 
ATOM   962  C CG  . ARG A 1 120 ? -5.834  -1.645  18.658  1.00 16.09 ? 377 ARG A CG  1 
ATOM   963  C CD  . ARG A 1 120 ? -6.842  -1.289  19.748  1.00 16.48 ? 377 ARG A CD  1 
ATOM   964  N NE  . ARG A 1 120 ? -6.673  0.057   20.298  1.00 16.81 ? 377 ARG A NE  1 
ATOM   965  C CZ  . ARG A 1 120 ? -7.092  1.176   19.713  1.00 21.06 ? 377 ARG A CZ  1 
ATOM   966  N NH1 . ARG A 1 120 ? -7.690  1.130   18.530  1.00 18.88 ? 377 ARG A NH1 1 
ATOM   967  N NH2 . ARG A 1 120 ? -6.905  2.351   20.303  1.00 23.09 ? 377 ARG A NH2 1 
ATOM   968  N N   . SER A 1 121 ? -3.090  -2.354  16.538  1.00 15.86 ? 378 SER A N   1 
ATOM   969  C CA  . SER A 1 121 ? -1.658  -2.365  16.789  1.00 17.17 ? 378 SER A CA  1 
ATOM   970  C C   . SER A 1 121 ? -1.143  -0.943  16.940  1.00 15.31 ? 378 SER A C   1 
ATOM   971  O O   . SER A 1 121 ? -1.862  0.040   16.727  1.00 15.17 ? 378 SER A O   1 
ATOM   972  C CB  . SER A 1 121 ? -0.890  -3.181  15.742  1.00 22.19 ? 378 SER A CB  1 
ATOM   973  O OG  . SER A 1 121 ? -1.118  -2.677  14.442  1.00 22.26 ? 378 SER A OG  1 
ATOM   974  N N   . LYS A 1 122 ? 0.120   -0.840  17.331  1.00 14.09 ? 379 LYS A N   1 
ATOM   975  C CA  . LYS A 1 122 ? 0.694   0.436   17.719  1.00 12.88 ? 379 LYS A CA  1 
ATOM   976  C C   . LYS A 1 122 ? 1.515   1.028   16.582  1.00 13.44 ? 379 LYS A C   1 
ATOM   977  O O   . LYS A 1 122 ? 2.424   0.380   16.049  1.00 17.14 ? 379 LYS A O   1 
ATOM   978  C CB  . LYS A 1 122 ? 1.567   0.296   18.967  1.00 21.18 ? 379 LYS A CB  1 
ATOM   979  C CG  . LYS A 1 122 ? 1.970   1.649   19.533  1.00 16.66 ? 379 LYS A CG  1 
ATOM   980  C CD  . LYS A 1 122 ? 2.469   1.560   20.964  1.00 31.40 ? 379 LYS A CD  1 
ATOM   981  C CE  . LYS A 1 122 ? 3.910   1.121   20.993  1.00 26.35 ? 379 LYS A CE  1 
ATOM   982  N NZ  . LYS A 1 122 ? 4.505   1.213   22.356  1.00 22.17 ? 379 LYS A NZ  1 
ATOM   983  N N   . GLY A 1 123 ? 1.200   2.271   16.236  1.00 11.88 ? 380 GLY A N   1 
ATOM   984  C CA  . GLY A 1 123 ? 2.009   3.026   15.300  1.00 12.26 ? 380 GLY A CA  1 
ATOM   985  C C   . GLY A 1 123 ? 1.288   3.264   13.995  1.00 13.49 ? 380 GLY A C   1 
ATOM   986  O O   . GLY A 1 123 ? 0.680   2.342   13.442  1.00 13.31 ? 380 GLY A O   1 
ATOM   987  N N   . VAL A 1 124 ? 1.343   4.503   13.502  1.00 12.55 ? 381 VAL A N   1 
ATOM   988  C CA  . VAL A 1 124 ? 0.739   4.866   12.221  1.00 11.94 ? 381 VAL A CA  1 
ATOM   989  C C   . VAL A 1 124 ? 1.718   5.724   11.436  1.00 13.15 ? 381 VAL A C   1 
ATOM   990  O O   . VAL A 1 124 ? 2.353   6.628   11.992  1.00 14.69 ? 381 VAL A O   1 
ATOM   991  C CB  . VAL A 1 124 ? -0.612  5.586   12.389  1.00 14.01 ? 381 VAL A CB  1 
ATOM   992  C CG1 . VAL A 1 124 ? -1.678  4.607   12.871  1.00 18.28 ? 381 VAL A CG1 1 
ATOM   993  C CG2 . VAL A 1 124 ? -0.489  6.711   13.385  1.00 20.96 ? 381 VAL A CG2 1 
ATOM   994  N N   . VAL A 1 125 ? 1.865   5.424   10.145  1.00 12.07 ? 382 VAL A N   1 
ATOM   995  C CA  . VAL A 1 125 ? 2.795   6.143   9.275   1.00 10.93 ? 382 VAL A CA  1 
ATOM   996  C C   . VAL A 1 125 ? 2.124   6.399   7.930   1.00 13.27 ? 382 VAL A C   1 
ATOM   997  O O   . VAL A 1 125 ? 1.527   5.486   7.348   1.00 12.72 ? 382 VAL A O   1 
ATOM   998  C CB  . VAL A 1 125 ? 4.105   5.359   9.057   1.00 11.72 ? 382 VAL A CB  1 
ATOM   999  C CG1 . VAL A 1 125 ? 5.120   6.235   8.355   1.00 13.14 ? 382 VAL A CG1 1 
ATOM   1000 C CG2 . VAL A 1 125 ? 4.671   4.864   10.382  1.00 17.00 ? 382 VAL A CG2 1 
ATOM   1001 N N   . ALA A 1 126 ? 2.244   7.634   7.429   1.00 11.00 ? 383 ALA A N   1 
ATOM   1002 C CA  . ALA A 1 126 ? 1.708   8.029   6.126   1.00 12.53 ? 383 ALA A CA  1 
ATOM   1003 C C   . ALA A 1 126 ? 2.739   8.857   5.359   1.00 11.30 ? 383 ALA A C   1 
ATOM   1004 O O   . ALA A 1 126 ? 2.680   10.093  5.339   1.00 12.05 ? 383 ALA A O   1 
ATOM   1005 C CB  . ALA A 1 126 ? 0.392   8.801   6.288   1.00 14.29 ? 383 ALA A CB  1 
ATOM   1006 N N   . PRO A 1 127 ? 3.710   8.204   4.715   1.00 10.26 ? 384 PRO A N   1 
ATOM   1007 C CA  . PRO A 1 127 ? 4.651   8.928   3.853   1.00 9.95  ? 384 PRO A CA  1 
ATOM   1008 C C   . PRO A 1 127 ? 3.945   9.428   2.603   1.00 9.54  ? 384 PRO A C   1 
ATOM   1009 O O   . PRO A 1 127 ? 3.063   8.766   2.057   1.00 14.23 ? 384 PRO A O   1 
ATOM   1010 C CB  . PRO A 1 127 ? 5.695   7.859   3.507   1.00 12.16 ? 384 PRO A CB  1 
ATOM   1011 C CG  . PRO A 1 127 ? 4.926   6.563   3.597   1.00 13.96 ? 384 PRO A CG  1 
ATOM   1012 C CD  . PRO A 1 127 ? 3.906   6.743   4.669   1.00 12.60 ? 384 PRO A CD  1 
ATOM   1013 N N   . LEU A 1 128 ? 4.343   10.609  2.145   1.00 9.50  ? 385 LEU A N   1 
ATOM   1014 C CA  . LEU A 1 128 ? 3.853   11.144  0.882   1.00 10.72 ? 385 LEU A CA  1 
ATOM   1015 C C   . LEU A 1 128 ? 4.987   11.124  -0.130  1.00 9.98  ? 385 LEU A C   1 
ATOM   1016 O O   . LEU A 1 128 ? 6.071   11.651  0.147   1.00 10.47 ? 385 LEU A O   1 
ATOM   1017 C CB  . LEU A 1 128 ? 3.340   12.580  1.055   1.00 11.78 ? 385 LEU A CB  1 
ATOM   1018 C CG  . LEU A 1 128 ? 2.791   13.224  -0.220  1.00 10.63 ? 385 LEU A CG  1 
ATOM   1019 C CD1 . LEU A 1 128 ? 1.582   12.441  -0.779  1.00 11.04 ? 385 LEU A CD1 1 
ATOM   1020 C CD2 . LEU A 1 128 ? 2.422   14.669  0.085   1.00 13.57 ? 385 LEU A CD2 1 
ATOM   1021 N N   . THR A 1 129 ? 4.742   10.509  -1.286  1.00 10.13 ? 386 THR A N   1 
ATOM   1022 C CA  . THR A 1 129 ? 5.674   10.535  -2.405  1.00 10.19 ? 386 THR A CA  1 
ATOM   1023 C C   . THR A 1 129 ? 5.258   11.621  -3.388  1.00 12.32 ? 386 THR A C   1 
ATOM   1024 O O   . THR A 1 129 ? 4.134   12.130  -3.356  1.00 11.41 ? 386 THR A O   1 
ATOM   1025 C CB  . THR A 1 129 ? 5.657   9.203   -3.151  1.00 10.50 ? 386 THR A CB  1 
ATOM   1026 O OG1 . THR A 1 129 ? 4.346   9.003   -3.706  1.00 10.82 ? 386 THR A OG1 1 
ATOM   1027 C CG2 . THR A 1 129 ? 6.008   8.032   -2.225  1.00 10.41 ? 386 THR A CG2 1 
ATOM   1028 N N   . ARG A 1 130 ? 6.186   11.959  -4.295  1.00 11.18 ? 387 ARG A N   1 
ATOM   1029 C CA  . ARG A 1 130 ? 5.853   12.895  -5.369  1.00 12.47 ? 387 ARG A CA  1 
ATOM   1030 C C   . ARG A 1 130 ? 4.718   12.375  -6.234  1.00 12.09 ? 387 ARG A C   1 
ATOM   1031 O O   . ARG A 1 130 ? 3.904   13.165  -6.734  1.00 13.86 ? 387 ARG A O   1 
ATOM   1032 C CB  . ARG A 1 130 ? 7.078   13.187  -6.237  1.00 11.36 ? 387 ARG A CB  1 
ATOM   1033 C CG  . ARG A 1 130 ? 8.256   13.752  -5.464  1.00 12.94 ? 387 ARG A CG  1 
ATOM   1034 C CD  . ARG A 1 130 ? 9.389   14.187  -6.402  1.00 15.57 ? 387 ARG A CD  1 
ATOM   1035 N NE  . ARG A 1 130 ? 8.917   15.080  -7.459  1.00 26.77 ? 387 ARG A NE  1 
ATOM   1036 C CZ  . ARG A 1 130 ? 9.071   14.852  -8.760  1.00 27.19 ? 387 ARG A CZ  1 
ATOM   1037 N NH1 . ARG A 1 130 ? 9.686   13.752  -9.188  1.00 31.67 ? 387 ARG A NH1 1 
ATOM   1038 N NH2 . ARG A 1 130 ? 8.613   15.730  -9.638  1.00 35.55 ? 387 ARG A NH2 1 
ATOM   1039 N N   . GLU A 1 131 ? 4.630   11.050  -6.404  1.00 11.03 ? 388 GLU A N   1 
ATOM   1040 C CA  . GLU A 1 131 ? 3.561   10.462  -7.202  1.00 12.06 ? 388 GLU A CA  1 
ATOM   1041 C C   . GLU A 1 131 ? 2.217   10.491  -6.485  1.00 11.64 ? 388 GLU A C   1 
ATOM   1042 O O   . GLU A 1 131 ? 1.172   10.483  -7.143  1.00 14.82 ? 388 GLU A O   1 
ATOM   1043 C CB  . GLU A 1 131 ? 3.926   9.028   -7.588  1.00 14.43 ? 388 GLU A CB  1 
ATOM   1044 C CG  . GLU A 1 131 ? 2.997   8.405   -8.620  1.00 15.79 ? 388 GLU A CG  1 
ATOM   1045 C CD  . GLU A 1 131 ? 3.128   9.063   -9.981  1.00 23.24 ? 388 GLU A CD  1 
ATOM   1046 O OE1 . GLU A 1 131 ? 4.249   9.491   -10.333 1.00 27.82 ? 388 GLU A OE1 1 
ATOM   1047 O OE2 . GLU A 1 131 ? 2.113   9.142   -10.698 1.00 35.76 ? 388 GLU A OE2 1 
ATOM   1048 N N   . GLY A 1 132 ? 2.218   10.541  -5.157  1.00 12.18 ? 389 GLY A N   1 
ATOM   1049 C CA  . GLY A 1 132 ? 0.990   10.471  -4.384  1.00 10.05 ? 389 GLY A CA  1 
ATOM   1050 C C   . GLY A 1 132 ? 0.524   9.068   -4.055  1.00 8.87  ? 389 GLY A C   1 
ATOM   1051 O O   . GLY A 1 132 ? -0.516  8.918   -3.398  1.00 11.53 ? 389 GLY A O   1 
ATOM   1052 N N   . THR A 1 133 ? 1.248   8.046   -4.500  1.00 9.71  ? 390 THR A N   1 
ATOM   1053 C CA  . THR A 1 133 ? 0.945   6.655   -4.225  1.00 7.77  ? 390 THR A CA  1 
ATOM   1054 C C   . THR A 1 133 ? 2.215   5.971   -3.732  1.00 10.62 ? 390 THR A C   1 
ATOM   1055 O O   . THR A 1 133 ? 3.327   6.512   -3.836  1.00 10.80 ? 390 THR A O   1 
ATOM   1056 C CB  . THR A 1 133 ? 0.433   5.960   -5.482  1.00 9.60  ? 390 THR A CB  1 
ATOM   1057 O OG1 . THR A 1 133 ? 1.473   6.001   -6.461  1.00 12.08 ? 390 THR A OG1 1 
ATOM   1058 C CG2 . THR A 1 133 ? -0.789  6.678   -6.041  1.00 12.43 ? 390 THR A CG2 1 
ATOM   1059 N N   . ILE A 1 134 ? 2.045   4.777   -3.168  1.00 8.86  ? 391 ILE A N   1 
ATOM   1060 C CA  . ILE A 1 134 ? 3.171   4.003   -2.648  1.00 10.17 ? 391 ILE A CA  1 
ATOM   1061 C C   . ILE A 1 134 ? 2.791   2.527   -2.668  1.00 8.75  ? 391 ILE A C   1 
ATOM   1062 O O   . ILE A 1 134 ? 1.643   2.166   -2.404  1.00 10.48 ? 391 ILE A O   1 
ATOM   1063 C CB  . ILE A 1 134 ? 3.589   4.504   -1.243  1.00 8.22  ? 391 ILE A CB  1 
ATOM   1064 C CG1 . ILE A 1 134 ? 4.844   3.765   -0.758  1.00 10.16 ? 391 ILE A CG1 1 
ATOM   1065 C CG2 . ILE A 1 134 ? 2.406   4.418   -0.241  1.00 10.36 ? 391 ILE A CG2 1 
ATOM   1066 C CD1 . ILE A 1 134 ? 5.459   4.327   0.554   1.00 12.42 ? 391 ILE A CD1 1 
ATOM   1067 N N   . VAL A 1 135 ? 3.758   1.678   -3.002  1.00 8.36  ? 392 VAL A N   1 
ATOM   1068 C CA  . VAL A 1 135 ? 3.564   0.232   -2.942  1.00 9.78  ? 392 VAL A CA  1 
ATOM   1069 C C   . VAL A 1 135 ? 4.088   -0.250  -1.592  1.00 10.26 ? 392 VAL A C   1 
ATOM   1070 O O   . VAL A 1 135 ? 5.266   -0.084  -1.275  1.00 11.54 ? 392 VAL A O   1 
ATOM   1071 C CB  . VAL A 1 135 ? 4.269   -0.475  -4.112  1.00 10.28 ? 392 VAL A CB  1 
ATOM   1072 C CG1 . VAL A 1 135 ? 4.101   -1.993  -4.018  1.00 12.81 ? 392 VAL A CG1 1 
ATOM   1073 C CG2 . VAL A 1 135 ? 3.702   0.003   -5.451  1.00 12.60 ? 392 VAL A CG2 1 
ATOM   1074 N N   . VAL A 1 136 ? 3.206   -0.816  -0.773  1.00 9.58  ? 393 VAL A N   1 
ATOM   1075 C CA  . VAL A 1 136 ? 3.539   -1.212  0.593   1.00 9.99  ? 393 VAL A CA  1 
ATOM   1076 C C   . VAL A 1 136 ? 3.230   -2.693  0.756   1.00 10.19 ? 393 VAL A C   1 
ATOM   1077 O O   . VAL A 1 136 ? 2.122   -3.138  0.437   1.00 9.17  ? 393 VAL A O   1 
ATOM   1078 C CB  . VAL A 1 136 ? 2.777   -0.363  1.627   1.00 10.23 ? 393 VAL A CB  1 
ATOM   1079 C CG1 . VAL A 1 136 ? 3.039   -0.892  3.021   1.00 10.43 ? 393 VAL A CG1 1 
ATOM   1080 C CG2 . VAL A 1 136 ? 3.232   1.088   1.540   1.00 12.19 ? 393 VAL A CG2 1 
ATOM   1081 N N   . ASN A 1 137 ? 4.212   -3.457  1.232   1.00 10.00 ? 394 ASN A N   1 
ATOM   1082 C CA  . ASN A 1 137 ? 4.068   -4.917  1.322   1.00 9.01  ? 394 ASN A CA  1 
ATOM   1083 C C   . ASN A 1 137 ? 3.641   -5.508  -0.017  1.00 10.15 ? 394 ASN A C   1 
ATOM   1084 O O   . ASN A 1 137 ? 2.842   -6.447  -0.078  1.00 10.77 ? 394 ASN A O   1 
ATOM   1085 C CB  . ASN A 1 137 ? 3.099   -5.332  2.434   1.00 8.24  ? 394 ASN A CB  1 
ATOM   1086 C CG  . ASN A 1 137 ? 3.594   -4.944  3.816   1.00 10.04 ? 394 ASN A CG  1 
ATOM   1087 O OD1 . ASN A 1 137 ? 4.795   -4.913  4.073   1.00 11.23 ? 394 ASN A OD1 1 
ATOM   1088 N ND2 . ASN A 1 137 ? 2.661   -4.636  4.716   1.00 12.60 ? 394 ASN A ND2 1 
ATOM   1089 N N   . SER A 1 138 ? 4.153   -4.923  -1.102  1.00 10.00 ? 395 SER A N   1 
ATOM   1090 C CA  . SER A 1 138 ? 3.896   -5.318  -2.484  1.00 9.27  ? 395 SER A CA  1 
ATOM   1091 C C   . SER A 1 138 ? 2.519   -4.932  -3.001  1.00 11.58 ? 395 SER A C   1 
ATOM   1092 O O   . SER A 1 138 ? 2.188   -5.284  -4.133  1.00 13.23 ? 395 SER A O   1 
ATOM   1093 C CB  . SER A 1 138 ? 4.179   -6.802  -2.763  1.00 12.01 ? 395 SER A CB  1 
ATOM   1094 O OG  . SER A 1 138 ? 5.574   -7.033  -2.702  1.00 13.11 ? 395 SER A OG  1 
ATOM   1095 N N   . VAL A 1 139 ? 1.715   -4.200  -2.233  1.00 9.45  ? 396 VAL A N   1 
ATOM   1096 C CA  . VAL A 1 139 ? 0.355   -3.834  -2.634  1.00 9.61  ? 396 VAL A CA  1 
ATOM   1097 C C   . VAL A 1 139 ? 0.320   -2.345  -2.951  1.00 9.59  ? 396 VAL A C   1 
ATOM   1098 O O   . VAL A 1 139 ? 0.790   -1.529  -2.156  1.00 10.19 ? 396 VAL A O   1 
ATOM   1099 C CB  . VAL A 1 139 ? -0.666  -4.186  -1.536  1.00 12.30 ? 396 VAL A CB  1 
ATOM   1100 C CG1 . VAL A 1 139 ? -2.090  -3.899  -2.026  1.00 12.62 ? 396 VAL A CG1 1 
ATOM   1101 C CG2 . VAL A 1 139 ? -0.548  -5.656  -1.136  1.00 11.32 ? 396 VAL A CG2 1 
ATOM   1102 N N   . ALA A 1 140 ? -0.265  -1.992  -4.098  1.00 9.93  ? 397 ALA A N   1 
ATOM   1103 C CA  . ALA A 1 140 ? -0.367  -0.587  -4.493  1.00 9.31  ? 397 ALA A CA  1 
ATOM   1104 C C   . ALA A 1 140 ? -1.443  0.146   -3.694  1.00 10.16 ? 397 ALA A C   1 
ATOM   1105 O O   . ALA A 1 140 ? -2.600  -0.283  -3.643  1.00 11.79 ? 397 ALA A O   1 
ATOM   1106 C CB  . ALA A 1 140 ? -0.663  -0.486  -5.993  1.00 10.66 ? 397 ALA A CB  1 
ATOM   1107 N N   . ALA A 1 141 ? -1.078  1.276   -3.096  1.00 10.01 ? 398 ALA A N   1 
ATOM   1108 C CA  . ALA A 1 141 ? -2.024  2.070   -2.325  1.00 11.95 ? 398 ALA A CA  1 
ATOM   1109 C C   . ALA A 1 141 ? -1.777  3.548   -2.594  1.00 9.89  ? 398 ALA A C   1 
ATOM   1110 O O   . ALA A 1 141 ? -0.703  3.952   -3.044  1.00 10.50 ? 398 ALA A O   1 
ATOM   1111 C CB  . ALA A 1 141 ? -1.874  1.804   -0.820  1.00 11.71 ? 398 ALA A CB  1 
ATOM   1112 N N   . SER A 1 142 ? -2.785  4.366   -2.318  1.00 9.49  ? 399 SER A N   1 
ATOM   1113 C CA  . SER A 1 142 ? -2.531  5.790   -2.215  1.00 9.68  ? 399 SER A CA  1 
ATOM   1114 C C   . SER A 1 142 ? -1.625  6.063   -1.014  1.00 12.39 ? 399 SER A C   1 
ATOM   1115 O O   . SER A 1 142 ? -1.484  5.242   -0.104  1.00 10.69 ? 399 SER A O   1 
ATOM   1116 C CB  . SER A 1 142 ? -3.857  6.522   -2.024  1.00 10.50 ? 399 SER A CB  1 
ATOM   1117 O OG  . SER A 1 142 ? -3.678  7.932   -1.979  1.00 12.40 ? 399 SER A OG  1 
ATOM   1118 N N   . CYS A 1 143 ? -0.988  7.235   -1.015  1.00 9.93  ? 400 CYS A N   1 
ATOM   1119 C CA  . CYS A 1 143 ? -0.387  7.736   0.212   1.00 9.95  ? 400 CYS A CA  1 
ATOM   1120 C C   . CYS A 1 143 ? -1.440  8.241   1.185   1.00 12.80 ? 400 CYS A C   1 
ATOM   1121 O O   . CYS A 1 143 ? -1.148  8.373   2.381   1.00 12.07 ? 400 CYS A O   1 
ATOM   1122 C CB  . CYS A 1 143 ? 0.589   8.873   -0.110  1.00 10.81 ? 400 CYS A CB  1 
ATOM   1123 S SG  . CYS A 1 143 ? 2.035   8.364   -1.094  1.00 12.14 ? 400 CYS A SG  1 
ATOM   1124 N N   . TYR A 1 144 ? -2.651  8.501   0.698   1.00 11.08 ? 401 TYR A N   1 
ATOM   1125 C CA  . TYR A 1 144 ? -3.674  9.209   1.455   1.00 11.85 ? 401 TYR A CA  1 
ATOM   1126 C C   . TYR A 1 144 ? -4.664  8.257   2.108   1.00 12.55 ? 401 TYR A C   1 
ATOM   1127 O O   . TYR A 1 144 ? -5.145  7.310   1.480   1.00 12.10 ? 401 TYR A O   1 
ATOM   1128 C CB  . TYR A 1 144 ? -4.455  10.138  0.527   1.00 13.41 ? 401 TYR A CB  1 
ATOM   1129 C CG  . TYR A 1 144 ? -3.644  11.292  -0.008  1.00 13.45 ? 401 TYR A CG  1 
ATOM   1130 C CD1 . TYR A 1 144 ? -2.927  11.177  -1.196  1.00 13.54 ? 401 TYR A CD1 1 
ATOM   1131 C CD2 . TYR A 1 144 ? -3.596  12.502  0.674   1.00 16.62 ? 401 TYR A CD2 1 
ATOM   1132 C CE1 . TYR A 1 144 ? -2.186  12.246  -1.696  1.00 15.20 ? 401 TYR A CE1 1 
ATOM   1133 C CE2 . TYR A 1 144 ? -2.860  13.568  0.185   1.00 14.56 ? 401 TYR A CE2 1 
ATOM   1134 C CZ  . TYR A 1 144 ? -2.161  13.433  -0.986  1.00 13.76 ? 401 TYR A CZ  1 
ATOM   1135 O OH  . TYR A 1 144 ? -1.436  14.503  -1.475  1.00 19.74 ? 401 TYR A OH  1 
ATOM   1136 N N   . ALA A 1 145 ? -4.951  8.518   3.372   1.00 14.91 ? 402 ALA A N   1 
ATOM   1137 C CA  . ALA A 1 145 ? -6.208  8.135   3.981   1.00 13.92 ? 402 ALA A CA  1 
ATOM   1138 C C   . ALA A 1 145 ? -7.046  9.398   4.018   1.00 19.35 ? 402 ALA A C   1 
ATOM   1139 O O   . ALA A 1 145 ? -6.518  10.499  4.206   1.00 22.83 ? 402 ALA A O   1 
ATOM   1140 C CB  . ALA A 1 145 ? -5.976  7.591   5.395   1.00 17.78 ? 402 ALA A CB  1 
ATOM   1141 N N   . VAL A 1 146 ? -8.335  9.256   3.784   1.00 15.80 ? 403 VAL A N   1 
ATOM   1142 C CA  . VAL A 1 146 ? -9.134  10.459  3.660   1.00 25.13 ? 403 VAL A CA  1 
ATOM   1143 C C   . VAL A 1 146 ? -9.313  11.129  5.009   1.00 33.67 ? 403 VAL A C   1 
ATOM   1144 O O   . VAL A 1 146 ? -9.682  10.468  5.976   1.00 33.87 ? 403 VAL A O   1 
ATOM   1145 C CB  . VAL A 1 146 ? -10.442 10.205  2.921   1.00 19.39 ? 403 VAL A CB  1 
ATOM   1146 C CG1 . VAL A 1 146 ? -11.384 11.382  3.110   1.00 21.53 ? 403 VAL A CG1 1 
ATOM   1147 C CG2 . VAL A 1 146 ? -10.147 9.992   1.449   1.00 20.34 ? 403 VAL A CG2 1 
ATOM   1148 O OXT . VAL A 1 146 ? -9.060  12.332  5.147   1.00 29.96 ? 403 VAL A OXT 1 
HETATM 1149 O O   . HOH B 2 .   ? -14.220 -15.423 -0.528  1.00 53.94 ? 501 HOH A O   1 
HETATM 1150 O O   . HOH B 2 .   ? -12.397 -12.558 5.023   1.00 29.35 ? 502 HOH A O   1 
HETATM 1151 O O   . HOH B 2 .   ? -5.754  -13.533 -8.431  1.00 32.07 ? 503 HOH A O   1 
HETATM 1152 O O   . HOH B 2 .   ? 15.090  -1.119  -6.702  1.00 37.44 ? 504 HOH A O   1 
HETATM 1153 O O   . HOH B 2 .   ? 5.041   -1.110  -14.546 1.00 21.79 ? 505 HOH A O   1 
HETATM 1154 O O   . HOH B 2 .   ? -5.003  -13.317 10.179  1.00 47.57 ? 506 HOH A O   1 
HETATM 1155 O O   . HOH B 2 .   ? -8.544  9.649   7.833   1.00 31.55 ? 507 HOH A O   1 
HETATM 1156 O O   . HOH B 2 .   ? -7.114  -10.167 13.765  1.00 32.76 ? 508 HOH A O   1 
HETATM 1157 O O   . HOH B 2 .   ? -14.633 -4.185  5.490   1.00 41.50 ? 509 HOH A O   1 
HETATM 1158 O O   . HOH B 2 .   ? 2.703   -8.677  -16.380 1.00 40.89 ? 510 HOH A O   1 
HETATM 1159 O O   . HOH B 2 .   ? -4.845  7.137   11.377  1.00 44.20 ? 511 HOH A O   1 
HETATM 1160 O O   . HOH B 2 .   ? 0.096   -9.977  -9.122  1.00 24.81 ? 512 HOH A O   1 
HETATM 1161 O O   . HOH B 2 .   ? -1.777  -11.141 -10.688 1.00 23.47 ? 513 HOH A O   1 
HETATM 1162 O O   . HOH B 2 .   ? -5.579  6.282   16.015  1.00 37.22 ? 514 HOH A O   1 
HETATM 1163 O O   . HOH B 2 .   ? 16.078  5.643   7.221   1.00 20.70 ? 515 HOH A O   1 
HETATM 1164 O O   . HOH B 2 .   ? 3.845   4.141   24.051  1.00 34.83 ? 516 HOH A O   1 
HETATM 1165 O O   . HOH B 2 .   ? 16.786  4.128   -10.484 1.00 34.98 ? 517 HOH A O   1 
HETATM 1166 O O   . HOH B 2 .   ? 14.917  15.640  -4.653  1.00 24.31 ? 518 HOH A O   1 
HETATM 1167 O O   . HOH B 2 .   ? -17.090 -2.008  7.710   1.00 28.16 ? 519 HOH A O   1 
HETATM 1168 O O   . HOH B 2 .   ? 3.643   -9.854  -14.142 1.00 22.98 ? 520 HOH A O   1 
HETATM 1169 O O   . HOH B 2 .   ? -5.876  -10.634 9.407   1.00 24.40 ? 521 HOH A O   1 
HETATM 1170 O O   . HOH B 2 .   ? 0.296   -11.789 -12.031 1.00 32.79 ? 522 HOH A O   1 
HETATM 1171 O O   . HOH B 2 .   ? 4.531   -1.063  16.391  1.00 29.31 ? 523 HOH A O   1 
HETATM 1172 O O   . HOH B 2 .   ? 1.325   4.561   23.109  1.00 24.62 ? 524 HOH A O   1 
HETATM 1173 O O   . HOH B 2 .   ? 10.325  -11.742 -15.988 1.00 40.03 ? 525 HOH A O   1 
HETATM 1174 O O   . HOH B 2 .   ? 8.458   -2.437  -10.321 1.00 19.67 ? 526 HOH A O   1 
HETATM 1175 O O   . HOH B 2 .   ? -1.389  -5.468  18.853  1.00 25.34 ? 527 HOH A O   1 
HETATM 1176 O O   . HOH B 2 .   ? 5.702   1.525   16.936  1.00 28.32 ? 528 HOH A O   1 
HETATM 1177 O O   . HOH B 2 .   ? -8.178  -9.846  -13.455 1.00 36.15 ? 529 HOH A O   1 
HETATM 1178 O O   . HOH B 2 .   ? 2.759   -11.130 -7.149  1.00 15.88 ? 530 HOH A O   1 
HETATM 1179 O O   . HOH B 2 .   ? 0.588   -2.241  5.585   1.00 15.72 ? 531 HOH A O   1 
HETATM 1180 O O   . HOH B 2 .   ? -3.997  -2.441  -4.655  1.00 15.17 ? 532 HOH A O   1 
HETATM 1181 O O   . HOH B 2 .   ? 0.788   -6.114  6.870   1.00 22.55 ? 533 HOH A O   1 
HETATM 1182 O O   . HOH B 2 .   ? 1.062   7.139   3.154   1.00 14.05 ? 534 HOH A O   1 
HETATM 1183 O O   . HOH B 2 .   ? -1.023  -2.192  -13.410 1.00 25.02 ? 535 HOH A O   1 
HETATM 1184 O O   . HOH B 2 .   ? 9.496   17.424  4.224   1.00 15.62 ? 536 HOH A O   1 
HETATM 1185 O O   . HOH B 2 .   ? 5.055   -12.610 -7.843  1.00 17.10 ? 537 HOH A O   1 
HETATM 1186 O O   . HOH B 2 .   ? -1.031  -18.240 -4.765  1.00 39.97 ? 538 HOH A O   1 
HETATM 1187 O O   . HOH B 2 .   ? 7.530   1.176   -1.931  1.00 11.10 ? 539 HOH A O   1 
HETATM 1188 O O   . HOH B 2 .   ? -6.438  5.008   -14.563 1.00 40.00 ? 540 HOH A O   1 
HETATM 1189 O O   . HOH B 2 .   ? 9.013   9.405   -10.562 1.00 38.97 ? 541 HOH A O   1 
HETATM 1190 O O   . HOH B 2 .   ? 9.545   -4.067  6.606   1.00 14.24 ? 542 HOH A O   1 
HETATM 1191 O O   . HOH B 2 .   ? -2.373  -11.278 11.187  1.00 36.58 ? 543 HOH A O   1 
HETATM 1192 O O   . HOH B 2 .   ? -17.147 -13.870 -1.012  1.00 43.12 ? 544 HOH A O   1 
HETATM 1193 O O   . HOH B 2 .   ? -5.203  9.007   -3.937  1.00 26.07 ? 545 HOH A O   1 
HETATM 1194 O O   . HOH B 2 .   ? 9.688   6.792   9.135   1.00 13.44 ? 546 HOH A O   1 
HETATM 1195 O O   . HOH B 2 .   ? -5.510  2.686   -8.524  1.00 22.88 ? 547 HOH A O   1 
HETATM 1196 O O   . HOH B 2 .   ? -12.813 -15.873 -1.650  1.00 39.29 ? 548 HOH A O   1 
HETATM 1197 O O   . HOH B 2 .   ? 0.666   -0.658  14.006  1.00 18.47 ? 549 HOH A O   1 
HETATM 1198 O O   . HOH B 2 .   ? -13.883 3.672   -6.359  1.00 32.21 ? 550 HOH A O   1 
HETATM 1199 O O   . HOH B 2 .   ? -13.934 -9.760  7.721   1.00 41.56 ? 551 HOH A O   1 
HETATM 1200 O O   . HOH B 2 .   ? 2.501   -15.417 -5.133  1.00 21.48 ? 552 HOH A O   1 
HETATM 1201 O O   . HOH B 2 .   ? -12.287 -4.374  4.311   1.00 17.52 ? 553 HOH A O   1 
HETATM 1202 O O   . HOH B 2 .   ? -14.065 -1.501  10.437  1.00 33.98 ? 554 HOH A O   1 
HETATM 1203 O O   . HOH B 2 .   ? 7.205   10.534  -9.029  1.00 27.72 ? 555 HOH A O   1 
HETATM 1204 O O   . HOH B 2 .   ? -12.219 -5.912  -7.943  1.00 18.94 ? 556 HOH A O   1 
HETATM 1205 O O   . HOH B 2 .   ? -11.955 6.073   -10.364 1.00 29.52 ? 557 HOH A O   1 
HETATM 1206 O O   . HOH B 2 .   ? 6.565   -8.478  -4.835  1.00 15.31 ? 558 HOH A O   1 
HETATM 1207 O O   . HOH B 2 .   ? -17.581 -2.093  4.697   1.00 37.42 ? 559 HOH A O   1 
HETATM 1208 O O   . HOH B 2 .   ? -19.480 0.804   1.237   1.00 28.08 ? 560 HOH A O   1 
HETATM 1209 O O   . HOH B 2 .   ? 8.607   3.475   22.046  1.00 42.36 ? 561 HOH A O   1 
HETATM 1210 O O   . HOH B 2 .   ? 3.705   15.246  9.883   1.00 31.48 ? 562 HOH A O   1 
HETATM 1211 O O   . HOH B 2 .   ? -1.688  3.247   -6.300  1.00 19.10 ? 563 HOH A O   1 
HETATM 1212 O O   . HOH B 2 .   ? -7.864  13.021  7.561   1.00 36.27 ? 564 HOH A O   1 
HETATM 1213 O O   . HOH B 2 .   ? 2.726   -2.177  -13.486 1.00 20.24 ? 565 HOH A O   1 
HETATM 1214 O O   . HOH B 2 .   ? -8.370  5.795   8.011   1.00 20.97 ? 566 HOH A O   1 
HETATM 1215 O O   . HOH B 2 .   ? -18.160 -3.012  0.935   1.00 30.92 ? 567 HOH A O   1 
HETATM 1216 O O   . HOH B 2 .   ? -13.086 -4.144  6.931   1.00 21.92 ? 568 HOH A O   1 
HETATM 1217 O O   . HOH B 2 .   ? -16.947 -11.487 -1.085  1.00 40.46 ? 569 HOH A O   1 
HETATM 1218 O O   . HOH B 2 .   ? 16.058  5.805   -3.588  1.00 33.84 ? 570 HOH A O   1 
HETATM 1219 O O   . HOH B 2 .   ? 2.203   -2.409  14.432  1.00 33.55 ? 571 HOH A O   1 
HETATM 1220 O O   . HOH B 2 .   ? -15.590 -5.197  3.726   1.00 29.41 ? 572 HOH A O   1 
HETATM 1221 O O   . HOH B 2 .   ? -0.367  14.070  -4.024  1.00 27.32 ? 573 HOH A O   1 
HETATM 1222 O O   . HOH B 2 .   ? -11.031 -16.848 0.680   1.00 41.10 ? 574 HOH A O   1 
HETATM 1223 O O   . HOH B 2 .   ? 9.884   -3.723  -8.497  1.00 20.93 ? 575 HOH A O   1 
HETATM 1224 O O   . HOH B 2 .   ? 4.374   9.759   19.872  1.00 44.37 ? 576 HOH A O   1 
HETATM 1225 O O   . HOH B 2 .   ? 2.475   -4.516  11.002  1.00 32.16 ? 577 HOH A O   1 
HETATM 1226 O O   . HOH B 2 .   ? -10.475 -16.399 4.098   1.00 40.02 ? 578 HOH A O   1 
HETATM 1227 O O   . HOH B 2 .   ? 2.315   14.175  -4.108  1.00 22.38 ? 579 HOH A O   1 
HETATM 1228 O O   . HOH B 2 .   ? -15.607 -3.158  -2.575  1.00 39.94 ? 580 HOH A O   1 
HETATM 1229 O O   . HOH B 2 .   ? -17.124 0.535   5.222   1.00 22.76 ? 581 HOH A O   1 
HETATM 1230 O O   . HOH B 2 .   ? -16.157 -6.934  -10.461 1.00 46.12 ? 582 HOH A O   1 
HETATM 1231 O O   . HOH B 2 .   ? -2.372  5.641   21.349  1.00 18.87 ? 583 HOH A O   1 
HETATM 1232 O O   . HOH B 2 .   ? 6.889   -0.063  21.443  1.00 32.46 ? 584 HOH A O   1 
HETATM 1233 O O   . HOH B 2 .   ? 16.938  9.570   2.616   1.00 14.20 ? 585 HOH A O   1 
HETATM 1234 O O   . HOH B 2 .   ? 2.321   12.864  12.925  1.00 34.57 ? 586 HOH A O   1 
HETATM 1235 O O   . HOH B 2 .   ? -2.897  9.864   -4.704  1.00 35.35 ? 587 HOH A O   1 
HETATM 1236 O O   . HOH B 2 .   ? -11.696 -5.512  8.774   1.00 19.88 ? 588 HOH A O   1 
HETATM 1237 O O   . HOH B 2 .   ? 6.901   15.599  7.208   1.00 19.65 ? 589 HOH A O   1 
HETATM 1238 O O   . HOH B 2 .   ? -14.000 -2.815  -4.280  1.00 29.31 ? 590 HOH A O   1 
HETATM 1239 O O   . HOH B 2 .   ? -2.715  -16.205 0.494   1.00 20.12 ? 591 HOH A O   1 
HETATM 1240 O O   . HOH B 2 .   ? 14.656  7.410   -10.002 1.00 36.07 ? 592 HOH A O   1 
HETATM 1241 O O   . HOH B 2 .   ? -7.045  6.913   8.956   1.00 38.86 ? 593 HOH A O   1 
HETATM 1242 O O   . HOH B 2 .   ? 6.635   8.748   16.729  1.00 29.79 ? 594 HOH A O   1 
HETATM 1243 O O   . HOH B 2 .   ? 11.010  5.429   -11.966 1.00 23.91 ? 595 HOH A O   1 
HETATM 1244 O O   . HOH B 2 .   ? -1.774  -10.296 -14.778 1.00 42.67 ? 596 HOH A O   1 
HETATM 1245 O O   . HOH B 2 .   ? -1.647  -14.752 -7.374  1.00 29.23 ? 597 HOH A O   1 
HETATM 1246 O O   . HOH B 2 .   ? 6.338   -2.972  -1.234  1.00 17.21 ? 598 HOH A O   1 
HETATM 1247 O O   . HOH B 2 .   ? 9.581   8.807   15.952  1.00 27.33 ? 599 HOH A O   1 
HETATM 1248 O O   . HOH B 2 .   ? -15.294 -9.989  2.526   1.00 25.72 ? 600 HOH A O   1 
HETATM 1249 O O   . HOH B 2 .   ? 1.089   13.853  -7.232  1.00 39.34 ? 601 HOH A O   1 
HETATM 1250 O O   . HOH B 2 .   ? -4.589  -10.243 13.085  1.00 41.26 ? 602 HOH A O   1 
HETATM 1251 O O   . HOH B 2 .   ? -18.762 -9.685  -0.097  1.00 45.44 ? 603 HOH A O   1 
HETATM 1252 O O   . HOH B 2 .   ? -15.241 -8.523  -6.562  1.00 26.13 ? 604 HOH A O   1 
HETATM 1253 O O   . HOH B 2 .   ? 5.485   9.421   -13.017 1.00 43.56 ? 605 HOH A O   1 
HETATM 1254 O O   . HOH B 2 .   ? -7.513  2.575   -15.388 1.00 36.66 ? 606 HOH A O   1 
HETATM 1255 O O   . HOH B 2 .   ? 17.116  3.855   -3.602  1.00 39.85 ? 607 HOH A O   1 
HETATM 1256 O O   . HOH B 2 .   ? -2.941  -10.781 -12.791 1.00 36.83 ? 608 HOH A O   1 
HETATM 1257 O O   . HOH B 2 .   ? 11.871  -4.049  -7.931  1.00 24.58 ? 609 HOH A O   1 
HETATM 1258 O O   . HOH B 2 .   ? -10.845 -14.564 -3.263  1.00 29.66 ? 610 HOH A O   1 
HETATM 1259 O O   . HOH B 2 .   ? 11.096  3.068   13.981  1.00 33.22 ? 611 HOH A O   1 
HETATM 1260 O O   . HOH B 2 .   ? -17.106 -5.238  -3.710  1.00 39.56 ? 612 HOH A O   1 
HETATM 1261 O O   . HOH B 2 .   ? 16.077  5.436   -1.854  1.00 27.05 ? 613 HOH A O   1 
HETATM 1262 O O   . HOH B 2 .   ? -3.646  11.328  4.467   1.00 35.68 ? 614 HOH A O   1 
HETATM 1263 O O   . HOH B 2 .   ? 0.309   -4.925  13.050  1.00 34.35 ? 615 HOH A O   1 
HETATM 1264 O O   . HOH B 2 .   ? -2.285  7.827   5.145   1.00 28.55 ? 616 HOH A O   1 
HETATM 1265 O O   . HOH B 2 .   ? 13.140  13.241  -7.048  1.00 24.24 ? 617 HOH A O   1 
HETATM 1266 O O   . HOH B 2 .   ? 3.202   -2.982  -18.333 1.00 48.40 ? 618 HOH A O   1 
HETATM 1267 O O   . HOH B 2 .   ? -8.315  3.219   16.286  1.00 17.14 ? 619 HOH A O   1 
HETATM 1268 O O   . HOH B 2 .   ? -4.816  4.676   -10.226 1.00 26.94 ? 620 HOH A O   1 
HETATM 1269 O O   . HOH B 2 .   ? 16.363  1.111   7.287   1.00 33.03 ? 621 HOH A O   1 
HETATM 1270 O O   . HOH B 2 .   ? -8.049  -10.687 11.695  1.00 31.46 ? 622 HOH A O   1 
HETATM 1271 O O   . HOH B 2 .   ? 7.281   1.524   19.515  1.00 37.12 ? 623 HOH A O   1 
HETATM 1272 O O   . HOH B 2 .   ? -12.589 -0.435  13.735  1.00 33.13 ? 624 HOH A O   1 
HETATM 1273 O O   . HOH B 2 .   ? -2.606  10.622  6.678   1.00 43.67 ? 625 HOH A O   1 
HETATM 1274 O O   . HOH B 2 .   ? 0.908   2.664   -5.534  1.00 19.09 ? 626 HOH A O   1 
HETATM 1275 O O   . HOH B 2 .   ? -4.164  -0.134  -16.205 1.00 41.17 ? 627 HOH A O   1 
HETATM 1276 O O   . HOH B 2 .   ? -0.838  -17.857 -0.863  1.00 28.12 ? 628 HOH A O   1 
HETATM 1277 O O   . HOH B 2 .   ? -2.344  4.859   -8.647  1.00 24.80 ? 629 HOH A O   1 
HETATM 1278 O O   . HOH B 2 .   ? 0.759   -3.605  18.702  1.00 22.83 ? 630 HOH A O   1 
HETATM 1279 O O   . HOH B 2 .   ? 0.903   15.183  11.411  1.00 40.58 ? 631 HOH A O   1 
HETATM 1280 O O   . HOH B 2 .   ? 3.409   -5.616  7.661   1.00 30.34 ? 632 HOH A O   1 
HETATM 1281 O O   . HOH B 2 .   ? -7.982  -16.453 -6.116  1.00 38.88 ? 633 HOH A O   1 
HETATM 1282 O O   . HOH B 2 .   ? 11.196  11.065  -7.776  1.00 22.42 ? 634 HOH A O   1 
HETATM 1283 O O   . HOH B 2 .   ? 9.430   -0.207  12.360  1.00 40.25 ? 635 HOH A O   1 
HETATM 1284 O O   . HOH B 2 .   ? 1.318   12.450  -9.699  1.00 43.83 ? 636 HOH A O   1 
HETATM 1285 O O   . HOH B 2 .   ? -8.067  4.417   18.103  1.00 49.24 ? 637 HOH A O   1 
HETATM 1286 O O   . HOH B 2 .   ? 1.462   -3.592  -15.786 1.00 36.30 ? 638 HOH A O   1 
HETATM 1287 O O   . HOH B 2 .   ? 7.220   -3.745  -17.150 1.00 40.34 ? 639 HOH A O   1 
HETATM 1288 O O   . HOH B 2 .   ? -6.790  -11.850 -10.157 1.00 35.39 ? 640 HOH A O   1 
HETATM 1289 O O   . HOH B 2 .   ? -20.646 -0.271  -3.780  1.00 35.87 ? 641 HOH A O   1 
HETATM 1290 O O   . HOH B 2 .   ? 4.877   13.964  12.794  1.00 40.09 ? 642 HOH A O   1 
HETATM 1291 O O   . HOH B 2 .   ? 8.046   -5.145  -1.078  1.00 28.78 ? 643 HOH A O   1 
HETATM 1292 O O   . HOH B 2 .   ? -13.075 -6.577  15.437  1.00 31.88 ? 644 HOH A O   1 
HETATM 1293 O O   . HOH B 2 .   ? -13.516 -8.101  -8.926  1.00 31.79 ? 645 HOH A O   1 
HETATM 1294 O O   . HOH B 2 .   ? -14.255 -4.204  -6.869  1.00 33.31 ? 646 HOH A O   1 
HETATM 1295 O O   . HOH B 2 .   ? -2.454  9.835   -7.191  1.00 40.21 ? 647 HOH A O   1 
HETATM 1296 O O   . HOH B 2 .   ? -16.679 -5.168  -7.052  1.00 36.71 ? 648 HOH A O   1 
HETATM 1297 O O   . HOH B 2 .   ? -2.973  7.683   -8.833  1.00 24.19 ? 649 HOH A O   1 
HETATM 1298 O O   . HOH B 2 .   ? 9.966   -9.920  -17.224 1.00 32.42 ? 650 HOH A O   1 
HETATM 1299 O O   . HOH B 2 .   ? -6.407  9.732   8.801   1.00 43.92 ? 651 HOH A O   1 
HETATM 1300 O O   . HOH B 2 .   ? 0.883   -13.043 -14.038 1.00 34.52 ? 652 HOH A O   1 
HETATM 1301 O O   . HOH B 2 .   ? 9.424   1.531   13.537  1.00 34.43 ? 653 HOH A O   1 
HETATM 1302 O O   . HOH B 2 .   ? -14.822 -10.792 5.201   1.00 39.03 ? 654 HOH A O   1 
HETATM 1303 O O   . HOH B 2 .   ? 17.926  3.594   -1.849  1.00 24.28 ? 655 HOH A O   1 
HETATM 1304 O O   . HOH B 2 .   ? -3.421  -1.886  -14.271 1.00 33.70 ? 656 HOH A O   1 
HETATM 1305 O O   . HOH B 2 .   ? -4.930  -13.968 13.119  1.00 40.78 ? 657 HOH A O   1 
HETATM 1306 O O   . HOH B 2 .   ? -2.002  -20.692 -4.307  1.00 38.30 ? 658 HOH A O   1 
HETATM 1307 O O   . HOH B 2 .   ? 8.094   8.540   18.226  1.00 47.87 ? 659 HOH A O   1 
HETATM 1308 O O   . HOH B 2 .   ? -10.036 -16.135 -5.045  1.00 44.45 ? 660 HOH A O   1 
HETATM 1309 O O   . HOH B 2 .   ? 8.015   0.891   15.787  1.00 39.69 ? 661 HOH A O   1 
# 
